data_6E7V
#
_entry.id   6E7V
#
_cell.length_a   268.131
_cell.length_b   59.612
_cell.length_c   145.526
_cell.angle_alpha   90.000
_cell.angle_beta   116.860
_cell.angle_gamma   90.000
#
_symmetry.space_group_name_H-M   'C 1 2 1'
#
loop_
_entity.id
_entity.type
_entity.pdbx_description
1 polymer 'Glutamate receptor ionotropic, NMDA 1'
2 polymer 'Glutamate receptor ionotropic, NMDA 2B'
3 branched alpha-D-mannopyranose-(1-3)-[alpha-D-mannopyranose-(1-6)]beta-D-mannopyranose-(1-4)-2-acetamido-2-deoxy-beta-D-glucopyranose-(1-4)-2-acetamido-2-deoxy-beta-D-glucopyranose
4 non-polymer 2-acetamido-2-deoxy-beta-D-glucopyranose
5 non-polymer 'SODIUM ION'
6 non-polymer 'CHLORIDE ION'
7 non-polymer N-{4-[(2R)-3-{butyl[2-(3,4-dichlorophenyl)ethyl]amino}-2-hydroxypropoxy]phenyl}methanesulfonamide
8 water water
#
loop_
_entity_poly.entity_id
_entity_poly.type
_entity_poly.pdbx_seq_one_letter_code
_entity_poly.pdbx_strand_id
1 'polypeptide(L)'
;DPKIVNIGAVLSTKKHEQIFREAVNQANKRHFTRKIQLQATSVTHRPNAIQMALSVCEDLISSQVYAILVSHPPAPTDHL
TPTPISYTAGFYRIPVIGLTTRMSIYSDKSIHLSFLRTVPPYSHQALVWFEMMRLFNWNHVILIVSDDHEGRAAQKKLET
LLEGKESKSKKRNYENLDQLSYDNKRGPKADKVLQFEPGTKNLTALLLEAKELEARVIILSASEDDATAVYKSAAMLDMT
GAGYVWLVGEREISGSALRYAPDGIIGLQLINGKNESAHISDAVAVVAQAIHELFEMENITDPPRGCVGNTNIWKTGPLF
KRVLMSSKYPDGVTGRIEFNEDGDRKFAQYSIMNLQNRKLVQVGIFNGSYIIQNDRKIIWPGGET
;
A,C
2 'polypeptide(L)'
;PPSIGIAVILVGTSDEVAIKDAHEKDDFHHLSVVPRVELVAMNETDPKSIITRICDLMSDRKIQGVVFADDTDQEAIAQI
LDFISAQTLTPILGIHGGSSMIMADKDESSMFFQFGPSIEQQASVMLNIMEEYDWYIFSIVTTYFPGYQDFVNKIRSTIE
NSFVGWELEEVLLLDMSLDDGDSKIQNQLKKLQSPIILLYCTKEEATYIFEVANSVGLTGYGYTWIVPSLVAGDTDTVPS
EFPTGLISVSYDEWDYGLPARVRDGIAIITTAASDMLSEHSFIPEPKSSCYNTHEKRIYQSNMLNRYLINVTFEGRDLSF
SEDGYQMHPKLVIILLNKERKWERVGKWKDKSLQMKYYVWPRM
;
B,D
#
loop_
_chem_comp.id
_chem_comp.type
_chem_comp.name
_chem_comp.formula
BMA D-saccharide, beta linking beta-D-mannopyranose 'C6 H12 O6'
CL non-polymer 'CHLORIDE ION' 'Cl -1'
MAN D-saccharide, alpha linking alpha-D-mannopyranose 'C6 H12 O6'
NA non-polymer 'SODIUM ION' 'Na 1'
NAG D-saccharide, beta linking 2-acetamido-2-deoxy-beta-D-glucopyranose 'C8 H15 N O6'
T88 non-polymer N-{4-[(2R)-3-{butyl[2-(3,4-dichlorophenyl)ethyl]amino}-2-hydroxypropoxy]phenyl}methanesulfonamide 'C22 H30 Cl2 N2 O4 S'
#
# COMPACT_ATOMS: atom_id res chain seq x y z
N ASP A 1 -5.61 -61.02 -10.89
CA ASP A 1 -5.42 -59.63 -10.38
C ASP A 1 -6.54 -58.72 -10.86
N PRO A 2 -7.11 -57.94 -9.95
CA PRO A 2 -8.22 -57.03 -10.27
C PRO A 2 -7.73 -55.69 -10.77
N LYS A 3 -8.67 -54.87 -11.24
CA LYS A 3 -8.36 -53.50 -11.62
C LYS A 3 -8.36 -52.59 -10.40
N ILE A 4 -7.23 -51.93 -10.15
CA ILE A 4 -7.11 -51.04 -9.01
C ILE A 4 -7.76 -49.69 -9.31
N VAL A 5 -8.65 -49.27 -8.43
CA VAL A 5 -9.36 -48.01 -8.59
C VAL A 5 -9.08 -47.09 -7.41
N ASN A 6 -8.33 -46.02 -7.66
CA ASN A 6 -7.87 -45.13 -6.59
C ASN A 6 -8.98 -44.20 -6.13
N ILE A 7 -9.12 -44.06 -4.82
CA ILE A 7 -9.97 -43.02 -4.23
C ILE A 7 -9.09 -42.00 -3.51
N GLY A 8 -9.37 -40.72 -3.75
CA GLY A 8 -8.55 -39.65 -3.18
C GLY A 8 -9.18 -39.04 -1.95
N ALA A 9 -8.36 -38.39 -1.14
CA ALA A 9 -8.84 -37.71 0.06
C ALA A 9 -7.89 -36.60 0.49
N VAL A 10 -8.45 -35.44 0.80
CA VAL A 10 -7.71 -34.36 1.43
C VAL A 10 -8.25 -34.10 2.83
N LEU A 11 -7.46 -34.49 3.83
CA LEU A 11 -7.98 -34.60 5.19
C LEU A 11 -7.14 -33.78 6.17
N SER A 12 -7.63 -33.64 7.39
CA SER A 12 -7.07 -32.69 8.34
C SER A 12 -5.73 -33.16 8.89
N THR A 13 -5.68 -34.42 9.30
CA THR A 13 -4.52 -34.95 10.00
C THR A 13 -4.12 -36.31 9.45
N LYS A 14 -2.93 -36.77 9.83
CA LYS A 14 -2.48 -38.11 9.45
C LYS A 14 -3.33 -39.18 10.10
N LYS A 15 -3.87 -38.87 11.29
CA LYS A 15 -4.77 -39.79 11.97
C LYS A 15 -5.98 -40.09 11.11
N HIS A 16 -6.48 -39.05 10.44
CA HIS A 16 -7.66 -39.19 9.60
C HIS A 16 -7.32 -39.87 8.27
N GLU A 17 -6.10 -39.67 7.82
CA GLU A 17 -5.61 -40.39 6.64
C GLU A 17 -5.62 -41.88 6.89
N GLN A 18 -5.17 -42.29 8.06
CA GLN A 18 -5.12 -43.70 8.42
C GLN A 18 -6.54 -44.26 8.54
N ILE A 19 -7.46 -43.43 9.03
CA ILE A 19 -8.87 -43.82 9.10
C ILE A 19 -9.44 -44.02 7.72
N PHE A 20 -9.01 -43.18 6.77
CA PHE A 20 -9.44 -43.29 5.38
C PHE A 20 -8.89 -44.57 4.75
N ARG A 21 -7.64 -44.87 5.05
CA ARG A 21 -7.01 -46.10 4.56
C ARG A 21 -7.76 -47.33 5.05
N GLU A 22 -8.05 -47.36 6.35
CA GLU A 22 -8.71 -48.51 6.96
C GLU A 22 -10.14 -48.65 6.45
N ALA A 23 -10.78 -47.52 6.16
CA ALA A 23 -12.14 -47.52 5.65
C ALA A 23 -12.20 -48.14 4.26
N VAL A 24 -11.19 -47.83 3.44
CA VAL A 24 -11.10 -48.39 2.10
C VAL A 24 -10.74 -49.87 2.19
N ASN A 25 -9.89 -50.21 3.14
CA ASN A 25 -9.51 -51.60 3.36
C ASN A 25 -10.73 -52.44 3.71
N GLN A 26 -11.60 -51.88 4.54
CA GLN A 26 -12.81 -52.58 4.98
C GLN A 26 -13.80 -52.73 3.83
N ALA A 27 -13.89 -51.71 3.00
CA ALA A 27 -14.76 -51.75 1.82
C ALA A 27 -14.34 -52.90 0.90
N ASN A 28 -13.04 -53.13 0.80
CA ASN A 28 -12.52 -54.20 -0.05
C ASN A 28 -12.81 -55.57 0.53
N LYS A 29 -12.79 -55.66 1.86
CA LYS A 29 -13.14 -56.90 2.55
C LYS A 29 -14.63 -57.17 2.43
N ARG A 30 -15.41 -56.09 2.47
CA ARG A 30 -16.86 -56.19 2.54
C ARG A 30 -17.44 -56.54 1.16
N HIS A 31 -16.82 -56.00 0.12
CA HIS A 31 -17.33 -56.15 -1.24
C HIS A 31 -16.67 -57.32 -1.96
N PHE A 32 -17.27 -57.73 -3.08
CA PHE A 32 -16.62 -58.64 -4.00
C PHE A 32 -15.65 -57.86 -4.89
N THR A 33 -14.37 -58.13 -4.74
CA THR A 33 -13.32 -57.31 -5.36
C THR A 33 -12.38 -58.14 -6.21
N ARG A 34 -12.91 -59.14 -6.90
CA ARG A 34 -12.12 -59.91 -7.86
C ARG A 34 -11.86 -59.09 -9.12
N LYS A 35 -12.88 -58.34 -9.54
CA LYS A 35 -12.77 -57.50 -10.72
C LYS A 35 -12.20 -56.13 -10.36
N ILE A 36 -12.79 -55.51 -9.33
CA ILE A 36 -12.45 -54.14 -8.98
C ILE A 36 -12.04 -54.05 -7.51
N GLN A 37 -10.94 -53.35 -7.25
CA GLN A 37 -10.42 -53.22 -5.90
C GLN A 37 -9.93 -51.80 -5.65
N LEU A 38 -10.41 -51.19 -4.56
CA LEU A 38 -10.13 -49.81 -4.26
C LEU A 38 -8.74 -49.63 -3.66
N GLN A 39 -8.14 -48.48 -3.92
CA GLN A 39 -6.88 -48.10 -3.27
C GLN A 39 -6.94 -46.66 -2.78
N ALA A 40 -6.50 -46.45 -1.55
CA ALA A 40 -6.62 -45.15 -0.90
C ALA A 40 -5.41 -44.28 -1.20
N THR A 41 -5.66 -43.06 -1.64
CA THR A 41 -4.61 -42.06 -1.83
C THR A 41 -5.01 -40.75 -1.17
N SER A 42 -4.18 -40.25 -0.26
CA SER A 42 -4.57 -39.11 0.57
C SER A 42 -3.41 -38.15 0.83
N VAL A 43 -3.76 -36.88 0.99
CA VAL A 43 -2.86 -35.90 1.59
C VAL A 43 -3.60 -35.13 2.68
N THR A 44 -2.89 -34.25 3.37
CA THR A 44 -3.52 -33.30 4.27
C THR A 44 -3.50 -31.91 3.65
N HIS A 45 -4.34 -31.02 4.16
CA HIS A 45 -4.49 -29.68 3.62
C HIS A 45 -3.16 -28.95 3.53
N ARG A 46 -2.91 -28.33 2.39
CA ARG A 46 -1.77 -27.43 2.23
C ARG A 46 -2.10 -26.07 2.84
N PRO A 47 -1.07 -25.26 3.12
CA PRO A 47 -1.21 -24.02 3.88
C PRO A 47 -1.93 -22.91 3.13
N ASN A 48 -1.93 -22.98 1.80
CA ASN A 48 -2.66 -22.02 0.98
C ASN A 48 -3.31 -22.67 -0.24
N ALA A 49 -4.12 -21.90 -0.96
CA ALA A 49 -5.00 -22.43 -1.97
C ALA A 49 -4.22 -22.95 -3.17
N ILE A 50 -3.23 -22.18 -3.60
CA ILE A 50 -2.45 -22.52 -4.79
C ILE A 50 -1.68 -23.82 -4.58
N GLN A 51 -1.01 -23.94 -3.45
CA GLN A 51 -0.32 -25.17 -3.09
C GLN A 51 -1.30 -26.34 -3.05
N MET A 52 -2.48 -26.09 -2.50
CA MET A 52 -3.51 -27.12 -2.38
C MET A 52 -3.94 -27.60 -3.76
N ALA A 53 -4.14 -26.66 -4.68
CA ALA A 53 -4.53 -26.99 -6.05
C ALA A 53 -3.47 -27.85 -6.70
N LEU A 54 -2.21 -27.47 -6.52
CA LEU A 54 -1.09 -28.20 -7.12
C LEU A 54 -1.00 -29.61 -6.55
N SER A 55 -1.24 -29.74 -5.25
CA SER A 55 -1.16 -31.03 -4.59
C SER A 55 -2.21 -31.98 -5.14
N VAL A 56 -3.41 -31.45 -5.38
CA VAL A 56 -4.49 -32.24 -5.97
C VAL A 56 -4.05 -32.84 -7.30
N CYS A 57 -3.29 -32.06 -8.06
CA CYS A 57 -2.77 -32.51 -9.35
C CYS A 57 -1.65 -33.53 -9.16
N GLU A 58 -0.71 -33.21 -8.28
CA GLU A 58 0.53 -33.95 -8.17
C GLU A 58 0.34 -35.24 -7.39
N ASP A 59 -0.52 -35.19 -6.38
CA ASP A 59 -0.61 -36.28 -5.40
C ASP A 59 -1.82 -37.17 -5.64
N LEU A 60 -2.90 -36.57 -6.14
CA LEU A 60 -4.16 -37.29 -6.28
C LEU A 60 -4.46 -37.64 -7.74
N ILE A 61 -4.63 -36.61 -8.56
CA ILE A 61 -5.06 -36.81 -9.94
C ILE A 61 -4.01 -37.57 -10.74
N SER A 62 -2.76 -37.49 -10.28
CA SER A 62 -1.67 -38.25 -10.89
C SER A 62 -1.86 -39.75 -10.63
N SER A 63 -2.68 -40.06 -9.63
CA SER A 63 -2.97 -41.45 -9.28
C SER A 63 -4.29 -41.89 -9.91
N GLN A 64 -4.84 -41.04 -10.76
CA GLN A 64 -6.11 -41.34 -11.43
C GLN A 64 -7.19 -41.69 -10.43
N VAL A 65 -7.46 -40.76 -9.52
CA VAL A 65 -8.55 -40.92 -8.57
C VAL A 65 -9.90 -40.77 -9.26
N TYR A 66 -10.84 -41.64 -8.89
CA TYR A 66 -12.19 -41.58 -9.44
C TYR A 66 -13.05 -40.59 -8.67
N ALA A 67 -12.66 -40.33 -7.42
CA ALA A 67 -13.36 -39.37 -6.58
C ALA A 67 -12.43 -38.88 -5.48
N ILE A 68 -12.80 -37.76 -4.85
CA ILE A 68 -11.95 -37.15 -3.83
C ILE A 68 -12.76 -36.71 -2.62
N LEU A 69 -12.49 -37.32 -1.47
CA LEU A 69 -13.06 -36.87 -0.21
C LEU A 69 -12.29 -35.66 0.30
N VAL A 70 -13.02 -34.67 0.81
CA VAL A 70 -12.41 -33.47 1.36
C VAL A 70 -13.03 -33.11 2.71
N SER A 71 -12.17 -32.94 3.71
CA SER A 71 -12.60 -32.44 5.00
C SER A 71 -12.40 -30.94 5.09
N HIS A 72 -13.22 -30.30 5.91
CA HIS A 72 -13.02 -28.90 6.25
C HIS A 72 -12.04 -28.78 7.41
N PRO A 73 -10.83 -28.24 7.14
CA PRO A 73 -9.87 -28.03 8.22
C PRO A 73 -10.38 -27.06 9.27
N PRO A 74 -10.10 -27.34 10.55
CA PRO A 74 -10.71 -26.56 11.61
C PRO A 74 -9.90 -25.31 11.99
N ALA A 75 -8.69 -25.21 11.47
CA ALA A 75 -7.80 -24.10 11.81
C ALA A 75 -8.39 -22.77 11.35
N HIS A 79 -9.65 -20.47 7.02
CA HIS A 79 -9.34 -19.74 5.79
C HIS A 79 -8.99 -20.71 4.65
N LEU A 80 -9.00 -22.00 4.96
CA LEU A 80 -8.71 -23.02 3.97
C LEU A 80 -9.95 -23.83 3.63
N THR A 81 -10.50 -23.58 2.45
CA THR A 81 -11.75 -24.21 2.04
C THR A 81 -11.49 -25.34 1.06
N PRO A 82 -12.51 -26.18 0.82
CA PRO A 82 -12.45 -27.24 -0.18
C PRO A 82 -12.41 -26.69 -1.60
N THR A 83 -12.47 -25.38 -1.73
CA THR A 83 -12.78 -24.73 -3.00
C THR A 83 -11.74 -25.07 -4.07
N PRO A 84 -10.45 -24.96 -3.74
CA PRO A 84 -9.39 -25.26 -4.69
C PRO A 84 -9.43 -26.72 -5.14
N ILE A 85 -9.90 -27.59 -4.26
CA ILE A 85 -10.05 -29.00 -4.58
C ILE A 85 -11.26 -29.24 -5.46
N SER A 86 -12.35 -28.53 -5.16
CA SER A 86 -13.54 -28.57 -5.99
C SER A 86 -13.23 -28.07 -7.41
N TYR A 87 -12.42 -27.02 -7.48
CA TYR A 87 -12.08 -26.39 -8.74
C TYR A 87 -11.22 -27.32 -9.61
N THR A 88 -10.14 -27.82 -9.03
CA THR A 88 -9.18 -28.61 -9.77
C THR A 88 -9.78 -29.94 -10.20
N ALA A 89 -10.52 -30.57 -9.29
CA ALA A 89 -11.24 -31.79 -9.60
C ALA A 89 -12.36 -31.53 -10.59
N GLY A 90 -13.06 -30.40 -10.40
CA GLY A 90 -14.17 -30.03 -11.25
C GLY A 90 -13.73 -29.80 -12.69
N PHE A 91 -12.49 -29.38 -12.85
CA PHE A 91 -11.91 -29.17 -14.18
C PHE A 91 -12.02 -30.44 -15.01
N TYR A 92 -11.93 -31.59 -14.35
CA TYR A 92 -11.93 -32.89 -15.04
C TYR A 92 -13.24 -33.63 -14.83
N ARG A 93 -14.13 -33.05 -14.03
CA ARG A 93 -15.42 -33.65 -13.72
C ARG A 93 -15.27 -34.83 -12.76
N ILE A 94 -14.16 -34.85 -12.04
CA ILE A 94 -13.97 -35.82 -10.96
C ILE A 94 -14.76 -35.37 -9.73
N PRO A 95 -15.64 -36.25 -9.23
CA PRO A 95 -16.53 -35.88 -8.14
C PRO A 95 -15.79 -35.61 -6.83
N VAL A 96 -16.21 -34.57 -6.11
CA VAL A 96 -15.66 -34.27 -4.80
C VAL A 96 -16.73 -34.45 -3.73
N ILE A 97 -16.39 -35.18 -2.67
CA ILE A 97 -17.32 -35.44 -1.58
C ILE A 97 -16.90 -34.66 -0.33
N GLY A 98 -17.62 -33.58 -0.06
CA GLY A 98 -17.36 -32.78 1.13
C GLY A 98 -17.83 -33.49 2.39
N LEU A 99 -16.98 -33.49 3.41
CA LEU A 99 -17.24 -34.26 4.62
C LEU A 99 -17.90 -33.43 5.71
N THR A 100 -17.49 -32.16 5.83
CA THR A 100 -17.89 -31.35 6.98
C THR A 100 -18.10 -29.88 6.65
N THR A 101 -18.09 -29.55 5.37
CA THR A 101 -18.35 -28.18 4.94
C THR A 101 -19.85 -27.88 4.88
N ARG A 102 -20.27 -26.80 5.52
CA ARG A 102 -21.69 -26.52 5.73
C ARG A 102 -22.17 -25.33 4.91
N MET A 103 -21.24 -24.48 4.48
CA MET A 103 -21.60 -23.27 3.74
C MET A 103 -22.47 -23.62 2.53
N SER A 104 -23.48 -22.80 2.28
CA SER A 104 -24.52 -23.12 1.32
C SER A 104 -24.03 -22.96 -0.12
N ILE A 105 -22.96 -22.19 -0.29
CA ILE A 105 -22.50 -21.83 -1.62
C ILE A 105 -21.99 -23.05 -2.39
N TYR A 106 -21.66 -24.10 -1.66
CA TYR A 106 -21.17 -25.33 -2.28
C TYR A 106 -22.32 -26.11 -2.91
N SER A 107 -23.53 -25.58 -2.79
CA SER A 107 -24.70 -26.20 -3.39
C SER A 107 -24.98 -25.59 -4.76
N ASP A 108 -24.16 -24.61 -5.15
CA ASP A 108 -24.31 -23.95 -6.43
C ASP A 108 -23.60 -24.73 -7.53
N LYS A 109 -24.38 -25.30 -8.45
CA LYS A 109 -23.85 -26.18 -9.48
C LYS A 109 -22.92 -25.41 -10.44
N SER A 110 -23.19 -24.13 -10.62
CA SER A 110 -22.41 -23.31 -11.55
C SER A 110 -20.97 -23.15 -11.07
N ILE A 111 -20.81 -23.11 -9.75
CA ILE A 111 -19.50 -22.87 -9.15
C ILE A 111 -18.83 -24.20 -8.78
N HIS A 112 -19.63 -25.13 -8.28
CA HIS A 112 -19.11 -26.43 -7.86
C HIS A 112 -19.87 -27.55 -8.57
N LEU A 113 -19.38 -27.95 -9.73
CA LEU A 113 -20.18 -28.71 -10.69
C LEU A 113 -20.01 -30.21 -10.54
N SER A 114 -19.25 -30.62 -9.53
CA SER A 114 -19.16 -32.04 -9.18
C SER A 114 -18.87 -32.18 -7.69
N PHE A 115 -19.82 -31.77 -6.87
CA PHE A 115 -19.62 -31.67 -5.43
C PHE A 115 -20.82 -32.20 -4.67
N LEU A 116 -20.64 -33.34 -4.01
CA LEU A 116 -21.60 -33.83 -3.03
C LEU A 116 -21.02 -33.69 -1.63
N ARG A 117 -21.88 -33.72 -0.63
CA ARG A 117 -21.41 -33.74 0.77
C ARG A 117 -22.33 -34.57 1.65
N THR A 118 -21.76 -35.10 2.72
CA THR A 118 -22.48 -35.98 3.63
C THR A 118 -23.04 -35.20 4.82
N VAL A 119 -22.71 -33.92 4.89
CA VAL A 119 -23.40 -33.00 5.79
C VAL A 119 -24.22 -32.00 4.97
N PRO A 120 -25.36 -31.57 5.52
CA PRO A 120 -26.21 -30.59 4.85
C PRO A 120 -25.68 -29.18 5.00
N PRO A 121 -26.00 -28.31 4.03
CA PRO A 121 -25.70 -26.89 4.18
C PRO A 121 -26.54 -26.26 5.28
N TYR A 122 -26.04 -25.16 5.86
CA TYR A 122 -26.73 -24.49 6.95
C TYR A 122 -28.17 -24.16 6.58
N SER A 123 -28.40 -23.91 5.29
CA SER A 123 -29.70 -23.45 4.82
C SER A 123 -30.78 -24.50 5.06
N HIS A 124 -30.36 -25.76 5.16
CA HIS A 124 -31.29 -26.87 5.30
C HIS A 124 -31.85 -26.93 6.72
N GLN A 125 -31.33 -26.07 7.60
CA GLN A 125 -31.87 -25.95 8.94
C GLN A 125 -33.30 -25.39 8.90
N ALA A 126 -33.67 -24.81 7.77
CA ALA A 126 -35.03 -24.34 7.56
C ALA A 126 -36.02 -25.50 7.57
N LEU A 127 -35.57 -26.67 7.11
CA LEU A 127 -36.39 -27.87 7.13
C LEU A 127 -36.84 -28.18 8.56
N VAL A 128 -35.92 -28.02 9.50
CA VAL A 128 -36.20 -28.33 10.90
C VAL A 128 -37.08 -27.25 11.52
N TRP A 129 -36.78 -25.99 11.20
CA TRP A 129 -37.61 -24.88 11.64
C TRP A 129 -39.06 -25.11 11.24
N PHE A 130 -39.25 -25.52 9.99
CA PHE A 130 -40.59 -25.71 9.45
C PHE A 130 -41.37 -26.74 10.26
N GLU A 131 -40.75 -27.89 10.51
CA GLU A 131 -41.39 -28.96 11.25
C GLU A 131 -41.72 -28.50 12.67
N MET A 132 -40.90 -27.62 13.21
CA MET A 132 -41.13 -27.06 14.54
C MET A 132 -42.30 -26.10 14.52
N MET A 133 -42.44 -25.36 13.42
CA MET A 133 -43.55 -24.43 13.26
C MET A 133 -44.87 -25.18 13.15
N ARG A 134 -44.85 -26.35 12.52
CA ARG A 134 -46.00 -27.24 12.49
C ARG A 134 -46.28 -27.78 13.88
N LEU A 135 -45.23 -28.28 14.53
CA LEU A 135 -45.38 -28.94 15.82
C LEU A 135 -45.94 -27.98 16.87
N PHE A 136 -45.27 -26.86 17.06
CA PHE A 136 -45.64 -25.89 18.10
C PHE A 136 -46.64 -24.87 17.55
N ASN A 137 -47.10 -25.10 16.33
CA ASN A 137 -48.17 -24.28 15.74
C ASN A 137 -47.80 -22.80 15.77
N TRP A 138 -46.59 -22.49 15.30
CA TRP A 138 -46.20 -21.10 15.06
C TRP A 138 -46.54 -20.71 13.63
N ASN A 139 -47.75 -20.18 13.43
CA ASN A 139 -48.28 -19.97 12.09
C ASN A 139 -47.90 -18.59 11.56
N HIS A 140 -47.28 -17.78 12.40
CA HIS A 140 -46.81 -16.46 11.99
C HIS A 140 -45.42 -16.20 12.55
N VAL A 141 -44.43 -16.03 11.66
CA VAL A 141 -43.05 -15.85 12.08
C VAL A 141 -42.42 -14.66 11.38
N ILE A 142 -41.45 -14.04 12.05
CA ILE A 142 -40.62 -13.01 11.44
C ILE A 142 -39.23 -13.55 11.16
N LEU A 143 -38.79 -13.43 9.91
CA LEU A 143 -37.51 -13.99 9.49
C LEU A 143 -36.46 -12.88 9.34
N ILE A 144 -35.44 -12.94 10.18
CA ILE A 144 -34.30 -12.02 10.07
C ILE A 144 -33.07 -12.76 9.58
N VAL A 145 -32.50 -12.30 8.47
CA VAL A 145 -31.34 -12.96 7.88
C VAL A 145 -30.29 -11.95 7.45
N SER A 146 -29.02 -12.34 7.53
CA SER A 146 -27.93 -11.52 7.02
C SER A 146 -27.99 -11.46 5.50
N ASP A 147 -27.79 -10.26 4.96
CA ASP A 147 -27.83 -10.07 3.52
C ASP A 147 -26.53 -10.55 2.86
N ASP A 148 -26.20 -11.81 3.12
CA ASP A 148 -25.14 -12.48 2.38
C ASP A 148 -25.69 -13.78 1.78
N HIS A 149 -24.82 -14.54 1.14
CA HIS A 149 -25.25 -15.75 0.44
C HIS A 149 -25.94 -16.71 1.41
N GLU A 150 -25.36 -16.87 2.59
CA GLU A 150 -25.86 -17.82 3.56
C GLU A 150 -27.23 -17.40 4.09
N GLY A 151 -27.35 -16.12 4.42
CA GLY A 151 -28.61 -15.58 4.92
C GLY A 151 -29.73 -15.70 3.91
N ARG A 152 -29.42 -15.38 2.66
CA ARG A 152 -30.41 -15.44 1.60
C ARG A 152 -30.75 -16.89 1.26
N ALA A 153 -29.77 -17.77 1.42
CA ALA A 153 -29.97 -19.19 1.18
C ALA A 153 -31.02 -19.76 2.12
N ALA A 154 -30.95 -19.33 3.38
CA ALA A 154 -31.87 -19.80 4.41
C ALA A 154 -33.28 -19.25 4.15
N GLN A 155 -33.35 -17.99 3.76
CA GLN A 155 -34.62 -17.35 3.44
C GLN A 155 -35.30 -18.08 2.28
N LYS A 156 -34.54 -18.36 1.23
CA LYS A 156 -35.08 -19.04 0.05
C LYS A 156 -35.63 -20.41 0.41
N LYS A 157 -34.90 -21.14 1.24
CA LYS A 157 -35.27 -22.50 1.59
C LYS A 157 -36.53 -22.53 2.44
N LEU A 158 -36.64 -21.58 3.37
CA LEU A 158 -37.80 -21.50 4.25
C LEU A 158 -39.03 -21.06 3.47
N GLU A 159 -38.84 -20.09 2.58
CA GLU A 159 -39.94 -19.55 1.78
C GLU A 159 -40.49 -20.61 0.83
N THR A 160 -39.61 -21.46 0.33
CA THR A 160 -40.03 -22.57 -0.53
C THR A 160 -40.93 -23.52 0.25
N LEU A 161 -40.56 -23.79 1.49
CA LEU A 161 -41.34 -24.70 2.33
C LEU A 161 -42.69 -24.07 2.70
N LEU A 162 -42.69 -22.76 2.89
CA LEU A 162 -43.90 -22.05 3.31
C LEU A 162 -44.86 -21.86 2.14
N GLU A 163 -44.30 -21.78 0.93
CA GLU A 163 -45.11 -21.55 -0.27
C GLU A 163 -45.48 -22.87 -0.93
N GLY A 164 -44.84 -23.95 -0.48
CA GLY A 164 -45.07 -25.27 -1.07
C GLY A 164 -45.96 -26.13 -0.19
N GLY A 187 -50.46 -23.50 5.43
CA GLY A 187 -50.04 -23.72 6.81
C GLY A 187 -49.50 -22.45 7.44
N PRO A 188 -48.24 -22.51 7.91
CA PRO A 188 -47.59 -21.34 8.51
C PRO A 188 -47.11 -20.35 7.45
N LYS A 189 -46.98 -19.08 7.84
CA LYS A 189 -46.57 -18.04 6.91
C LYS A 189 -45.56 -17.10 7.57
N ALA A 190 -44.66 -16.54 6.76
CA ALA A 190 -43.75 -15.51 7.24
C ALA A 190 -44.36 -14.13 7.07
N ASP A 191 -44.69 -13.49 8.19
CA ASP A 191 -45.37 -12.20 8.17
C ASP A 191 -44.46 -11.11 7.60
N LYS A 192 -43.16 -11.35 7.64
CA LYS A 192 -42.20 -10.38 7.13
C LYS A 192 -40.79 -10.97 7.12
N VAL A 193 -39.96 -10.49 6.19
CA VAL A 193 -38.56 -10.88 6.15
C VAL A 193 -37.68 -9.63 6.19
N LEU A 194 -36.70 -9.64 7.09
CA LEU A 194 -35.80 -8.50 7.26
C LEU A 194 -34.35 -8.91 7.00
N GLN A 195 -33.69 -8.18 6.11
CA GLN A 195 -32.29 -8.44 5.82
C GLN A 195 -31.43 -7.28 6.33
N PHE A 196 -30.28 -7.61 6.90
CA PHE A 196 -29.35 -6.60 7.39
C PHE A 196 -27.97 -6.80 6.79
N GLU A 197 -27.20 -5.71 6.75
CA GLU A 197 -25.85 -5.76 6.17
C GLU A 197 -24.88 -6.45 7.11
N PRO A 198 -24.19 -7.48 6.62
CA PRO A 198 -23.22 -8.21 7.44
C PRO A 198 -22.14 -7.30 8.01
N GLY A 199 -21.98 -7.33 9.32
CA GLY A 199 -20.96 -6.52 9.99
C GLY A 199 -21.54 -5.26 10.60
N THR A 200 -22.87 -5.19 10.67
CA THR A 200 -23.54 -4.02 11.25
C THR A 200 -23.76 -4.21 12.74
N LYS A 201 -22.97 -3.49 13.54
CA LYS A 201 -23.23 -3.36 14.97
C LYS A 201 -24.32 -2.33 15.21
N ASN A 202 -25.22 -2.64 16.13
CA ASN A 202 -26.42 -1.83 16.34
C ASN A 202 -27.41 -2.01 15.19
N LEU A 203 -28.42 -2.83 15.44
CA LEU A 203 -29.45 -3.10 14.45
C LEU A 203 -30.80 -2.65 14.96
N THR A 204 -30.79 -1.60 15.76
CA THR A 204 -32.00 -1.08 16.38
C THR A 204 -33.07 -0.80 15.34
N ALA A 205 -32.67 -0.14 14.26
CA ALA A 205 -33.60 0.23 13.19
C ALA A 205 -34.30 -1.01 12.64
N LEU A 206 -33.54 -2.05 12.36
CA LEU A 206 -34.08 -3.27 11.79
C LEU A 206 -35.01 -3.98 12.78
N LEU A 207 -34.60 -4.01 14.04
CA LEU A 207 -35.33 -4.78 15.05
C LEU A 207 -36.59 -4.04 15.51
N LEU A 208 -36.52 -2.70 15.51
CA LEU A 208 -37.69 -1.89 15.77
C LEU A 208 -38.80 -2.19 14.76
N GLU A 209 -38.39 -2.45 13.53
CA GLU A 209 -39.33 -2.78 12.46
C GLU A 209 -40.01 -4.12 12.75
N ALA A 210 -39.26 -5.03 13.35
CA ALA A 210 -39.79 -6.34 13.72
C ALA A 210 -40.70 -6.24 14.95
N LYS A 211 -40.34 -5.34 15.86
CA LYS A 211 -41.09 -5.17 17.11
C LYS A 211 -42.54 -4.77 16.83
N GLU A 212 -42.71 -3.80 15.93
CA GLU A 212 -44.04 -3.32 15.58
C GLU A 212 -44.99 -4.49 15.26
N LEU A 213 -44.54 -5.37 14.38
CA LEU A 213 -45.39 -6.45 13.89
C LEU A 213 -46.00 -7.25 15.03
N GLU A 214 -47.10 -7.94 14.73
CA GLU A 214 -47.83 -8.68 15.74
C GLU A 214 -47.15 -10.01 16.05
N ALA A 215 -46.62 -10.66 15.02
CA ALA A 215 -45.90 -11.92 15.20
C ALA A 215 -44.75 -11.74 16.19
N ARG A 216 -44.49 -12.78 16.98
CA ARG A 216 -43.45 -12.70 18.00
C ARG A 216 -42.58 -13.95 18.00
N VAL A 217 -42.69 -14.75 16.94
CA VAL A 217 -41.75 -15.82 16.69
C VAL A 217 -40.71 -15.37 15.68
N ILE A 218 -39.46 -15.25 16.14
CA ILE A 218 -38.39 -14.70 15.33
C ILE A 218 -37.39 -15.76 14.93
N ILE A 219 -37.11 -15.86 13.63
CA ILE A 219 -36.13 -16.81 13.12
C ILE A 219 -34.93 -16.06 12.56
N LEU A 220 -33.73 -16.49 12.95
CA LEU A 220 -32.51 -15.76 12.63
C LEU A 220 -31.50 -16.64 11.88
N SER A 221 -31.00 -16.13 10.77
CA SER A 221 -29.84 -16.72 10.12
C SER A 221 -28.73 -15.68 10.01
N ALA A 222 -27.61 -15.96 10.67
CA ALA A 222 -26.51 -15.01 10.74
C ALA A 222 -25.24 -15.69 11.24
N SER A 223 -24.09 -15.13 10.87
CA SER A 223 -22.82 -15.62 11.37
C SER A 223 -22.72 -15.37 12.87
N GLU A 224 -21.67 -15.93 13.49
CA GLU A 224 -21.46 -15.77 14.92
C GLU A 224 -21.54 -14.31 15.33
N ASP A 225 -20.71 -13.48 14.70
CA ASP A 225 -20.56 -12.08 15.09
C ASP A 225 -21.84 -11.30 14.81
N ASP A 226 -22.50 -11.63 13.70
CA ASP A 226 -23.70 -10.91 13.30
C ASP A 226 -24.87 -11.26 14.23
N ALA A 227 -24.91 -12.51 14.66
CA ALA A 227 -25.93 -12.95 15.63
C ALA A 227 -25.72 -12.24 16.96
N THR A 228 -24.47 -12.04 17.34
CA THR A 228 -24.15 -11.35 18.57
C THR A 228 -24.73 -9.94 18.56
N ALA A 229 -24.53 -9.24 17.44
CA ALA A 229 -25.07 -7.89 17.28
C ALA A 229 -26.58 -7.89 17.42
N VAL A 230 -27.23 -8.82 16.74
CA VAL A 230 -28.69 -8.94 16.83
C VAL A 230 -29.13 -9.14 18.27
N TYR A 231 -28.50 -10.09 18.96
CA TYR A 231 -28.89 -10.44 20.31
C TYR A 231 -28.79 -9.24 21.24
N LYS A 232 -27.66 -8.53 21.16
CA LYS A 232 -27.44 -7.36 22.00
C LYS A 232 -28.50 -6.30 21.75
N SER A 233 -28.72 -5.98 20.49
CA SER A 233 -29.68 -4.95 20.11
C SER A 233 -31.10 -5.36 20.52
N ALA A 234 -31.40 -6.65 20.40
CA ALA A 234 -32.71 -7.15 20.77
C ALA A 234 -32.93 -7.05 22.27
N ALA A 235 -31.84 -7.13 23.03
CA ALA A 235 -31.91 -7.04 24.48
C ALA A 235 -32.24 -5.62 24.92
N MET A 236 -31.61 -4.64 24.28
CA MET A 236 -31.83 -3.24 24.60
C MET A 236 -33.26 -2.83 24.25
N LEU A 237 -33.91 -3.62 23.39
CA LEU A 237 -35.27 -3.33 22.95
C LEU A 237 -36.28 -4.23 23.65
N ASP A 238 -35.82 -4.97 24.65
CA ASP A 238 -36.70 -5.83 25.43
C ASP A 238 -37.49 -6.77 24.53
N MET A 239 -36.81 -7.41 23.58
CA MET A 239 -37.46 -8.33 22.67
C MET A 239 -36.99 -9.75 22.93
N THR A 240 -36.32 -9.96 24.05
CA THR A 240 -35.78 -11.26 24.40
C THR A 240 -36.48 -11.83 25.63
N GLY A 241 -37.58 -11.19 26.02
CA GLY A 241 -38.31 -11.58 27.22
C GLY A 241 -39.53 -12.42 26.92
N ALA A 242 -40.46 -12.47 27.86
CA ALA A 242 -41.66 -13.28 27.72
C ALA A 242 -42.50 -12.80 26.55
N GLY A 243 -43.15 -13.74 25.87
CA GLY A 243 -43.98 -13.41 24.72
C GLY A 243 -43.29 -13.73 23.41
N TYR A 244 -41.97 -13.68 23.41
CA TYR A 244 -41.18 -13.87 22.20
C TYR A 244 -40.64 -15.29 22.11
N VAL A 245 -40.46 -15.77 20.88
CA VAL A 245 -39.75 -17.02 20.64
C VAL A 245 -38.61 -16.79 19.64
N TRP A 246 -37.43 -17.26 20.00
CA TRP A 246 -36.26 -17.14 19.12
C TRP A 246 -35.84 -18.52 18.61
N LEU A 247 -35.89 -18.69 17.30
CA LEU A 247 -35.51 -19.95 16.66
C LEU A 247 -34.37 -19.70 15.68
N VAL A 248 -33.22 -20.32 15.96
CA VAL A 248 -32.03 -20.08 15.16
C VAL A 248 -31.33 -21.39 14.80
N GLY A 249 -30.18 -21.28 14.15
CA GLY A 249 -29.42 -22.45 13.73
C GLY A 249 -28.25 -22.74 14.64
N GLU A 250 -27.13 -23.15 14.04
CA GLU A 250 -25.99 -23.63 14.81
C GLU A 250 -24.97 -22.52 15.03
N ARG A 251 -24.63 -21.80 13.95
CA ARG A 251 -23.70 -20.69 14.05
C ARG A 251 -24.17 -19.67 15.08
N GLU A 252 -25.49 -19.63 15.29
CA GLU A 252 -26.10 -18.55 16.06
C GLU A 252 -26.08 -18.85 17.56
N ILE A 253 -25.80 -20.10 17.91
CA ILE A 253 -25.59 -20.47 19.31
C ILE A 253 -24.19 -21.04 19.48
N SER A 254 -23.22 -20.44 18.77
CA SER A 254 -21.84 -20.90 18.81
C SER A 254 -20.91 -19.75 19.15
N GLY A 255 -19.81 -20.08 19.84
CA GLY A 255 -18.78 -19.09 20.14
C GLY A 255 -19.35 -17.87 20.85
N SER A 256 -19.11 -16.70 20.27
CA SER A 256 -19.45 -15.44 20.93
C SER A 256 -20.95 -15.18 20.88
N ALA A 257 -21.62 -15.79 19.90
CA ALA A 257 -23.07 -15.67 19.79
C ALA A 257 -23.74 -16.30 21.01
N LEU A 258 -23.17 -17.40 21.49
CA LEU A 258 -23.68 -18.10 22.66
C LEU A 258 -23.48 -17.24 23.91
N ARG A 259 -22.49 -16.37 23.86
CA ARG A 259 -22.10 -15.57 25.02
C ARG A 259 -23.17 -14.53 25.37
N TYR A 260 -23.92 -14.08 24.37
CA TYR A 260 -24.88 -13.01 24.55
C TYR A 260 -26.30 -13.46 24.16
N ALA A 261 -26.43 -14.73 23.80
CA ALA A 261 -27.72 -15.27 23.40
C ALA A 261 -28.71 -15.14 24.55
N PRO A 262 -29.96 -14.74 24.25
CA PRO A 262 -31.01 -14.65 25.25
C PRO A 262 -31.46 -16.01 25.74
N ASP A 263 -31.72 -16.11 27.04
CA ASP A 263 -32.18 -17.36 27.63
C ASP A 263 -33.55 -17.75 27.07
N GLY A 264 -33.75 -19.04 26.86
CA GLY A 264 -35.00 -19.54 26.29
C GLY A 264 -34.89 -19.79 24.80
N ILE A 265 -33.85 -19.23 24.20
CA ILE A 265 -33.63 -19.38 22.76
C ILE A 265 -33.57 -20.86 22.38
N ILE A 266 -33.98 -21.16 21.16
CA ILE A 266 -33.86 -22.50 20.62
C ILE A 266 -32.97 -22.52 19.38
N GLY A 267 -31.99 -23.41 19.38
CA GLY A 267 -31.06 -23.53 18.25
C GLY A 267 -30.85 -24.98 17.84
N LEU A 268 -29.88 -25.20 16.96
CA LEU A 268 -29.66 -26.52 16.40
C LEU A 268 -28.18 -26.90 16.43
N GLN A 269 -27.90 -28.20 16.50
CA GLN A 269 -26.55 -28.70 16.36
C GLN A 269 -26.55 -30.00 15.55
N LEU A 270 -25.93 -29.96 14.38
CA LEU A 270 -25.86 -31.12 13.51
C LEU A 270 -25.09 -32.25 14.20
N ILE A 271 -25.79 -33.35 14.50
CA ILE A 271 -25.17 -34.48 15.18
C ILE A 271 -24.08 -35.10 14.31
N ASN A 272 -22.88 -35.20 14.88
CA ASN A 272 -21.74 -35.75 14.15
C ASN A 272 -21.23 -34.76 13.11
N GLY A 273 -21.71 -33.53 13.19
CA GLY A 273 -21.44 -32.52 12.17
C GLY A 273 -19.97 -32.21 12.03
N LYS A 274 -19.22 -32.45 13.10
CA LYS A 274 -17.80 -32.11 13.12
C LYS A 274 -16.94 -33.35 13.31
N ASN A 275 -17.55 -34.52 13.23
CA ASN A 275 -16.84 -35.78 13.39
C ASN A 275 -16.28 -36.24 12.04
N GLU A 276 -15.07 -35.80 11.74
CA GLU A 276 -14.44 -36.10 10.46
C GLU A 276 -14.31 -37.60 10.26
N SER A 277 -14.03 -38.31 11.35
CA SER A 277 -13.84 -39.75 11.30
C SER A 277 -15.12 -40.46 10.85
N ALA A 278 -16.24 -40.04 11.44
CA ALA A 278 -17.53 -40.65 11.13
C ALA A 278 -17.87 -40.47 9.64
N HIS A 279 -17.61 -39.29 9.11
CA HIS A 279 -18.00 -38.96 7.75
C HIS A 279 -17.08 -39.62 6.74
N ILE A 280 -15.83 -39.83 7.12
CA ILE A 280 -14.90 -40.60 6.29
C ILE A 280 -15.42 -42.02 6.10
N SER A 281 -15.91 -42.62 7.17
CA SER A 281 -16.49 -43.95 7.11
C SER A 281 -17.65 -43.99 6.13
N ASP A 282 -18.61 -43.10 6.33
CA ASP A 282 -19.85 -43.11 5.56
C ASP A 282 -19.59 -42.74 4.10
N ALA A 283 -18.68 -41.79 3.89
CA ALA A 283 -18.36 -41.34 2.53
C ALA A 283 -17.67 -42.46 1.75
N VAL A 284 -16.73 -43.14 2.39
CA VAL A 284 -16.03 -44.25 1.75
C VAL A 284 -17.00 -45.37 1.39
N ALA A 285 -17.89 -45.68 2.31
CA ALA A 285 -18.90 -46.72 2.08
C ALA A 285 -19.74 -46.37 0.86
N VAL A 286 -20.16 -45.11 0.78
CA VAL A 286 -21.01 -44.64 -0.30
C VAL A 286 -20.26 -44.69 -1.63
N VAL A 287 -19.00 -44.23 -1.62
CA VAL A 287 -18.21 -44.17 -2.84
C VAL A 287 -17.86 -45.58 -3.32
N ALA A 288 -17.54 -46.46 -2.40
CA ALA A 288 -17.22 -47.84 -2.74
C ALA A 288 -18.41 -48.51 -3.40
N GLN A 289 -19.59 -48.28 -2.82
CA GLN A 289 -20.83 -48.85 -3.34
C GLN A 289 -21.14 -48.32 -4.73
N ALA A 290 -20.84 -47.05 -4.94
CA ALA A 290 -21.12 -46.38 -6.21
C ALA A 290 -20.16 -46.86 -7.29
N ILE A 291 -18.91 -47.11 -6.90
CA ILE A 291 -17.88 -47.55 -7.84
C ILE A 291 -18.16 -48.95 -8.36
N HIS A 292 -18.59 -49.84 -7.46
CA HIS A 292 -18.94 -51.19 -7.86
C HIS A 292 -20.18 -51.19 -8.75
N GLU A 293 -21.07 -50.24 -8.49
CA GLU A 293 -22.27 -50.07 -9.31
C GLU A 293 -21.92 -49.47 -10.67
N LEU A 294 -20.93 -48.58 -10.67
CA LEU A 294 -20.48 -47.95 -11.91
C LEU A 294 -19.92 -48.98 -12.88
N PHE A 295 -19.16 -49.93 -12.34
CA PHE A 295 -18.46 -50.92 -13.18
C PHE A 295 -19.37 -52.08 -13.55
N GLU A 296 -20.65 -51.97 -13.21
CA GLU A 296 -21.66 -52.86 -13.76
C GLU A 296 -22.06 -52.42 -15.16
N MET A 297 -21.78 -51.15 -15.45
CA MET A 297 -22.12 -50.58 -16.75
C MET A 297 -20.95 -50.72 -17.71
N GLU A 298 -21.21 -50.50 -18.99
CA GLU A 298 -20.21 -50.72 -20.03
C GLU A 298 -19.56 -49.41 -20.44
N ASN A 299 -18.33 -49.50 -20.92
CA ASN A 299 -17.65 -48.35 -21.51
C ASN A 299 -17.24 -47.35 -20.45
N ILE A 300 -16.76 -47.86 -19.31
CA ILE A 300 -16.22 -47.02 -18.26
C ILE A 300 -14.77 -46.65 -18.57
N THR A 301 -14.50 -45.35 -18.70
CA THR A 301 -13.15 -44.89 -19.01
C THR A 301 -12.43 -44.44 -17.74
N ASP A 302 -11.10 -44.49 -17.79
CA ASP A 302 -10.29 -44.07 -16.65
C ASP A 302 -10.15 -42.56 -16.61
N PRO A 303 -10.08 -41.99 -15.40
CA PRO A 303 -9.77 -40.57 -15.24
C PRO A 303 -8.37 -40.24 -15.75
N PRO A 304 -8.15 -38.98 -16.15
CA PRO A 304 -6.84 -38.59 -16.64
C PRO A 304 -5.76 -38.81 -15.59
N ARG A 305 -4.59 -39.29 -16.03
CA ARG A 305 -3.46 -39.47 -15.14
C ARG A 305 -2.61 -38.21 -15.08
N GLY A 306 -2.79 -37.43 -14.02
CA GLY A 306 -2.08 -36.17 -13.87
C GLY A 306 -2.81 -35.01 -14.53
N CYS A 307 -2.35 -33.80 -14.26
CA CYS A 307 -2.97 -32.61 -14.83
C CYS A 307 -2.21 -32.17 -16.08
N VAL A 308 -0.89 -32.20 -16.02
CA VAL A 308 -0.05 -31.69 -17.10
C VAL A 308 -0.47 -32.29 -18.44
N GLY A 309 -0.83 -31.42 -19.38
CA GLY A 309 -1.09 -31.84 -20.75
C GLY A 309 -2.50 -32.37 -20.97
N ASN A 310 -3.29 -32.37 -19.90
CA ASN A 310 -4.67 -32.86 -19.98
C ASN A 310 -5.66 -31.72 -19.75
N THR A 311 -6.52 -31.48 -20.73
CA THR A 311 -7.49 -30.40 -20.65
C THR A 311 -8.90 -30.90 -20.94
N ASN A 312 -9.02 -32.15 -21.36
CA ASN A 312 -10.34 -32.74 -21.60
C ASN A 312 -10.91 -33.30 -20.30
N ILE A 313 -12.22 -33.21 -20.17
CA ILE A 313 -12.89 -33.77 -19.00
C ILE A 313 -12.84 -35.29 -19.02
N TRP A 314 -12.89 -35.89 -17.83
CA TRP A 314 -13.08 -37.32 -17.70
C TRP A 314 -14.46 -37.71 -18.22
N LYS A 315 -14.48 -38.43 -19.33
CA LYS A 315 -15.72 -38.67 -20.07
C LYS A 315 -16.76 -39.39 -19.21
N THR A 316 -16.30 -40.23 -18.30
CA THR A 316 -17.19 -41.02 -17.46
C THR A 316 -17.57 -40.26 -16.19
N GLY A 317 -16.99 -39.08 -16.01
CA GLY A 317 -17.19 -38.30 -14.80
C GLY A 317 -18.66 -38.03 -14.52
N PRO A 318 -19.37 -37.49 -15.51
CA PRO A 318 -20.77 -37.13 -15.34
C PRO A 318 -21.66 -38.33 -14.99
N LEU A 319 -21.34 -39.49 -15.55
CA LEU A 319 -22.08 -40.70 -15.24
C LEU A 319 -21.86 -41.09 -13.78
N PHE A 320 -20.60 -41.07 -13.35
CA PHE A 320 -20.25 -41.45 -11.99
C PHE A 320 -20.91 -40.51 -11.00
N LYS A 321 -21.07 -39.25 -11.39
CA LYS A 321 -21.73 -38.27 -10.54
C LYS A 321 -23.21 -38.63 -10.34
N ARG A 322 -23.86 -39.04 -11.42
CA ARG A 322 -25.25 -39.46 -11.35
C ARG A 322 -25.41 -40.66 -10.43
N VAL A 323 -24.48 -41.61 -10.54
CA VAL A 323 -24.53 -42.82 -9.72
C VAL A 323 -24.39 -42.48 -8.23
N LEU A 324 -23.46 -41.57 -7.93
CA LEU A 324 -23.28 -41.10 -6.55
C LEU A 324 -24.52 -40.38 -6.05
N MET A 325 -25.02 -39.45 -6.87
CA MET A 325 -26.19 -38.66 -6.53
C MET A 325 -27.34 -39.53 -6.03
N SER A 326 -27.52 -40.68 -6.68
CA SER A 326 -28.67 -41.53 -6.43
C SER A 326 -28.30 -42.69 -5.52
N SER A 327 -27.15 -42.58 -4.85
CA SER A 327 -26.70 -43.60 -3.92
C SER A 327 -27.50 -43.53 -2.62
N LYS A 328 -27.80 -44.70 -2.07
CA LYS A 328 -28.50 -44.80 -0.79
C LYS A 328 -27.74 -45.72 0.15
N TYR A 329 -27.37 -45.19 1.31
CA TYR A 329 -26.68 -45.98 2.33
C TYR A 329 -27.40 -45.84 3.67
N PRO A 330 -28.26 -46.81 4.00
CA PRO A 330 -29.19 -46.66 5.12
C PRO A 330 -28.52 -46.80 6.48
N ASP A 331 -27.58 -47.74 6.58
CA ASP A 331 -26.97 -48.06 7.87
C ASP A 331 -25.65 -47.31 8.05
N GLY A 332 -25.70 -45.99 7.89
CA GLY A 332 -24.51 -45.16 8.03
C GLY A 332 -24.27 -44.73 9.46
N VAL A 333 -23.01 -44.47 9.79
CA VAL A 333 -22.64 -44.01 11.13
C VAL A 333 -23.38 -42.72 11.47
N THR A 334 -23.57 -41.86 10.49
CA THR A 334 -24.25 -40.58 10.69
C THR A 334 -25.71 -40.67 10.29
N GLY A 335 -26.20 -41.90 10.11
CA GLY A 335 -27.61 -42.12 9.81
C GLY A 335 -27.84 -42.50 8.35
N ARG A 336 -29.04 -42.22 7.87
CA ARG A 336 -29.44 -42.59 6.51
C ARG A 336 -28.82 -41.63 5.51
N ILE A 337 -28.04 -42.17 4.58
CA ILE A 337 -27.31 -41.35 3.61
C ILE A 337 -28.02 -41.33 2.27
N GLU A 338 -28.59 -40.17 1.92
CA GLU A 338 -29.02 -39.89 0.56
C GLU A 338 -28.66 -38.45 0.19
N PHE A 339 -28.73 -38.15 -1.10
CA PHE A 339 -28.44 -36.81 -1.58
C PHE A 339 -29.62 -36.24 -2.35
N ASN A 340 -29.83 -34.94 -2.23
CA ASN A 340 -30.88 -34.26 -2.98
C ASN A 340 -30.35 -33.78 -4.34
N GLU A 341 -31.15 -32.98 -5.02
CA GLU A 341 -30.86 -32.62 -6.40
C GLU A 341 -29.66 -31.68 -6.50
N ASP A 342 -29.20 -31.21 -5.34
CA ASP A 342 -28.02 -30.35 -5.29
C ASP A 342 -26.80 -31.14 -4.78
N GLY A 343 -27.01 -32.42 -4.54
CA GLY A 343 -25.94 -33.28 -4.04
C GLY A 343 -25.68 -33.07 -2.56
N ASP A 344 -26.63 -32.44 -1.89
CA ASP A 344 -26.53 -32.21 -0.45
C ASP A 344 -27.12 -33.37 0.34
N ARG A 345 -26.62 -33.54 1.55
CA ARG A 345 -27.05 -34.64 2.42
C ARG A 345 -28.53 -34.50 2.78
N LYS A 346 -29.26 -35.60 2.66
CA LYS A 346 -30.62 -35.68 3.16
C LYS A 346 -30.68 -36.54 4.41
N PHE A 347 -31.76 -36.39 5.17
CA PHE A 347 -31.98 -37.18 6.38
C PHE A 347 -30.87 -36.91 7.40
N ALA A 348 -30.41 -35.67 7.45
CA ALA A 348 -29.47 -35.24 8.47
C ALA A 348 -30.17 -35.17 9.82
N GLN A 349 -29.39 -35.33 10.89
CA GLN A 349 -29.95 -35.40 12.24
C GLN A 349 -29.43 -34.25 13.10
N TYR A 350 -30.35 -33.59 13.80
CA TYR A 350 -30.02 -32.38 14.54
C TYR A 350 -30.39 -32.51 16.02
N SER A 351 -29.55 -31.94 16.88
CA SER A 351 -29.92 -31.75 18.28
C SER A 351 -30.64 -30.43 18.44
N ILE A 352 -31.87 -30.50 18.98
CA ILE A 352 -32.63 -29.29 19.27
C ILE A 352 -32.27 -28.76 20.65
N MET A 353 -31.57 -27.62 20.65
CA MET A 353 -30.97 -27.10 21.88
C MET A 353 -31.78 -25.92 22.41
N ASN A 354 -31.79 -25.79 23.73
CA ASN A 354 -32.56 -24.74 24.39
C ASN A 354 -31.75 -24.17 25.55
N LEU A 355 -31.46 -22.88 25.49
CA LEU A 355 -30.62 -22.23 26.49
C LEU A 355 -31.39 -21.98 27.79
N GLN A 356 -31.13 -22.83 28.79
CA GLN A 356 -31.77 -22.70 30.08
C GLN A 356 -30.74 -22.38 31.16
N ASN A 357 -30.96 -21.30 31.88
CA ASN A 357 -30.02 -20.86 32.90
C ASN A 357 -28.61 -20.76 32.30
N ARG A 358 -28.54 -20.31 31.05
CA ARG A 358 -27.25 -20.05 30.42
C ARG A 358 -26.49 -21.33 30.14
N LYS A 359 -27.20 -22.45 30.16
CA LYS A 359 -26.64 -23.73 29.75
C LYS A 359 -27.41 -24.29 28.57
N LEU A 360 -26.69 -24.67 27.51
CA LEU A 360 -27.31 -25.31 26.37
C LEU A 360 -27.81 -26.70 26.74
N VAL A 361 -29.11 -26.91 26.62
CA VAL A 361 -29.74 -28.17 26.99
C VAL A 361 -30.46 -28.76 25.79
N GLN A 362 -30.21 -30.04 25.52
CA GLN A 362 -30.90 -30.74 24.44
C GLN A 362 -32.33 -31.08 24.86
N VAL A 363 -33.30 -30.56 24.13
CA VAL A 363 -34.71 -30.79 24.44
C VAL A 363 -35.35 -31.73 23.42
N GLY A 364 -34.54 -32.22 22.49
CA GLY A 364 -35.03 -33.17 21.49
C GLY A 364 -34.11 -33.27 20.29
N ILE A 365 -34.52 -34.05 19.30
CA ILE A 365 -33.74 -34.24 18.09
C ILE A 365 -34.65 -34.30 16.87
N PHE A 366 -34.14 -33.78 15.75
CA PHE A 366 -34.72 -34.08 14.45
C PHE A 366 -34.01 -35.29 13.86
N ASN A 367 -34.74 -36.40 13.74
CA ASN A 367 -34.14 -37.69 13.45
C ASN A 367 -34.00 -37.92 11.95
N GLY A 368 -34.20 -36.84 11.18
CA GLY A 368 -34.04 -36.90 9.73
C GLY A 368 -35.34 -36.65 9.00
N SER A 369 -36.45 -36.91 9.69
CA SER A 369 -37.77 -36.71 9.09
C SER A 369 -38.81 -36.39 10.16
N TYR A 370 -38.45 -36.62 11.42
CA TYR A 370 -39.41 -36.52 12.52
C TYR A 370 -38.79 -35.81 13.71
N ILE A 371 -39.59 -34.97 14.37
CA ILE A 371 -39.17 -34.34 15.61
C ILE A 371 -39.47 -35.23 16.80
N ILE A 372 -38.47 -35.46 17.64
CA ILE A 372 -38.63 -36.29 18.82
C ILE A 372 -38.26 -35.52 20.09
N GLN A 373 -39.27 -35.10 20.83
CA GLN A 373 -39.05 -34.38 22.07
C GLN A 373 -38.65 -35.33 23.19
N ASN A 374 -37.58 -35.00 23.88
CA ASN A 374 -37.16 -35.79 25.05
C ASN A 374 -37.83 -35.28 26.31
N ASP A 375 -37.47 -35.86 27.45
CA ASP A 375 -38.19 -35.63 28.70
C ASP A 375 -37.75 -34.35 29.39
N ARG A 376 -36.74 -33.69 28.83
CA ARG A 376 -36.32 -32.38 29.33
C ARG A 376 -37.26 -31.29 28.82
N LYS A 377 -37.81 -30.51 29.74
CA LYS A 377 -38.83 -29.52 29.41
C LYS A 377 -38.22 -28.27 28.82
N ILE A 378 -38.85 -27.73 27.79
CA ILE A 378 -38.39 -26.49 27.16
C ILE A 378 -38.73 -25.29 28.03
N ILE A 379 -37.76 -24.40 28.19
CA ILE A 379 -38.01 -23.12 28.87
C ILE A 379 -37.86 -21.98 27.87
N TRP A 380 -38.97 -21.29 27.60
CA TRP A 380 -39.01 -20.23 26.60
C TRP A 380 -38.46 -18.93 27.18
N PRO A 381 -38.18 -17.95 26.32
CA PRO A 381 -37.73 -16.63 26.75
C PRO A 381 -38.67 -16.02 27.77
N GLY A 382 -38.16 -15.77 28.98
CA GLY A 382 -38.99 -15.34 30.09
C GLY A 382 -39.35 -16.49 31.00
N GLY A 383 -40.44 -17.18 30.65
CA GLY A 383 -40.94 -18.29 31.46
C GLY A 383 -39.84 -19.24 31.89
N PRO B 1 13.06 6.75 -15.73
CA PRO B 1 11.93 6.14 -15.03
C PRO B 1 12.20 4.68 -14.68
N PRO B 2 11.76 4.26 -13.48
CA PRO B 2 11.92 2.87 -13.07
C PRO B 2 11.15 1.90 -13.97
N SER B 3 11.63 0.66 -14.05
CA SER B 3 11.04 -0.34 -14.93
C SER B 3 10.21 -1.34 -14.15
N ILE B 4 9.02 -1.62 -14.66
CA ILE B 4 8.17 -2.66 -14.07
C ILE B 4 8.09 -3.87 -15.00
N GLY B 5 8.15 -5.05 -14.41
CA GLY B 5 8.11 -6.30 -15.18
C GLY B 5 6.71 -6.65 -15.60
N ILE B 6 6.55 -6.92 -16.90
CA ILE B 6 5.28 -7.41 -17.43
C ILE B 6 5.51 -8.67 -18.26
N ALA B 7 4.96 -9.78 -17.80
CA ALA B 7 5.05 -11.03 -18.54
C ALA B 7 3.92 -11.13 -19.54
N VAL B 8 4.28 -11.32 -20.81
CA VAL B 8 3.30 -11.63 -21.85
C VAL B 8 3.40 -13.11 -22.20
N ILE B 9 2.34 -13.85 -21.87
CA ILE B 9 2.33 -15.30 -22.06
C ILE B 9 1.52 -15.67 -23.29
N LEU B 10 2.14 -16.43 -24.19
CA LEU B 10 1.49 -16.83 -25.44
C LEU B 10 1.37 -18.35 -25.53
N VAL B 11 0.14 -18.82 -25.68
CA VAL B 11 -0.11 -20.25 -25.87
C VAL B 11 -0.46 -20.53 -27.32
N GLY B 12 0.27 -21.45 -27.93
CA GLY B 12 0.02 -21.84 -29.31
C GLY B 12 0.72 -20.90 -30.29
N THR B 13 0.96 -21.40 -31.49
CA THR B 13 1.71 -20.66 -32.50
C THR B 13 1.24 -19.21 -32.56
N SER B 14 2.20 -18.30 -32.70
CA SER B 14 1.90 -16.88 -32.83
C SER B 14 3.15 -16.11 -33.23
N ASP B 15 2.99 -15.13 -34.11
CA ASP B 15 4.10 -14.36 -34.61
C ASP B 15 4.67 -13.46 -33.52
N GLU B 16 5.63 -13.99 -32.76
CA GLU B 16 6.30 -13.21 -31.73
C GLU B 16 6.93 -11.96 -32.32
N VAL B 17 7.50 -12.09 -33.52
CA VAL B 17 8.14 -10.97 -34.19
C VAL B 17 7.14 -9.84 -34.44
N ALA B 18 6.00 -10.21 -35.02
CA ALA B 18 4.96 -9.23 -35.33
C ALA B 18 4.38 -8.62 -34.05
N ILE B 19 4.51 -9.36 -32.95
CA ILE B 19 3.96 -8.92 -31.67
C ILE B 19 4.91 -7.95 -30.99
N LYS B 20 6.21 -8.19 -31.13
CA LYS B 20 7.23 -7.31 -30.57
C LYS B 20 7.30 -6.00 -31.34
N ASP B 21 6.76 -6.01 -32.56
CA ASP B 21 6.81 -4.85 -33.44
C ASP B 21 5.77 -3.80 -33.04
N ALA B 22 4.55 -4.28 -32.79
CA ALA B 22 3.44 -3.40 -32.46
C ALA B 22 3.69 -2.70 -31.13
N HIS B 23 4.74 -3.14 -30.45
CA HIS B 23 5.11 -2.56 -29.15
C HIS B 23 6.34 -1.67 -29.31
N ASP B 27 8.50 0.92 -27.16
CA ASP B 27 8.68 1.71 -25.95
C ASP B 27 8.13 3.12 -26.13
N PHE B 28 6.94 3.21 -26.72
CA PHE B 28 6.26 4.49 -26.89
C PHE B 28 5.62 4.93 -25.57
N HIS B 29 6.35 4.76 -24.49
CA HIS B 29 5.88 5.18 -23.17
C HIS B 29 6.76 6.28 -22.60
N HIS B 30 6.17 7.45 -22.37
CA HIS B 30 6.85 8.54 -21.66
C HIS B 30 6.13 8.83 -20.34
N LEU B 31 5.70 7.77 -19.67
CA LEU B 31 4.97 7.88 -18.41
C LEU B 31 5.93 8.02 -17.23
N SER B 32 5.43 7.77 -16.02
CA SER B 32 6.27 7.80 -14.83
C SER B 32 7.02 6.48 -14.67
N VAL B 33 6.62 5.49 -15.45
CA VAL B 33 7.21 4.16 -15.35
C VAL B 33 7.18 3.48 -16.73
N VAL B 34 8.21 2.68 -17.00
CA VAL B 34 8.32 2.03 -18.30
C VAL B 34 8.28 0.50 -18.16
N PRO B 35 7.70 -0.18 -19.16
CA PRO B 35 7.53 -1.63 -19.12
C PRO B 35 8.78 -2.37 -19.55
N ARG B 36 9.17 -3.37 -18.76
CA ARG B 36 10.15 -4.35 -19.19
C ARG B 36 9.47 -5.68 -19.48
N VAL B 37 9.02 -5.85 -20.72
CA VAL B 37 8.17 -6.98 -21.08
C VAL B 37 8.99 -8.22 -21.37
N GLU B 38 8.37 -9.38 -21.22
CA GLU B 38 9.06 -10.65 -21.39
C GLU B 38 8.11 -11.66 -22.05
N LEU B 39 8.34 -11.91 -23.33
CA LEU B 39 7.55 -12.89 -24.06
C LEU B 39 7.84 -14.31 -23.55
N VAL B 40 6.79 -15.01 -23.18
CA VAL B 40 6.92 -16.38 -22.70
C VAL B 40 6.00 -17.30 -23.49
N ALA B 41 6.56 -18.39 -24.00
CA ALA B 41 5.79 -19.39 -24.73
C ALA B 41 5.33 -20.49 -23.78
N MET B 42 4.08 -20.90 -23.93
CA MET B 42 3.53 -22.02 -23.19
C MET B 42 2.86 -23.01 -24.12
N ASN B 43 3.02 -24.30 -23.83
CA ASN B 43 2.49 -25.35 -24.69
C ASN B 43 1.22 -25.96 -24.10
N GLU B 44 1.05 -25.83 -22.79
CA GLU B 44 -0.04 -26.50 -22.08
C GLU B 44 -0.97 -25.50 -21.42
N THR B 45 -2.21 -25.93 -21.18
CA THR B 45 -3.23 -25.04 -20.61
C THR B 45 -4.04 -25.74 -19.52
N ASP B 46 -3.47 -26.78 -18.93
CA ASP B 46 -4.07 -27.41 -17.75
C ASP B 46 -3.75 -26.58 -16.50
N PRO B 47 -4.48 -26.84 -15.40
CA PRO B 47 -4.35 -26.04 -14.18
C PRO B 47 -2.89 -25.96 -13.70
N LYS B 48 -2.23 -27.10 -13.61
CA LYS B 48 -0.88 -27.15 -13.06
C LYS B 48 0.11 -26.37 -13.92
N SER B 49 0.08 -26.65 -15.22
CA SER B 49 0.99 -26.00 -16.16
C SER B 49 0.87 -24.49 -16.07
N ILE B 50 -0.37 -24.00 -16.06
CA ILE B 50 -0.62 -22.56 -16.03
C ILE B 50 -0.19 -21.94 -14.70
N ILE B 51 -0.45 -22.66 -13.61
CA ILE B 51 -0.11 -22.17 -12.28
C ILE B 51 1.40 -22.15 -12.06
N THR B 52 2.04 -23.29 -12.33
CA THR B 52 3.48 -23.42 -12.11
C THR B 52 4.25 -22.44 -12.99
N ARG B 53 3.74 -22.19 -14.20
CA ARG B 53 4.41 -21.31 -15.14
C ARG B 53 4.41 -19.88 -14.63
N ILE B 54 3.23 -19.40 -14.24
CA ILE B 54 3.08 -18.03 -13.77
C ILE B 54 3.81 -17.82 -12.45
N CYS B 55 3.81 -18.86 -11.62
CA CYS B 55 4.49 -18.80 -10.32
C CYS B 55 6.00 -18.76 -10.49
N ASP B 56 6.51 -19.56 -11.44
CA ASP B 56 7.92 -19.56 -11.74
C ASP B 56 8.38 -18.20 -12.27
N LEU B 57 7.58 -17.61 -13.16
CA LEU B 57 7.84 -16.27 -13.65
C LEU B 57 7.93 -15.30 -12.48
N MET B 58 7.01 -15.43 -11.53
CA MET B 58 6.89 -14.48 -10.45
C MET B 58 8.04 -14.61 -9.45
N SER B 59 8.66 -15.79 -9.41
CA SER B 59 9.74 -16.04 -8.47
C SER B 59 11.10 -15.78 -9.11
N ASP B 60 11.18 -15.92 -10.43
CA ASP B 60 12.43 -15.70 -11.15
C ASP B 60 12.58 -14.24 -11.55
N ARG B 61 11.48 -13.51 -11.50
CA ARG B 61 11.47 -12.11 -11.93
C ARG B 61 10.45 -11.31 -11.11
N LYS B 62 10.50 -9.99 -11.24
CA LYS B 62 9.54 -9.12 -10.56
C LYS B 62 8.41 -8.73 -11.51
N ILE B 63 7.32 -9.47 -11.46
CA ILE B 63 6.18 -9.24 -12.35
C ILE B 63 5.15 -8.34 -11.70
N GLN B 64 4.86 -7.22 -12.35
CA GLN B 64 3.82 -6.30 -11.89
C GLN B 64 2.46 -6.72 -12.43
N GLY B 65 2.47 -7.39 -13.59
CA GLY B 65 1.23 -7.83 -14.23
C GLY B 65 1.47 -8.86 -15.31
N VAL B 66 0.41 -9.55 -15.72
CA VAL B 66 0.51 -10.57 -16.74
C VAL B 66 -0.44 -10.29 -17.89
N VAL B 67 0.06 -10.37 -19.12
CA VAL B 67 -0.78 -10.36 -20.31
C VAL B 67 -0.81 -11.74 -20.94
N PHE B 68 -2.01 -12.33 -21.00
CA PHE B 68 -2.15 -13.72 -21.39
C PHE B 68 -2.98 -13.85 -22.67
N ALA B 69 -2.53 -14.70 -23.59
CA ALA B 69 -3.26 -14.98 -24.80
C ALA B 69 -3.06 -16.44 -25.23
N ASP B 70 -4.15 -17.10 -25.58
CA ASP B 70 -4.08 -18.49 -26.05
C ASP B 70 -4.87 -18.66 -27.35
N ASP B 71 -4.68 -19.81 -27.99
CA ASP B 71 -5.34 -20.11 -29.26
C ASP B 71 -6.34 -21.26 -29.10
N THR B 72 -6.91 -21.40 -27.91
CA THR B 72 -7.77 -22.53 -27.61
C THR B 72 -9.22 -22.08 -27.45
N ASP B 73 -10.13 -23.05 -27.32
CA ASP B 73 -11.52 -22.75 -27.05
C ASP B 73 -11.87 -23.13 -25.60
N GLN B 74 -10.87 -23.06 -24.73
CA GLN B 74 -11.00 -23.56 -23.37
C GLN B 74 -11.33 -22.43 -22.40
N GLU B 75 -12.62 -22.29 -22.09
CA GLU B 75 -13.08 -21.19 -21.25
C GLU B 75 -12.60 -21.35 -19.81
N ALA B 76 -12.19 -22.57 -19.45
CA ALA B 76 -11.68 -22.85 -18.11
C ALA B 76 -10.43 -22.03 -17.82
N ILE B 77 -9.69 -21.71 -18.88
CA ILE B 77 -8.44 -20.97 -18.74
C ILE B 77 -8.70 -19.63 -18.04
N ALA B 78 -9.78 -18.97 -18.42
CA ALA B 78 -10.17 -17.71 -17.80
C ALA B 78 -10.39 -17.90 -16.30
N GLN B 79 -10.99 -19.03 -15.95
CA GLN B 79 -11.34 -19.30 -14.56
C GLN B 79 -10.11 -19.65 -13.74
N ILE B 80 -9.13 -20.28 -14.38
CA ILE B 80 -7.86 -20.58 -13.74
C ILE B 80 -7.09 -19.30 -13.47
N LEU B 81 -7.16 -18.36 -14.41
CA LEU B 81 -6.39 -17.12 -14.31
C LEU B 81 -6.96 -16.23 -13.22
N ASP B 82 -8.28 -16.18 -13.13
CA ASP B 82 -8.94 -15.40 -12.10
C ASP B 82 -8.53 -15.89 -10.72
N PHE B 83 -8.49 -17.21 -10.56
CA PHE B 83 -8.06 -17.83 -9.31
C PHE B 83 -6.63 -17.40 -8.98
N ILE B 84 -5.73 -17.54 -9.94
CA ILE B 84 -4.34 -17.16 -9.76
C ILE B 84 -4.23 -15.67 -9.43
N SER B 85 -5.02 -14.86 -10.14
CA SER B 85 -5.00 -13.42 -9.95
C SER B 85 -5.39 -13.04 -8.53
N ALA B 86 -6.48 -13.63 -8.05
CA ALA B 86 -7.01 -13.29 -6.74
C ALA B 86 -6.07 -13.75 -5.62
N GLN B 87 -5.52 -14.94 -5.78
CA GLN B 87 -4.68 -15.54 -4.74
C GLN B 87 -3.37 -14.78 -4.59
N THR B 88 -2.80 -14.35 -5.71
CA THR B 88 -1.51 -13.68 -5.69
C THR B 88 -1.69 -12.17 -5.76
N LEU B 89 -2.92 -11.73 -5.97
CA LEU B 89 -3.22 -10.32 -6.15
C LEU B 89 -2.31 -9.71 -7.22
N THR B 90 -2.34 -10.32 -8.39
CA THR B 90 -1.57 -9.84 -9.54
C THR B 90 -2.49 -9.60 -10.71
N PRO B 91 -2.35 -8.43 -11.36
CA PRO B 91 -3.17 -8.12 -12.53
C PRO B 91 -2.92 -9.08 -13.68
N ILE B 92 -3.98 -9.71 -14.16
CA ILE B 92 -3.89 -10.57 -15.35
C ILE B 92 -4.92 -10.13 -16.38
N LEU B 93 -4.45 -9.90 -17.61
CA LEU B 93 -5.33 -9.57 -18.71
C LEU B 93 -5.45 -10.75 -19.67
N GLY B 94 -6.64 -11.32 -19.74
CA GLY B 94 -6.95 -12.32 -20.77
C GLY B 94 -7.43 -11.66 -22.05
N ILE B 95 -6.56 -11.65 -23.05
CA ILE B 95 -6.77 -10.78 -24.21
C ILE B 95 -7.20 -11.55 -25.45
N HIS B 96 -7.07 -12.88 -25.41
CA HIS B 96 -7.38 -13.70 -26.58
C HIS B 96 -7.57 -15.16 -26.18
N GLY B 97 -8.52 -15.81 -26.85
CA GLY B 97 -8.71 -17.25 -26.69
C GLY B 97 -9.60 -17.56 -25.49
N GLY B 98 -9.38 -18.73 -24.91
CA GLY B 98 -10.13 -19.15 -23.74
C GLY B 98 -9.97 -18.19 -22.58
N SER B 99 -8.83 -17.51 -22.55
CA SER B 99 -8.52 -16.59 -21.47
C SER B 99 -9.47 -15.39 -21.47
N SER B 100 -10.10 -15.15 -22.63
CA SER B 100 -10.94 -13.97 -22.80
C SER B 100 -12.41 -14.36 -22.86
N MET B 101 -12.70 -15.65 -22.73
CA MET B 101 -14.07 -16.13 -22.73
C MET B 101 -14.76 -15.77 -21.43
N ILE B 102 -15.95 -15.20 -21.53
CA ILE B 102 -16.61 -14.56 -20.40
C ILE B 102 -16.46 -15.38 -19.13
N MET B 103 -16.06 -14.70 -18.05
CA MET B 103 -15.92 -15.34 -16.75
C MET B 103 -16.77 -14.60 -15.74
N ALA B 104 -18.00 -15.08 -15.56
CA ALA B 104 -18.96 -14.42 -14.69
C ALA B 104 -18.66 -14.70 -13.23
N ASP B 105 -18.86 -13.69 -12.38
CA ASP B 105 -18.61 -13.83 -10.96
C ASP B 105 -17.13 -14.11 -10.69
N LYS B 106 -16.28 -13.19 -11.11
CA LYS B 106 -14.88 -13.21 -10.73
C LYS B 106 -14.76 -13.03 -9.22
N ASP B 107 -13.64 -13.46 -8.66
CA ASP B 107 -13.42 -13.36 -7.22
C ASP B 107 -13.47 -11.91 -6.76
N GLU B 108 -13.82 -11.71 -5.49
CA GLU B 108 -13.88 -10.37 -4.90
C GLU B 108 -12.50 -9.71 -4.93
N SER B 109 -11.45 -10.52 -4.82
CA SER B 109 -10.09 -10.01 -4.74
C SER B 109 -9.39 -10.07 -6.09
N SER B 110 -10.14 -10.46 -7.11
CA SER B 110 -9.57 -10.68 -8.45
C SER B 110 -9.04 -9.38 -9.03
N MET B 111 -7.93 -9.49 -9.75
CA MET B 111 -7.45 -8.41 -10.59
C MET B 111 -7.34 -8.90 -12.03
N PHE B 112 -8.32 -9.72 -12.43
CA PHE B 112 -8.33 -10.33 -13.75
C PHE B 112 -9.31 -9.60 -14.66
N PHE B 113 -8.79 -9.12 -15.79
CA PHE B 113 -9.61 -8.40 -16.76
C PHE B 113 -9.53 -9.07 -18.12
N GLN B 114 -10.65 -9.08 -18.85
CA GLN B 114 -10.74 -9.78 -20.12
C GLN B 114 -11.12 -8.83 -21.26
N PHE B 115 -10.45 -8.97 -22.39
CA PHE B 115 -10.93 -8.38 -23.63
C PHE B 115 -12.16 -9.14 -24.12
N GLY B 116 -13.17 -8.40 -24.57
CA GLY B 116 -14.38 -9.01 -25.08
C GLY B 116 -15.61 -8.52 -24.32
N PRO B 117 -16.81 -8.79 -24.87
CA PRO B 117 -18.05 -8.25 -24.33
C PRO B 117 -18.48 -8.96 -23.05
N SER B 118 -19.14 -8.21 -22.17
CA SER B 118 -19.81 -8.80 -21.02
C SER B 118 -20.96 -9.69 -21.51
N ILE B 119 -21.54 -10.45 -20.57
CA ILE B 119 -22.68 -11.28 -20.88
C ILE B 119 -23.89 -10.41 -21.23
N GLU B 120 -24.09 -9.35 -20.45
CA GLU B 120 -25.27 -8.52 -20.57
C GLU B 120 -25.30 -7.80 -21.90
N GLN B 121 -24.12 -7.38 -22.38
CA GLN B 121 -24.02 -6.66 -23.63
C GLN B 121 -24.37 -7.57 -24.81
N GLN B 122 -23.87 -8.81 -24.76
CA GLN B 122 -24.16 -9.78 -25.79
C GLN B 122 -25.66 -10.07 -25.84
N ALA B 123 -26.27 -10.17 -24.68
CA ALA B 123 -27.71 -10.42 -24.59
C ALA B 123 -28.49 -9.33 -25.29
N SER B 124 -28.06 -8.08 -25.12
CA SER B 124 -28.76 -6.94 -25.71
C SER B 124 -28.48 -6.86 -27.21
N VAL B 125 -27.26 -7.22 -27.61
CA VAL B 125 -26.91 -7.27 -29.02
C VAL B 125 -27.80 -8.28 -29.75
N MET B 126 -28.13 -9.37 -29.06
CA MET B 126 -28.96 -10.41 -29.65
C MET B 126 -30.38 -9.90 -29.86
N LEU B 127 -30.90 -9.17 -28.88
CA LEU B 127 -32.25 -8.63 -28.96
C LEU B 127 -32.36 -7.57 -30.06
N ASN B 128 -31.26 -6.86 -30.28
CA ASN B 128 -31.19 -5.88 -31.36
C ASN B 128 -31.27 -6.57 -32.71
N ILE B 129 -30.56 -7.69 -32.84
CA ILE B 129 -30.62 -8.48 -34.06
C ILE B 129 -32.04 -8.97 -34.30
N MET B 130 -32.67 -9.47 -33.24
CA MET B 130 -34.01 -10.02 -33.34
C MET B 130 -35.03 -8.92 -33.66
N GLU B 131 -34.76 -7.71 -33.18
CA GLU B 131 -35.62 -6.57 -33.42
C GLU B 131 -35.51 -6.13 -34.88
N GLU B 132 -34.30 -6.18 -35.42
CA GLU B 132 -34.05 -5.78 -36.80
C GLU B 132 -34.89 -6.59 -37.77
N TYR B 133 -35.02 -7.88 -37.50
CA TYR B 133 -35.71 -8.79 -38.41
C TYR B 133 -37.07 -9.19 -37.86
N ASP B 134 -37.55 -8.43 -36.88
CA ASP B 134 -38.88 -8.66 -36.30
C ASP B 134 -39.05 -10.11 -35.86
N TRP B 135 -38.03 -10.65 -35.22
CA TRP B 135 -38.13 -11.96 -34.58
C TRP B 135 -38.45 -11.80 -33.10
N TYR B 136 -39.73 -11.66 -32.79
CA TYR B 136 -40.16 -11.25 -31.46
C TYR B 136 -40.53 -12.46 -30.59
N ILE B 137 -40.68 -13.60 -31.23
CA ILE B 137 -41.04 -14.83 -30.51
C ILE B 137 -39.85 -15.78 -30.47
N PHE B 138 -39.45 -16.16 -29.25
CA PHE B 138 -38.22 -16.91 -29.06
C PHE B 138 -38.22 -17.69 -27.75
N SER B 139 -37.27 -18.61 -27.62
CA SER B 139 -37.05 -19.32 -26.35
C SER B 139 -35.56 -19.30 -25.99
N ILE B 140 -35.27 -19.62 -24.75
CA ILE B 140 -33.89 -19.61 -24.26
C ILE B 140 -33.45 -20.98 -23.77
N VAL B 141 -32.24 -21.36 -24.15
CA VAL B 141 -31.63 -22.58 -23.62
C VAL B 141 -30.24 -22.26 -23.07
N THR B 142 -30.04 -22.55 -21.79
CA THR B 142 -28.72 -22.40 -21.17
C THR B 142 -28.37 -23.64 -20.38
N THR B 143 -27.07 -23.84 -20.16
CA THR B 143 -26.60 -24.78 -19.16
C THR B 143 -26.39 -24.05 -17.83
N TYR B 144 -25.72 -24.73 -16.89
CA TYR B 144 -25.41 -24.12 -15.60
C TYR B 144 -24.10 -23.35 -15.66
N PHE B 145 -23.58 -23.19 -16.88
CA PHE B 145 -22.34 -22.43 -17.07
C PHE B 145 -22.49 -21.04 -16.47
N PRO B 146 -21.56 -20.67 -15.58
CA PRO B 146 -21.63 -19.41 -14.84
C PRO B 146 -21.95 -18.22 -15.74
N GLY B 147 -22.95 -17.45 -15.35
CA GLY B 147 -23.38 -16.29 -16.14
C GLY B 147 -24.76 -16.49 -16.76
N TYR B 148 -25.25 -17.72 -16.69
CA TYR B 148 -26.49 -18.08 -17.35
C TYR B 148 -27.68 -17.34 -16.72
N GLN B 149 -27.56 -17.05 -15.44
CA GLN B 149 -28.60 -16.30 -14.73
C GLN B 149 -28.59 -14.84 -15.18
N ASP B 150 -27.39 -14.27 -15.28
CA ASP B 150 -27.24 -12.90 -15.76
C ASP B 150 -27.79 -12.77 -17.18
N PHE B 151 -27.58 -13.81 -17.98
CA PHE B 151 -28.07 -13.82 -19.36
C PHE B 151 -29.59 -13.80 -19.39
N VAL B 152 -30.21 -14.75 -18.69
CA VAL B 152 -31.66 -14.87 -18.67
C VAL B 152 -32.30 -13.63 -18.07
N ASN B 153 -31.73 -13.14 -16.97
CA ASN B 153 -32.26 -11.97 -16.28
C ASN B 153 -32.21 -10.75 -17.18
N LYS B 154 -31.07 -10.57 -17.85
CA LYS B 154 -30.89 -9.42 -18.75
C LYS B 154 -31.95 -9.42 -19.84
N ILE B 155 -32.11 -10.56 -20.51
CA ILE B 155 -33.15 -10.72 -21.52
C ILE B 155 -34.50 -10.35 -20.95
N ARG B 156 -34.87 -10.98 -19.83
CA ARG B 156 -36.18 -10.78 -19.22
C ARG B 156 -36.39 -9.32 -18.84
N SER B 157 -35.34 -8.72 -18.29
CA SER B 157 -35.40 -7.33 -17.84
C SER B 157 -35.64 -6.40 -19.02
N THR B 158 -35.00 -6.70 -20.15
CA THR B 158 -35.08 -5.84 -21.33
C THR B 158 -36.49 -5.90 -21.95
N ILE B 159 -37.00 -7.10 -22.12
CA ILE B 159 -38.25 -7.30 -22.87
C ILE B 159 -39.47 -6.90 -22.05
N GLU B 160 -39.36 -7.01 -20.73
CA GLU B 160 -40.47 -6.65 -19.85
C GLU B 160 -40.54 -5.14 -19.65
N ASN B 161 -39.48 -4.45 -20.08
CA ASN B 161 -39.42 -2.99 -19.96
C ASN B 161 -39.53 -2.33 -21.33
N SER B 162 -40.11 -3.02 -22.30
CA SER B 162 -40.28 -2.49 -23.63
C SER B 162 -41.70 -2.71 -24.13
N PHE B 163 -42.17 -1.82 -25.01
CA PHE B 163 -43.53 -1.89 -25.53
C PHE B 163 -43.60 -2.79 -26.76
N VAL B 164 -42.44 -3.28 -27.18
CA VAL B 164 -42.37 -4.23 -28.28
C VAL B 164 -42.99 -5.56 -27.87
N GLY B 165 -43.62 -6.24 -28.81
CA GLY B 165 -44.37 -7.45 -28.52
C GLY B 165 -43.47 -8.68 -28.42
N TRP B 166 -42.54 -8.65 -27.48
CA TRP B 166 -41.69 -9.81 -27.21
C TRP B 166 -42.50 -10.93 -26.59
N GLU B 167 -42.24 -12.16 -27.02
CA GLU B 167 -42.91 -13.32 -26.46
C GLU B 167 -41.88 -14.41 -26.12
N LEU B 168 -41.37 -14.36 -24.89
CA LEU B 168 -40.47 -15.39 -24.40
C LEU B 168 -41.26 -16.63 -23.99
N GLU B 169 -41.19 -17.66 -24.82
CA GLU B 169 -42.09 -18.81 -24.69
C GLU B 169 -41.60 -19.80 -23.64
N GLU B 170 -40.31 -20.12 -23.69
CA GLU B 170 -39.75 -21.18 -22.86
C GLU B 170 -38.30 -20.87 -22.49
N VAL B 171 -37.94 -21.21 -21.26
CA VAL B 171 -36.54 -21.12 -20.84
C VAL B 171 -36.07 -22.46 -20.31
N LEU B 172 -35.18 -23.11 -21.05
CA LEU B 172 -34.69 -24.43 -20.68
C LEU B 172 -33.35 -24.33 -19.95
N LEU B 173 -33.22 -25.11 -18.89
CA LEU B 173 -31.97 -25.18 -18.13
C LEU B 173 -31.43 -26.61 -18.17
N LEU B 174 -30.37 -26.80 -18.95
CA LEU B 174 -29.83 -28.14 -19.18
C LEU B 174 -28.70 -28.44 -18.20
N ASP B 175 -28.78 -29.59 -17.55
CA ASP B 175 -27.72 -30.02 -16.64
C ASP B 175 -26.73 -30.94 -17.36
N MET B 176 -25.58 -30.38 -17.70
CA MET B 176 -24.56 -31.11 -18.46
C MET B 176 -23.49 -31.66 -17.53
N SER B 177 -23.81 -31.73 -16.24
CA SER B 177 -22.87 -32.28 -15.25
C SER B 177 -23.21 -33.73 -14.96
N LEU B 178 -24.37 -34.17 -15.46
CA LEU B 178 -24.75 -35.58 -15.41
C LEU B 178 -24.77 -36.15 -16.81
N ASP B 179 -24.66 -37.47 -16.91
CA ASP B 179 -24.71 -38.15 -18.20
C ASP B 179 -26.11 -38.03 -18.80
N ASP B 180 -26.23 -38.40 -20.08
CA ASP B 180 -27.50 -38.27 -20.79
C ASP B 180 -27.93 -39.61 -21.36
N GLY B 181 -27.88 -40.65 -20.53
CA GLY B 181 -28.27 -41.99 -20.94
C GLY B 181 -29.76 -42.21 -20.86
N ASP B 182 -30.44 -41.36 -20.10
CA ASP B 182 -31.89 -41.45 -19.95
C ASP B 182 -32.60 -40.51 -20.92
N SER B 183 -31.82 -39.92 -21.82
CA SER B 183 -32.38 -39.06 -22.87
C SER B 183 -33.15 -37.90 -22.25
N LYS B 184 -32.61 -37.34 -21.17
CA LYS B 184 -33.27 -36.26 -20.44
C LYS B 184 -33.23 -34.95 -21.25
N ILE B 185 -32.07 -34.65 -21.80
CA ILE B 185 -31.89 -33.39 -22.54
C ILE B 185 -32.69 -33.40 -23.84
N GLN B 186 -32.80 -34.59 -24.45
CA GLN B 186 -33.63 -34.75 -25.64
C GLN B 186 -35.09 -34.42 -25.31
N ASN B 187 -35.55 -34.88 -24.16
CA ASN B 187 -36.93 -34.69 -23.75
C ASN B 187 -37.20 -33.22 -23.45
N GLN B 188 -36.18 -32.52 -22.97
CA GLN B 188 -36.31 -31.11 -22.63
C GLN B 188 -36.36 -30.26 -23.90
N LEU B 189 -35.53 -30.61 -24.88
CA LEU B 189 -35.45 -29.85 -26.11
C LEU B 189 -36.72 -30.02 -26.95
N LYS B 190 -37.36 -31.17 -26.81
CA LYS B 190 -38.58 -31.47 -27.57
C LYS B 190 -39.69 -30.48 -27.22
N LYS B 191 -39.52 -29.74 -26.14
CA LYS B 191 -40.51 -28.78 -25.68
C LYS B 191 -40.45 -27.49 -26.49
N LEU B 192 -39.33 -27.30 -27.19
CA LEU B 192 -39.09 -26.08 -27.95
C LEU B 192 -40.06 -25.97 -29.13
N GLN B 193 -40.51 -24.74 -29.39
CA GLN B 193 -41.47 -24.49 -30.47
C GLN B 193 -41.15 -23.17 -31.17
N SER B 194 -40.42 -22.30 -30.49
CA SER B 194 -40.08 -20.99 -31.03
C SER B 194 -39.23 -21.12 -32.30
N PRO B 195 -39.35 -20.14 -33.20
CA PRO B 195 -38.51 -20.09 -34.40
C PRO B 195 -37.13 -19.51 -34.11
N ILE B 196 -37.02 -18.79 -33.00
CA ILE B 196 -35.73 -18.29 -32.55
C ILE B 196 -35.35 -18.91 -31.21
N ILE B 197 -34.10 -19.33 -31.10
CA ILE B 197 -33.61 -19.93 -29.87
C ILE B 197 -32.27 -19.32 -29.46
N LEU B 198 -32.25 -18.68 -28.30
CA LEU B 198 -31.02 -18.15 -27.74
C LEU B 198 -30.34 -19.20 -26.86
N LEU B 199 -29.09 -19.50 -27.16
CA LEU B 199 -28.37 -20.57 -26.47
C LEU B 199 -27.16 -20.02 -25.74
N TYR B 200 -27.17 -20.12 -24.40
CA TYR B 200 -26.02 -19.74 -23.60
C TYR B 200 -25.35 -20.98 -23.01
N CYS B 201 -24.11 -21.21 -23.42
CA CYS B 201 -23.35 -22.37 -22.97
C CYS B 201 -21.92 -22.30 -23.49
N THR B 202 -21.13 -23.32 -23.22
CA THR B 202 -19.77 -23.41 -23.74
C THR B 202 -19.78 -24.02 -25.13
N LYS B 203 -18.63 -23.96 -25.80
CA LYS B 203 -18.51 -24.48 -27.16
C LYS B 203 -18.68 -25.99 -27.19
N GLU B 204 -18.09 -26.66 -26.19
CA GLU B 204 -18.18 -28.11 -26.09
C GLU B 204 -19.62 -28.53 -25.78
N GLU B 205 -20.29 -27.74 -24.96
CA GLU B 205 -21.67 -28.03 -24.59
C GLU B 205 -22.60 -27.81 -25.78
N ALA B 206 -22.30 -26.79 -26.57
CA ALA B 206 -23.13 -26.44 -27.72
C ALA B 206 -23.11 -27.57 -28.76
N THR B 207 -21.96 -28.21 -28.91
CA THR B 207 -21.81 -29.24 -29.93
C THR B 207 -22.63 -30.48 -29.60
N TYR B 208 -22.78 -30.76 -28.32
CA TYR B 208 -23.62 -31.88 -27.89
C TYR B 208 -25.10 -31.52 -27.98
N ILE B 209 -25.42 -30.30 -27.57
CA ILE B 209 -26.81 -29.83 -27.57
C ILE B 209 -27.35 -29.74 -28.99
N PHE B 210 -26.49 -29.35 -29.93
CA PHE B 210 -26.88 -29.27 -31.33
C PHE B 210 -27.07 -30.65 -31.93
N GLU B 211 -26.20 -31.59 -31.53
CA GLU B 211 -26.34 -32.98 -31.97
C GLU B 211 -27.70 -33.53 -31.58
N VAL B 212 -28.11 -33.26 -30.35
CA VAL B 212 -29.41 -33.71 -29.86
C VAL B 212 -30.54 -32.95 -30.54
N ALA B 213 -30.35 -31.64 -30.67
CA ALA B 213 -31.37 -30.78 -31.27
C ALA B 213 -31.63 -31.19 -32.72
N ASN B 214 -30.58 -31.59 -33.42
CA ASN B 214 -30.71 -32.05 -34.79
C ASN B 214 -31.54 -33.34 -34.85
N SER B 215 -31.28 -34.24 -33.91
CA SER B 215 -31.96 -35.53 -33.89
C SER B 215 -33.47 -35.36 -33.78
N VAL B 216 -33.90 -34.25 -33.17
CA VAL B 216 -35.32 -33.99 -33.00
C VAL B 216 -35.77 -32.82 -33.87
N GLY B 217 -34.97 -32.48 -34.88
CA GLY B 217 -35.41 -31.62 -35.96
C GLY B 217 -35.65 -30.20 -35.53
N LEU B 218 -34.63 -29.58 -34.93
CA LEU B 218 -34.75 -28.24 -34.39
C LEU B 218 -33.66 -27.32 -34.95
N THR B 219 -32.93 -27.81 -35.94
CA THR B 219 -31.79 -27.08 -36.48
C THR B 219 -32.00 -26.70 -37.94
N GLY B 220 -33.01 -27.29 -38.56
CA GLY B 220 -33.26 -27.10 -39.99
C GLY B 220 -33.86 -25.74 -40.28
N TYR B 221 -34.53 -25.63 -41.43
CA TYR B 221 -35.27 -24.43 -41.77
C TYR B 221 -36.39 -24.20 -40.76
N GLY B 222 -36.67 -22.93 -40.47
CA GLY B 222 -37.74 -22.58 -39.54
C GLY B 222 -37.20 -22.31 -38.15
N TYR B 223 -36.00 -22.79 -37.86
CA TYR B 223 -35.36 -22.56 -36.58
C TYR B 223 -34.04 -21.82 -36.76
N THR B 224 -33.89 -20.71 -36.03
CA THR B 224 -32.65 -19.95 -36.05
C THR B 224 -32.08 -19.85 -34.64
N TRP B 225 -30.84 -20.32 -34.48
CA TRP B 225 -30.18 -20.31 -33.18
C TRP B 225 -29.18 -19.16 -33.11
N ILE B 226 -29.15 -18.48 -31.97
CA ILE B 226 -28.21 -17.38 -31.76
C ILE B 226 -27.38 -17.62 -30.50
N VAL B 227 -26.08 -17.65 -30.66
CA VAL B 227 -25.17 -17.99 -29.56
C VAL B 227 -24.18 -16.85 -29.30
N PRO B 228 -23.56 -16.84 -28.12
CA PRO B 228 -22.60 -15.79 -27.81
C PRO B 228 -21.18 -16.14 -28.27
N SER B 229 -20.26 -15.22 -28.00
CA SER B 229 -18.92 -15.29 -28.57
C SER B 229 -18.24 -16.62 -28.28
N LEU B 230 -18.39 -17.11 -27.05
CA LEU B 230 -17.58 -18.22 -26.57
C LEU B 230 -18.02 -19.55 -27.17
N VAL B 231 -19.23 -19.58 -27.74
CA VAL B 231 -19.72 -20.76 -28.43
C VAL B 231 -19.06 -20.89 -29.80
N ALA B 232 -19.02 -19.79 -30.55
CA ALA B 232 -18.27 -19.74 -31.80
C ALA B 232 -16.78 -19.89 -31.51
N GLY B 233 -16.32 -19.25 -30.44
CA GLY B 233 -14.93 -19.32 -30.03
C GLY B 233 -13.99 -19.04 -31.19
N ASP B 234 -12.98 -19.88 -31.34
CA ASP B 234 -12.09 -19.82 -32.49
C ASP B 234 -12.84 -20.19 -33.76
N THR B 235 -13.04 -19.21 -34.63
CA THR B 235 -13.93 -19.37 -35.79
C THR B 235 -13.28 -20.18 -36.90
N ASP B 236 -12.03 -20.60 -36.68
CA ASP B 236 -11.36 -21.49 -37.62
C ASP B 236 -11.61 -22.94 -37.25
N THR B 237 -12.19 -23.15 -36.08
CA THR B 237 -12.56 -24.49 -35.63
C THR B 237 -14.07 -24.60 -35.53
N VAL B 238 -14.68 -25.23 -36.53
CA VAL B 238 -16.13 -25.33 -36.61
C VAL B 238 -16.58 -26.79 -36.47
N PRO B 239 -17.04 -27.16 -35.27
CA PRO B 239 -17.59 -28.50 -35.06
C PRO B 239 -18.62 -28.85 -36.12
N SER B 240 -18.76 -30.15 -36.41
CA SER B 240 -19.61 -30.59 -37.51
C SER B 240 -21.07 -30.64 -37.08
N GLU B 241 -21.32 -30.52 -35.78
CA GLU B 241 -22.68 -30.58 -35.25
C GLU B 241 -23.34 -29.22 -35.31
N PHE B 242 -22.53 -28.16 -35.31
CA PHE B 242 -23.03 -26.81 -35.53
C PHE B 242 -23.86 -26.74 -36.80
N PRO B 243 -25.09 -26.23 -36.69
CA PRO B 243 -25.99 -26.12 -37.82
C PRO B 243 -25.70 -24.89 -38.67
N THR B 244 -25.61 -25.06 -39.98
CA THR B 244 -25.54 -23.94 -40.90
C THR B 244 -26.72 -23.01 -40.64
N GLY B 245 -26.45 -21.71 -40.59
CA GLY B 245 -27.46 -20.72 -40.26
C GLY B 245 -27.30 -20.24 -38.82
N LEU B 246 -26.36 -20.84 -38.11
CA LEU B 246 -26.06 -20.44 -36.74
C LEU B 246 -25.53 -19.01 -36.73
N ILE B 247 -26.15 -18.17 -35.91
CA ILE B 247 -25.70 -16.79 -35.75
C ILE B 247 -24.98 -16.63 -34.42
N SER B 248 -23.89 -15.88 -34.44
CA SER B 248 -23.11 -15.64 -33.23
C SER B 248 -22.58 -14.22 -33.18
N VAL B 249 -22.71 -13.60 -32.00
CA VAL B 249 -21.90 -12.45 -31.66
C VAL B 249 -20.48 -12.90 -31.39
N SER B 250 -19.51 -12.19 -31.95
CA SER B 250 -18.13 -12.63 -31.89
C SER B 250 -17.17 -11.47 -31.66
N TYR B 251 -15.96 -11.82 -31.22
CA TYR B 251 -14.92 -10.84 -30.97
C TYR B 251 -13.57 -11.52 -31.12
N ASP B 252 -13.58 -12.67 -31.81
CA ASP B 252 -12.38 -13.48 -31.97
C ASP B 252 -11.54 -12.97 -33.13
N GLU B 253 -11.00 -11.77 -32.97
CA GLU B 253 -9.88 -11.31 -33.78
C GLU B 253 -10.27 -11.08 -35.23
N TRP B 254 -11.13 -10.10 -35.45
CA TRP B 254 -11.52 -9.72 -36.81
C TRP B 254 -10.80 -8.45 -37.24
N ASP B 255 -10.94 -7.39 -36.44
CA ASP B 255 -10.31 -6.11 -36.74
C ASP B 255 -9.28 -5.74 -35.67
N TYR B 256 -9.31 -6.47 -34.55
CA TYR B 256 -8.45 -6.17 -33.41
C TYR B 256 -7.44 -7.29 -33.21
N GLY B 257 -6.31 -7.18 -33.88
CA GLY B 257 -5.37 -8.29 -33.98
C GLY B 257 -4.62 -8.54 -32.68
N LEU B 258 -3.96 -9.70 -32.60
CA LEU B 258 -3.27 -10.10 -31.38
C LEU B 258 -2.17 -9.10 -31.04
N PRO B 259 -1.37 -8.69 -32.05
CA PRO B 259 -0.32 -7.72 -31.83
C PRO B 259 -0.82 -6.44 -31.17
N ALA B 260 -1.94 -5.92 -31.68
CA ALA B 260 -2.52 -4.70 -31.15
C ALA B 260 -3.03 -4.92 -29.74
N ARG B 261 -3.51 -6.12 -29.46
CA ARG B 261 -4.03 -6.45 -28.15
C ARG B 261 -2.91 -6.54 -27.11
N VAL B 262 -1.82 -7.21 -27.48
CA VAL B 262 -0.67 -7.33 -26.60
C VAL B 262 -0.10 -5.96 -26.28
N ARG B 263 -0.14 -5.06 -27.26
CA ARG B 263 0.39 -3.71 -27.09
C ARG B 263 -0.51 -2.89 -26.17
N ASP B 264 -1.82 -3.09 -26.29
CA ASP B 264 -2.78 -2.41 -25.43
C ASP B 264 -2.76 -2.99 -24.03
N GLY B 265 -2.53 -4.29 -23.93
CA GLY B 265 -2.42 -4.95 -22.63
C GLY B 265 -1.24 -4.43 -21.84
N ILE B 266 -0.10 -4.28 -22.52
CA ILE B 266 1.10 -3.74 -21.90
C ILE B 266 0.88 -2.29 -21.50
N ALA B 267 0.14 -1.55 -22.34
CA ALA B 267 -0.15 -0.16 -22.08
C ALA B 267 -1.01 -0.01 -20.82
N ILE B 268 -2.09 -0.78 -20.75
CA ILE B 268 -3.02 -0.71 -19.64
C ILE B 268 -2.29 -0.91 -18.31
N ILE B 269 -1.53 -1.98 -18.21
CA ILE B 269 -0.83 -2.31 -16.97
C ILE B 269 0.18 -1.23 -16.61
N THR B 270 0.89 -0.73 -17.62
CA THR B 270 1.96 0.24 -17.40
C THR B 270 1.38 1.59 -16.99
N THR B 271 0.33 2.02 -17.68
CA THR B 271 -0.33 3.28 -17.37
C THR B 271 -0.89 3.27 -15.95
N ALA B 272 -1.53 2.16 -15.60
CA ALA B 272 -2.18 2.02 -14.30
C ALA B 272 -1.15 2.12 -13.17
N ALA B 273 0.02 1.56 -13.40
CA ALA B 273 1.10 1.60 -12.42
C ALA B 273 1.67 3.02 -12.34
N SER B 274 1.77 3.69 -13.48
CA SER B 274 2.24 5.06 -13.53
C SER B 274 1.29 5.98 -12.78
N ASP B 275 -0.01 5.78 -12.99
CA ASP B 275 -1.02 6.63 -12.39
C ASP B 275 -1.03 6.48 -10.88
N MET B 276 -0.90 5.25 -10.40
CA MET B 276 -0.90 4.98 -8.97
C MET B 276 0.37 5.53 -8.32
N LEU B 277 1.50 5.39 -9.01
CA LEU B 277 2.78 5.87 -8.52
C LEU B 277 2.76 7.39 -8.40
N SER B 278 2.07 8.05 -9.33
CA SER B 278 2.07 9.51 -9.40
C SER B 278 1.13 10.10 -8.34
N GLU B 279 0.34 9.25 -7.71
CA GLU B 279 -0.69 9.72 -6.79
C GLU B 279 -0.42 9.27 -5.35
N HIS B 280 0.26 8.14 -5.21
CA HIS B 280 0.49 7.55 -3.89
C HIS B 280 1.98 7.38 -3.59
N SER B 281 2.81 7.60 -4.62
CA SER B 281 4.26 7.51 -4.45
C SER B 281 4.70 6.08 -4.16
N PHE B 282 3.87 5.12 -4.54
CA PHE B 282 4.24 3.71 -4.46
C PHE B 282 3.33 2.85 -5.32
N ILE B 283 3.85 1.70 -5.74
CA ILE B 283 3.04 0.67 -6.38
C ILE B 283 3.18 -0.65 -5.64
N PRO B 284 2.21 -1.56 -5.80
CA PRO B 284 2.26 -2.85 -5.14
C PRO B 284 3.52 -3.64 -5.49
N GLU B 285 4.22 -4.14 -4.48
CA GLU B 285 5.43 -4.91 -4.71
C GLU B 285 5.10 -6.28 -5.29
N PRO B 286 5.75 -6.64 -6.41
CA PRO B 286 5.55 -7.93 -7.03
C PRO B 286 5.73 -9.08 -6.05
N LYS B 287 4.78 -10.01 -6.05
CA LYS B 287 4.84 -11.16 -5.15
C LYS B 287 6.05 -12.03 -5.47
N SER B 288 6.85 -12.32 -4.45
CA SER B 288 8.08 -13.08 -4.64
C SER B 288 7.79 -14.55 -4.90
N SER B 289 6.59 -14.98 -4.51
CA SER B 289 6.19 -16.38 -4.72
C SER B 289 4.69 -16.54 -4.49
N CYS B 290 4.14 -17.64 -5.01
CA CYS B 290 2.75 -17.99 -4.76
C CYS B 290 2.63 -18.77 -3.45
N TYR B 291 3.76 -19.35 -3.03
CA TYR B 291 3.75 -20.35 -1.96
C TYR B 291 3.89 -19.70 -0.59
N ASN B 292 3.66 -18.39 -0.53
CA ASN B 292 3.74 -17.66 0.72
C ASN B 292 2.65 -16.59 0.79
N THR B 293 1.61 -16.76 -0.02
CA THR B 293 0.54 -15.76 -0.11
C THR B 293 -0.26 -15.68 1.18
N HIS B 294 -0.31 -16.79 1.92
CA HIS B 294 -1.13 -16.87 3.11
C HIS B 294 -0.58 -15.96 4.21
N GLU B 295 0.74 -15.81 4.24
CA GLU B 295 1.40 -14.95 5.21
C GLU B 295 1.22 -13.48 4.86
N LYS B 296 1.43 -13.15 3.59
CA LYS B 296 1.68 -11.78 3.19
C LYS B 296 0.44 -11.10 2.64
N ARG B 297 -0.73 -11.52 3.10
CA ARG B 297 -1.99 -11.03 2.55
C ARG B 297 -2.43 -9.71 3.20
N ILE B 298 -2.05 -9.52 4.46
CA ILE B 298 -2.29 -8.24 5.13
C ILE B 298 -1.40 -7.16 4.56
N TYR B 299 -0.46 -7.56 3.71
CA TYR B 299 0.49 -6.64 3.11
C TYR B 299 0.20 -6.44 1.62
N GLN B 300 -0.88 -7.05 1.15
CA GLN B 300 -1.23 -6.98 -0.26
C GLN B 300 -2.67 -6.50 -0.44
N SER B 301 -2.99 -6.05 -1.64
CA SER B 301 -4.28 -5.42 -1.90
C SER B 301 -4.52 -5.31 -3.41
N ASN B 302 -5.79 -5.31 -3.79
CA ASN B 302 -6.16 -5.10 -5.20
C ASN B 302 -6.34 -3.62 -5.48
N MET B 303 -5.52 -2.81 -4.83
CA MET B 303 -5.60 -1.36 -4.96
C MET B 303 -5.42 -0.90 -6.41
N LEU B 304 -4.59 -1.64 -7.14
CA LEU B 304 -4.20 -1.23 -8.49
C LEU B 304 -5.36 -1.36 -9.47
N ASN B 305 -6.47 -1.93 -9.01
CA ASN B 305 -7.63 -2.16 -9.87
C ASN B 305 -8.26 -0.84 -10.30
N ARG B 306 -8.39 0.09 -9.37
CA ARG B 306 -9.09 1.35 -9.64
C ARG B 306 -8.41 2.13 -10.75
N TYR B 307 -7.15 1.80 -11.01
CA TYR B 307 -6.40 2.44 -12.08
C TYR B 307 -6.42 1.61 -13.35
N LEU B 308 -6.51 0.29 -13.18
CA LEU B 308 -6.45 -0.63 -14.31
C LEU B 308 -7.68 -0.48 -15.20
N ILE B 309 -8.77 0.02 -14.63
CA ILE B 309 -10.05 0.02 -15.33
C ILE B 309 -10.35 1.37 -15.98
N ASN B 310 -9.41 2.31 -15.85
CA ASN B 310 -9.64 3.67 -16.30
C ASN B 310 -8.46 4.20 -17.12
N VAL B 311 -7.93 3.35 -17.98
CA VAL B 311 -6.79 3.73 -18.81
C VAL B 311 -7.24 4.15 -20.20
N THR B 312 -6.73 5.28 -20.67
CA THR B 312 -6.83 5.67 -22.08
C THR B 312 -5.44 5.77 -22.70
N PHE B 313 -5.30 5.20 -23.90
CA PHE B 313 -3.99 5.12 -24.54
C PHE B 313 -4.07 5.52 -26.01
N GLU B 314 -3.12 6.34 -26.44
CA GLU B 314 -3.11 6.86 -27.81
C GLU B 314 -4.47 7.43 -28.19
N GLY B 315 -5.18 7.97 -27.20
CA GLY B 315 -6.47 8.59 -27.44
C GLY B 315 -7.58 7.58 -27.69
N ARG B 316 -7.45 6.41 -27.06
CA ARG B 316 -8.50 5.39 -27.13
C ARG B 316 -8.89 4.93 -25.73
N ASP B 317 -10.19 4.89 -25.46
CA ASP B 317 -10.69 4.50 -24.15
C ASP B 317 -10.64 2.99 -23.99
N LEU B 318 -9.69 2.52 -23.17
CA LEU B 318 -9.53 1.09 -22.93
C LEU B 318 -10.10 0.72 -21.57
N SER B 319 -11.16 1.42 -21.18
CA SER B 319 -11.77 1.21 -19.87
C SER B 319 -12.32 -0.21 -19.73
N PHE B 320 -12.22 -0.75 -18.53
CA PHE B 320 -12.90 -2.00 -18.20
C PHE B 320 -14.07 -1.72 -17.27
N SER B 321 -15.09 -2.56 -17.34
CA SER B 321 -16.13 -2.58 -16.32
C SER B 321 -15.56 -3.07 -15.00
N GLU B 322 -16.27 -2.79 -13.91
CA GLU B 322 -15.88 -3.27 -12.59
C GLU B 322 -16.08 -4.79 -12.51
N ASP B 323 -16.81 -5.33 -13.48
CA ASP B 323 -17.02 -6.77 -13.58
C ASP B 323 -15.87 -7.43 -14.33
N GLY B 324 -15.01 -6.61 -14.91
CA GLY B 324 -13.76 -7.10 -15.50
C GLY B 324 -13.87 -7.37 -16.99
N TYR B 325 -14.72 -6.61 -17.66
CA TYR B 325 -14.92 -6.75 -19.11
C TYR B 325 -14.51 -5.48 -19.83
N GLN B 326 -14.33 -5.58 -21.14
CA GLN B 326 -14.10 -4.41 -21.97
C GLN B 326 -15.38 -3.58 -22.05
N MET B 327 -15.23 -2.25 -22.02
CA MET B 327 -16.37 -1.35 -21.95
C MET B 327 -17.03 -1.19 -23.31
N HIS B 328 -16.25 -0.78 -24.31
CA HIS B 328 -16.79 -0.49 -25.63
C HIS B 328 -16.05 -1.28 -26.71
N PRO B 329 -16.31 -2.59 -26.79
CA PRO B 329 -15.75 -3.42 -27.83
C PRO B 329 -16.58 -3.36 -29.11
N LYS B 330 -15.91 -3.22 -30.24
CA LYS B 330 -16.57 -3.33 -31.54
C LYS B 330 -16.83 -4.80 -31.86
N LEU B 331 -18.09 -5.21 -31.73
CA LEU B 331 -18.46 -6.60 -31.89
C LEU B 331 -18.79 -6.91 -33.35
N VAL B 332 -18.53 -8.15 -33.75
CA VAL B 332 -18.82 -8.60 -35.11
C VAL B 332 -19.85 -9.72 -35.10
N ILE B 333 -20.96 -9.50 -35.80
CA ILE B 333 -21.97 -10.53 -35.95
C ILE B 333 -21.58 -11.47 -37.10
N ILE B 334 -21.56 -12.76 -36.82
CA ILE B 334 -21.10 -13.74 -37.79
C ILE B 334 -22.15 -14.83 -38.02
N LEU B 335 -22.12 -15.42 -39.21
CA LEU B 335 -23.08 -16.44 -39.60
C LEU B 335 -22.36 -17.64 -40.21
N LEU B 336 -22.72 -18.83 -39.76
CA LEU B 336 -22.15 -20.06 -40.30
C LEU B 336 -22.84 -20.42 -41.61
N ASN B 337 -22.12 -20.26 -42.72
CA ASN B 337 -22.72 -20.35 -44.06
C ASN B 337 -22.71 -21.77 -44.59
N LYS B 338 -23.15 -21.92 -45.84
CA LYS B 338 -23.35 -23.24 -46.43
C LYS B 338 -22.03 -24.02 -46.52
N GLU B 339 -20.93 -23.30 -46.67
CA GLU B 339 -19.61 -23.93 -46.80
C GLU B 339 -19.02 -24.22 -45.43
N ARG B 340 -19.82 -24.09 -44.39
CA ARG B 340 -19.37 -24.34 -43.02
C ARG B 340 -18.29 -23.35 -42.62
N LYS B 341 -18.40 -22.13 -43.13
CA LYS B 341 -17.46 -21.06 -42.79
C LYS B 341 -18.19 -19.94 -42.07
N TRP B 342 -17.54 -19.37 -41.06
CA TRP B 342 -18.08 -18.19 -40.36
C TRP B 342 -17.92 -16.94 -41.23
N GLU B 343 -18.98 -16.15 -41.29
CA GLU B 343 -19.07 -15.08 -42.27
C GLU B 343 -19.58 -13.80 -41.62
N ARG B 344 -18.82 -12.72 -41.78
CA ARG B 344 -19.24 -11.40 -41.32
C ARG B 344 -20.59 -11.02 -41.92
N VAL B 345 -21.53 -10.65 -41.06
CA VAL B 345 -22.86 -10.26 -41.52
C VAL B 345 -23.44 -9.11 -40.71
N GLY B 346 -22.58 -8.43 -39.96
CA GLY B 346 -22.98 -7.25 -39.20
C GLY B 346 -21.93 -6.77 -38.23
N LYS B 347 -22.05 -5.53 -37.80
CA LYS B 347 -21.14 -4.96 -36.81
C LYS B 347 -21.92 -4.20 -35.74
N TRP B 348 -21.47 -4.31 -34.50
CA TRP B 348 -22.07 -3.59 -33.40
C TRP B 348 -21.11 -2.52 -32.88
N LYS B 349 -21.33 -1.28 -33.30
CA LYS B 349 -20.44 -0.18 -32.94
C LYS B 349 -21.25 1.05 -32.53
N ASP B 350 -20.74 1.79 -31.55
CA ASP B 350 -21.44 2.95 -31.02
C ASP B 350 -22.86 2.57 -30.59
N LYS B 351 -22.96 1.50 -29.80
CA LYS B 351 -24.25 1.02 -29.32
C LYS B 351 -25.29 1.02 -30.43
N SER B 352 -24.85 0.73 -31.65
CA SER B 352 -25.74 0.67 -32.80
C SER B 352 -25.44 -0.56 -33.64
N LEU B 353 -26.50 -1.21 -34.15
CA LEU B 353 -26.34 -2.42 -34.94
C LEU B 353 -26.44 -2.10 -36.43
N GLN B 354 -25.41 -2.46 -37.18
CA GLN B 354 -25.41 -2.30 -38.63
C GLN B 354 -25.27 -3.66 -39.31
N MET B 355 -26.39 -4.19 -39.80
CA MET B 355 -26.39 -5.52 -40.39
C MET B 355 -26.15 -5.45 -41.90
N LYS B 356 -25.53 -6.48 -42.45
CA LYS B 356 -25.23 -6.54 -43.87
C LYS B 356 -26.50 -6.79 -44.67
N TYR B 357 -27.29 -7.77 -44.23
CA TYR B 357 -28.48 -8.18 -44.96
C TYR B 357 -29.73 -7.51 -44.41
N TYR B 358 -30.63 -7.16 -45.31
CA TYR B 358 -31.97 -6.74 -44.94
C TYR B 358 -32.88 -7.96 -44.85
N VAL B 359 -32.68 -8.89 -45.78
CA VAL B 359 -33.34 -10.18 -45.75
C VAL B 359 -32.31 -11.30 -45.80
N TRP B 360 -32.42 -12.24 -44.87
CA TRP B 360 -31.45 -13.32 -44.77
C TRP B 360 -31.48 -14.20 -46.02
N PRO B 361 -30.34 -14.26 -46.73
CA PRO B 361 -30.19 -15.22 -47.82
C PRO B 361 -30.20 -16.66 -47.32
N ARG B 362 -30.32 -17.62 -48.24
CA ARG B 362 -30.61 -19.00 -47.87
C ARG B 362 -29.36 -19.74 -47.43
N MET B 363 -29.40 -20.30 -46.23
CA MET B 363 -28.32 -21.14 -45.72
C MET B 363 -28.87 -22.51 -45.33
N ASP C 1 59.05 10.64 16.34
CA ASP C 1 57.66 10.31 15.92
C ASP C 1 56.73 11.50 16.17
N PRO C 2 56.08 11.99 15.10
CA PRO C 2 55.13 13.08 15.21
C PRO C 2 53.73 12.59 15.56
N LYS C 3 52.82 13.51 15.83
CA LYS C 3 51.42 13.18 16.05
C LYS C 3 50.70 13.00 14.73
N ILE C 4 50.09 11.83 14.53
CA ILE C 4 49.36 11.54 13.31
C ILE C 4 47.94 12.11 13.38
N VAL C 5 47.61 12.97 12.42
CA VAL C 5 46.29 13.58 12.37
C VAL C 5 45.54 13.14 11.11
N ASN C 6 44.47 12.37 11.30
CA ASN C 6 43.75 11.79 10.18
C ASN C 6 42.79 12.78 9.55
N ILE C 7 42.69 12.74 8.23
CA ILE C 7 41.67 13.49 7.51
C ILE C 7 40.79 12.52 6.72
N GLY C 8 39.48 12.71 6.82
CA GLY C 8 38.54 11.80 6.19
C GLY C 8 38.03 12.31 4.86
N ALA C 9 37.55 11.40 4.02
CA ALA C 9 36.92 11.77 2.76
C ALA C 9 35.92 10.71 2.32
N VAL C 10 34.76 11.17 1.86
CA VAL C 10 33.80 10.32 1.17
C VAL C 10 33.70 10.74 -0.28
N LEU C 11 34.22 9.91 -1.17
CA LEU C 11 34.45 10.32 -2.56
C LEU C 11 33.80 9.35 -3.54
N SER C 12 33.78 9.73 -4.81
CA SER C 12 32.93 9.08 -5.79
C SER C 12 33.50 7.72 -6.20
N THR C 13 34.80 7.69 -6.45
CA THR C 13 35.44 6.49 -7.00
C THR C 13 36.77 6.22 -6.32
N LYS C 14 37.26 4.99 -6.47
CA LYS C 14 38.58 4.64 -5.96
C LYS C 14 39.65 5.56 -6.53
N LYS C 15 39.46 5.96 -7.79
CA LYS C 15 40.40 6.85 -8.46
C LYS C 15 40.51 8.17 -7.71
N HIS C 16 39.40 8.62 -7.14
CA HIS C 16 39.37 9.89 -6.42
C HIS C 16 39.98 9.74 -5.02
N GLU C 17 39.83 8.56 -4.44
CA GLU C 17 40.50 8.24 -3.18
C GLU C 17 42.02 8.31 -3.37
N GLN C 18 42.51 7.78 -4.47
CA GLN C 18 43.92 7.85 -4.80
C GLN C 18 44.37 9.31 -4.91
N ILE C 19 43.53 10.13 -5.52
CA ILE C 19 43.84 11.55 -5.67
C ILE C 19 43.83 12.26 -4.33
N PHE C 20 43.01 11.75 -3.40
CA PHE C 20 42.93 12.31 -2.06
C PHE C 20 44.17 11.95 -1.26
N ARG C 21 44.63 10.71 -1.40
CA ARG C 21 45.86 10.26 -0.75
C ARG C 21 47.05 11.07 -1.24
N GLU C 22 47.14 11.25 -2.55
CA GLU C 22 48.22 12.02 -3.15
C GLU C 22 48.19 13.46 -2.66
N ALA C 23 46.99 14.03 -2.57
CA ALA C 23 46.82 15.41 -2.12
C ALA C 23 47.32 15.58 -0.69
N VAL C 24 47.07 14.58 0.14
CA VAL C 24 47.47 14.63 1.54
C VAL C 24 48.99 14.59 1.67
N ASN C 25 49.63 13.75 0.87
CA ASN C 25 51.09 13.67 0.85
C ASN C 25 51.68 14.99 0.37
N GLN C 26 51.06 15.56 -0.65
CA GLN C 26 51.47 16.87 -1.16
C GLN C 26 51.52 17.89 -0.03
N ALA C 27 50.52 17.84 0.85
CA ALA C 27 50.44 18.76 1.97
C ALA C 27 51.55 18.50 2.98
N ASN C 28 51.86 17.22 3.18
CA ASN C 28 52.92 16.83 4.13
C ASN C 28 54.28 17.29 3.62
N LYS C 29 54.46 17.28 2.31
CA LYS C 29 55.70 17.77 1.70
C LYS C 29 55.78 19.28 1.83
N ARG C 30 54.62 19.93 1.86
CA ARG C 30 54.56 21.39 1.83
C ARG C 30 54.83 21.98 3.21
N HIS C 31 54.36 21.29 4.25
CA HIS C 31 54.44 21.82 5.61
C HIS C 31 55.53 21.13 6.41
N PHE C 32 55.85 21.69 7.58
CA PHE C 32 56.80 21.07 8.50
C PHE C 32 56.14 19.89 9.21
N THR C 33 56.70 18.69 8.99
CA THR C 33 56.01 17.45 9.34
C THR C 33 56.58 16.85 10.62
N ARG C 34 57.38 17.62 11.33
CA ARG C 34 58.08 17.12 12.52
C ARG C 34 57.12 16.96 13.70
N LYS C 35 56.22 17.92 13.86
CA LYS C 35 55.31 17.93 14.99
C LYS C 35 54.04 17.12 14.69
N ILE C 36 53.34 17.52 13.63
CA ILE C 36 52.12 16.81 13.23
C ILE C 36 52.19 16.41 11.76
N GLN C 37 51.62 15.26 11.45
CA GLN C 37 51.65 14.72 10.09
C GLN C 37 50.27 14.18 9.72
N LEU C 38 49.79 14.57 8.54
CA LEU C 38 48.44 14.22 8.11
C LEU C 38 48.40 12.81 7.53
N GLN C 39 47.29 12.13 7.76
CA GLN C 39 47.08 10.79 7.22
C GLN C 39 45.69 10.67 6.62
N ALA C 40 45.62 10.12 5.41
CA ALA C 40 44.37 10.08 4.66
C ALA C 40 43.55 8.84 5.02
N THR C 41 42.29 9.06 5.35
CA THR C 41 41.34 7.97 5.51
C THR C 41 40.09 8.28 4.70
N SER C 42 39.73 7.37 3.79
CA SER C 42 38.65 7.64 2.85
C SER C 42 37.79 6.42 2.59
N VAL C 43 36.54 6.67 2.20
CA VAL C 43 35.69 5.65 1.60
C VAL C 43 34.98 6.24 0.39
N THR C 44 34.25 5.38 -0.32
CA THR C 44 33.36 5.86 -1.39
C THR C 44 31.92 5.82 -0.91
N HIS C 45 31.06 6.57 -1.61
CA HIS C 45 29.65 6.64 -1.24
C HIS C 45 29.03 5.25 -1.17
N ARG C 46 28.19 5.04 -0.16
CA ARG C 46 27.43 3.79 -0.04
C ARG C 46 26.09 3.95 -0.73
N PRO C 47 25.45 2.84 -1.09
CA PRO C 47 24.27 2.86 -1.95
C PRO C 47 23.10 3.64 -1.35
N ASN C 48 23.07 3.76 -0.02
CA ASN C 48 21.97 4.45 0.65
C ASN C 48 22.44 5.21 1.89
N ALA C 49 21.56 6.01 2.45
CA ALA C 49 21.92 7.00 3.45
C ALA C 49 22.31 6.34 4.77
N ILE C 50 21.54 5.33 5.17
CA ILE C 50 21.77 4.66 6.45
C ILE C 50 23.11 3.96 6.47
N GLN C 51 23.40 3.21 5.41
CA GLN C 51 24.71 2.58 5.26
C GLN C 51 25.81 3.64 5.30
N MET C 52 25.57 4.75 4.61
CA MET C 52 26.55 5.82 4.51
C MET C 52 26.86 6.38 5.90
N ALA C 53 25.81 6.59 6.69
CA ALA C 53 25.96 7.11 8.04
C ALA C 53 26.79 6.17 8.89
N LEU C 54 26.48 4.87 8.79
CA LEU C 54 27.21 3.85 9.52
C LEU C 54 28.68 3.82 9.12
N SER C 55 28.93 3.97 7.82
CA SER C 55 30.29 3.93 7.30
C SER C 55 31.12 5.10 7.85
N VAL C 56 30.51 6.26 7.95
CA VAL C 56 31.18 7.44 8.50
C VAL C 56 31.64 7.16 9.93
N CYS C 57 30.86 6.37 10.65
CA CYS C 57 31.20 5.98 12.01
C CYS C 57 32.30 4.92 12.02
N GLU C 58 32.11 3.89 11.20
CA GLU C 58 32.97 2.70 11.24
C GLU C 58 34.31 2.96 10.59
N ASP C 59 34.31 3.75 9.52
CA ASP C 59 35.48 3.86 8.65
C ASP C 59 36.27 5.14 8.93
N LEU C 60 35.57 6.21 9.28
CA LEU C 60 36.18 7.53 9.38
C LEU C 60 36.36 7.97 10.82
N ILE C 61 35.24 8.14 11.52
CA ILE C 61 35.28 8.66 12.88
C ILE C 61 36.01 7.70 13.82
N SER C 62 36.07 6.43 13.42
CA SER C 62 36.81 5.43 14.18
C SER C 62 38.31 5.68 14.09
N SER C 63 38.71 6.46 13.09
CA SER C 63 40.11 6.81 12.91
C SER C 63 40.39 8.20 13.47
N GLN C 64 39.41 8.76 14.17
CA GLN C 64 39.56 10.08 14.77
C GLN C 64 39.94 11.12 13.73
N VAL C 65 39.11 11.25 12.71
CA VAL C 65 39.31 12.28 11.68
C VAL C 65 38.98 13.66 12.24
N TYR C 66 39.77 14.65 11.85
CA TYR C 66 39.56 16.03 12.29
C TYR C 66 38.59 16.75 11.36
N ALA C 67 38.49 16.25 10.13
CA ALA C 67 37.58 16.82 9.14
C ALA C 67 37.26 15.78 8.07
N ILE C 68 36.17 16.00 7.36
CA ILE C 68 35.73 15.06 6.33
C ILE C 68 35.37 15.78 5.03
N LEU C 69 36.16 15.56 3.99
CA LEU C 69 35.79 15.95 2.64
C LEU C 69 34.70 15.02 2.11
N VAL C 70 33.72 15.60 1.43
CA VAL C 70 32.63 14.82 0.87
C VAL C 70 32.25 15.33 -0.52
N SER C 71 32.30 14.43 -1.50
CA SER C 71 31.94 14.77 -2.87
C SER C 71 30.46 14.53 -3.11
N HIS C 72 29.91 15.19 -4.11
CA HIS C 72 28.56 14.91 -4.59
C HIS C 72 28.61 13.84 -5.68
N PRO C 73 28.10 12.64 -5.38
CA PRO C 73 28.09 11.56 -6.35
C PRO C 73 27.21 11.88 -7.56
N PRO C 74 27.59 11.36 -8.74
CA PRO C 74 26.87 11.71 -9.96
C PRO C 74 25.84 10.65 -10.34
N ALA C 75 24.63 11.10 -10.68
CA ALA C 75 23.60 10.22 -11.22
C ALA C 75 22.99 9.35 -10.12
N HIS C 79 19.95 11.98 -5.81
CA HIS C 79 19.70 10.68 -5.21
C HIS C 79 20.41 10.55 -3.87
N LEU C 80 21.74 10.49 -3.90
CA LEU C 80 22.54 10.41 -2.69
C LEU C 80 23.23 11.75 -2.42
N THR C 81 22.91 12.37 -1.28
CA THR C 81 23.47 13.66 -0.92
C THR C 81 24.48 13.52 0.21
N PRO C 82 25.27 14.58 0.46
CA PRO C 82 26.25 14.60 1.54
C PRO C 82 25.59 14.71 2.90
N THR C 83 24.27 14.66 2.93
CA THR C 83 23.50 15.00 4.13
C THR C 83 23.82 14.06 5.29
N PRO C 84 23.81 12.75 5.03
CA PRO C 84 24.09 11.76 6.07
C PRO C 84 25.48 11.95 6.67
N ILE C 85 26.40 12.44 5.86
CA ILE C 85 27.77 12.68 6.31
C ILE C 85 27.85 13.96 7.13
N SER C 86 27.14 14.98 6.69
CA SER C 86 27.05 16.24 7.43
C SER C 86 26.41 16.01 8.79
N TYR C 87 25.39 15.17 8.82
CA TYR C 87 24.67 14.87 10.06
C TYR C 87 25.55 14.13 11.05
N THR C 88 26.11 13.00 10.61
CA THR C 88 26.87 12.14 11.49
C THR C 88 28.09 12.87 12.05
N ALA C 89 28.80 13.57 11.17
CA ALA C 89 29.97 14.33 11.58
C ALA C 89 29.55 15.53 12.43
N GLY C 90 28.44 16.16 12.06
CA GLY C 90 27.96 17.34 12.77
C GLY C 90 27.54 17.00 14.19
N PHE C 91 27.16 15.75 14.42
CA PHE C 91 26.79 15.29 15.74
C PHE C 91 27.95 15.51 16.73
N TYR C 92 29.17 15.42 16.22
CA TYR C 92 30.36 15.58 17.05
C TYR C 92 31.02 16.93 16.81
N ARG C 93 30.42 17.72 15.92
CA ARG C 93 30.97 19.02 15.57
C ARG C 93 32.27 18.88 14.77
N ILE C 94 32.43 17.73 14.13
CA ILE C 94 33.50 17.54 13.16
C ILE C 94 33.12 18.19 11.84
N PRO C 95 34.03 19.03 11.30
CA PRO C 95 33.69 19.81 10.12
C PRO C 95 33.63 18.96 8.86
N VAL C 96 32.74 19.33 7.95
CA VAL C 96 32.56 18.63 6.70
C VAL C 96 32.77 19.61 5.55
N ILE C 97 33.63 19.24 4.61
CA ILE C 97 33.92 20.09 3.46
C ILE C 97 33.28 19.54 2.20
N GLY C 98 32.18 20.15 1.78
CA GLY C 98 31.53 19.80 0.53
C GLY C 98 32.37 20.22 -0.66
N LEU C 99 32.49 19.33 -1.64
CA LEU C 99 33.42 19.53 -2.75
C LEU C 99 32.71 20.05 -3.99
N THR C 100 31.46 19.64 -4.19
CA THR C 100 30.78 19.86 -5.46
C THR C 100 29.26 20.04 -5.30
N THR C 101 28.80 20.12 -4.06
CA THR C 101 27.37 20.31 -3.80
C THR C 101 27.01 21.78 -3.89
N ARG C 102 25.97 22.09 -4.67
CA ARG C 102 25.67 23.47 -5.02
C ARG C 102 24.37 23.95 -4.36
N MET C 103 23.54 23.02 -3.92
CA MET C 103 22.24 23.36 -3.37
C MET C 103 22.38 24.32 -2.19
N SER C 104 21.54 25.35 -2.16
CA SER C 104 21.69 26.43 -1.19
C SER C 104 21.37 25.96 0.23
N ILE C 105 20.61 24.88 0.33
CA ILE C 105 20.13 24.41 1.62
C ILE C 105 21.30 24.11 2.56
N TYR C 106 22.46 23.84 1.99
CA TYR C 106 23.64 23.47 2.78
C TYR C 106 24.31 24.70 3.38
N SER C 107 23.72 25.87 3.13
CA SER C 107 24.22 27.11 3.72
C SER C 107 23.48 27.40 5.02
N ASP C 108 22.49 26.55 5.32
CA ASP C 108 21.68 26.72 6.52
C ASP C 108 22.37 26.12 7.74
N LYS C 109 22.76 27.00 8.66
CA LYS C 109 23.56 26.60 9.81
C LYS C 109 22.75 25.71 10.76
N SER C 110 21.44 25.88 10.74
CA SER C 110 20.55 25.14 11.62
C SER C 110 20.53 23.66 11.26
N ILE C 111 20.67 23.38 9.97
CA ILE C 111 20.59 22.02 9.47
C ILE C 111 21.98 21.42 9.36
N HIS C 112 22.92 22.21 8.86
CA HIS C 112 24.29 21.76 8.67
C HIS C 112 25.25 22.67 9.43
N LEU C 113 25.52 22.32 10.68
CA LEU C 113 26.09 23.27 11.63
C LEU C 113 27.61 23.19 11.68
N SER C 114 28.19 22.39 10.77
CA SER C 114 29.63 22.38 10.60
C SER C 114 29.98 21.97 9.17
N PHE C 115 29.53 22.80 8.21
CA PHE C 115 29.65 22.46 6.80
C PHE C 115 30.22 23.65 6.03
N LEU C 116 31.39 23.45 5.44
CA LEU C 116 31.93 24.36 4.46
C LEU C 116 31.96 23.69 3.09
N ARG C 117 32.13 24.47 2.03
CA ARG C 117 32.32 23.91 0.71
C ARG C 117 33.18 24.81 -0.17
N THR C 118 33.85 24.21 -1.15
CA THR C 118 34.78 24.94 -2.00
C THR C 118 34.10 25.39 -3.28
N VAL C 119 32.86 24.97 -3.47
CA VAL C 119 32.01 25.54 -4.52
C VAL C 119 30.88 26.35 -3.89
N PRO C 120 30.43 27.40 -4.60
CA PRO C 120 29.36 28.26 -4.10
C PRO C 120 27.99 27.68 -4.39
N PRO C 121 27.02 27.96 -3.50
CA PRO C 121 25.63 27.61 -3.77
C PRO C 121 25.09 28.35 -4.99
N TYR C 122 24.09 27.78 -5.65
CA TYR C 122 23.54 28.36 -6.87
C TYR C 122 23.07 29.80 -6.64
N SER C 123 22.68 30.10 -5.41
CA SER C 123 22.15 31.41 -5.08
C SER C 123 23.21 32.49 -5.23
N HIS C 124 24.47 32.08 -5.28
CA HIS C 124 25.58 33.02 -5.41
C HIS C 124 25.72 33.52 -6.84
N GLN C 125 25.01 32.86 -7.76
CA GLN C 125 25.01 33.28 -9.16
C GLN C 125 24.42 34.68 -9.31
N ALA C 126 23.73 35.13 -8.28
CA ALA C 126 23.15 36.47 -8.26
C ALA C 126 24.25 37.54 -8.25
N LEU C 127 25.37 37.22 -7.61
CA LEU C 127 26.53 38.11 -7.59
C LEU C 127 26.96 38.43 -9.02
N VAL C 128 26.96 37.42 -9.88
CA VAL C 128 27.35 37.59 -11.27
C VAL C 128 26.30 38.39 -12.04
N TRP C 129 25.04 38.04 -11.83
CA TRP C 129 23.93 38.76 -12.45
C TRP C 129 24.03 40.25 -12.14
N PHE C 130 24.31 40.58 -10.89
CA PHE C 130 24.37 41.97 -10.45
C PHE C 130 25.45 42.73 -11.19
N GLU C 131 26.66 42.16 -11.25
CA GLU C 131 27.78 42.80 -11.92
C GLU C 131 27.50 42.98 -13.40
N MET C 132 26.73 42.06 -13.97
CA MET C 132 26.33 42.16 -15.38
C MET C 132 25.30 43.26 -15.57
N MET C 133 24.41 43.41 -14.59
CA MET C 133 23.41 44.46 -14.63
C MET C 133 24.07 45.83 -14.67
N ARG C 134 25.16 45.97 -13.94
CA ARG C 134 25.93 47.21 -13.93
C ARG C 134 26.66 47.38 -15.25
N LEU C 135 27.28 46.31 -15.73
CA LEU C 135 28.04 46.35 -16.98
C LEU C 135 27.15 46.77 -18.14
N PHE C 136 26.08 46.01 -18.37
CA PHE C 136 25.20 46.25 -19.50
C PHE C 136 24.06 47.20 -19.13
N ASN C 137 24.22 47.88 -18.00
CA ASN C 137 23.27 48.92 -17.60
C ASN C 137 21.83 48.45 -17.71
N TRP C 138 21.54 47.27 -17.16
CA TRP C 138 20.17 46.80 -17.03
C TRP C 138 19.58 47.26 -15.71
N ASN C 139 19.02 48.47 -15.71
CA ASN C 139 18.58 49.11 -14.47
C ASN C 139 17.19 48.63 -14.06
N HIS C 140 16.54 47.90 -14.95
CA HIS C 140 15.21 47.37 -14.67
C HIS C 140 15.10 45.92 -15.11
N VAL C 141 14.87 45.03 -14.15
CA VAL C 141 14.83 43.60 -14.43
C VAL C 141 13.62 42.94 -13.77
N ILE C 142 13.06 41.95 -14.46
CA ILE C 142 12.06 41.08 -13.87
C ILE C 142 12.72 39.80 -13.37
N LEU C 143 12.54 39.51 -12.09
CA LEU C 143 13.07 38.27 -11.51
C LEU C 143 11.97 37.23 -11.37
N ILE C 144 12.11 36.13 -12.11
CA ILE C 144 11.22 34.98 -11.93
C ILE C 144 11.97 33.87 -11.19
N VAL C 145 11.35 33.35 -10.14
CA VAL C 145 11.95 32.26 -9.38
C VAL C 145 10.92 31.18 -9.05
N SER C 146 11.38 29.95 -8.95
CA SER C 146 10.57 28.85 -8.45
C SER C 146 10.35 29.01 -6.95
N ASP C 147 9.12 28.74 -6.51
CA ASP C 147 8.75 28.92 -5.11
C ASP C 147 9.24 27.75 -4.27
N ASP C 148 10.53 27.45 -4.38
CA ASP C 148 11.18 26.50 -3.48
C ASP C 148 12.39 27.17 -2.82
N HIS C 149 13.09 26.41 -1.98
CA HIS C 149 14.20 26.96 -1.21
C HIS C 149 15.23 27.61 -2.13
N GLU C 150 15.58 26.91 -3.22
CA GLU C 150 16.63 27.38 -4.11
C GLU C 150 16.21 28.67 -4.80
N GLY C 151 14.98 28.71 -5.30
CA GLY C 151 14.46 29.88 -5.97
C GLY C 151 14.42 31.09 -5.05
N ARG C 152 13.98 30.85 -3.81
CA ARG C 152 13.85 31.93 -2.84
C ARG C 152 15.22 32.38 -2.34
N ALA C 153 16.17 31.46 -2.31
CA ALA C 153 17.54 31.78 -1.93
C ALA C 153 18.17 32.73 -2.93
N ALA C 154 17.90 32.50 -4.21
CA ALA C 154 18.44 33.34 -5.27
C ALA C 154 17.82 34.74 -5.22
N GLN C 155 16.50 34.78 -5.02
CA GLN C 155 15.80 36.05 -4.87
C GLN C 155 16.36 36.83 -3.68
N LYS C 156 16.52 36.15 -2.56
CA LYS C 156 17.02 36.78 -1.35
C LYS C 156 18.39 37.40 -1.59
N LYS C 157 19.23 36.68 -2.32
CA LYS C 157 20.61 37.11 -2.55
C LYS C 157 20.66 38.33 -3.47
N LEU C 158 19.86 38.29 -4.54
CA LEU C 158 19.81 39.40 -5.49
C LEU C 158 19.25 40.64 -4.83
N GLU C 159 18.15 40.47 -4.08
CA GLU C 159 17.49 41.58 -3.43
C GLU C 159 18.43 42.27 -2.45
N THR C 160 19.22 41.48 -1.74
CA THR C 160 20.22 42.02 -0.83
C THR C 160 21.21 42.91 -1.57
N LEU C 161 21.64 42.45 -2.73
CA LEU C 161 22.63 43.18 -3.52
C LEU C 161 22.03 44.47 -4.07
N LEU C 162 20.76 44.41 -4.47
CA LEU C 162 20.09 45.57 -5.03
C LEU C 162 19.73 46.57 -3.94
N GLU C 163 19.56 46.08 -2.72
CA GLU C 163 19.21 46.94 -1.58
C GLU C 163 20.44 47.22 -0.74
N GLY C 187 20.69 52.51 -7.99
CA GLY C 187 21.24 51.78 -9.14
C GLY C 187 20.18 50.95 -9.83
N PRO C 188 20.50 49.68 -10.11
CA PRO C 188 19.56 48.76 -10.74
C PRO C 188 18.51 48.26 -9.75
N LYS C 189 17.32 47.98 -10.24
CA LYS C 189 16.21 47.59 -9.38
C LYS C 189 15.39 46.47 -10.03
N ALA C 190 14.84 45.59 -9.20
CA ALA C 190 13.90 44.58 -9.66
C ALA C 190 12.50 45.17 -9.75
N ASP C 191 12.07 45.49 -10.97
CA ASP C 191 10.76 46.09 -11.19
C ASP C 191 9.67 45.22 -10.60
N LYS C 192 9.98 43.95 -10.39
CA LYS C 192 8.97 42.96 -9.99
C LYS C 192 9.63 41.61 -9.75
N VAL C 193 9.01 40.80 -8.89
CA VAL C 193 9.48 39.44 -8.66
C VAL C 193 8.32 38.46 -8.72
N LEU C 194 8.43 37.48 -9.61
CA LEU C 194 7.36 36.52 -9.83
C LEU C 194 7.77 35.14 -9.36
N GLN C 195 6.90 34.50 -8.60
CA GLN C 195 7.16 33.15 -8.09
C GLN C 195 6.10 32.18 -8.58
N PHE C 196 6.54 31.02 -9.05
CA PHE C 196 5.61 29.98 -9.50
C PHE C 196 5.85 28.69 -8.75
N GLU C 197 4.81 27.87 -8.65
CA GLU C 197 4.89 26.60 -7.94
C GLU C 197 5.74 25.60 -8.73
N PRO C 198 6.72 24.98 -8.05
CA PRO C 198 7.54 23.96 -8.69
C PRO C 198 6.71 22.81 -9.24
N GLY C 199 6.88 22.53 -10.53
CA GLY C 199 6.19 21.43 -11.18
C GLY C 199 5.00 21.90 -11.98
N THR C 200 4.84 23.21 -12.09
CA THR C 200 3.72 23.79 -12.83
C THR C 200 4.07 23.87 -14.32
N LYS C 201 3.35 23.10 -15.13
CA LYS C 201 3.63 23.02 -16.56
C LYS C 201 2.98 24.19 -17.30
N ASN C 202 1.85 24.65 -16.80
CA ASN C 202 1.16 25.80 -17.39
C ASN C 202 1.54 27.09 -16.67
N LEU C 203 2.52 27.81 -17.23
CA LEU C 203 2.98 29.06 -16.64
C LEU C 203 2.47 30.25 -17.44
N THR C 204 1.51 30.00 -18.32
CA THR C 204 0.97 31.04 -19.19
C THR C 204 0.51 32.23 -18.35
N ALA C 205 -0.21 31.95 -17.26
CA ALA C 205 -0.69 32.99 -16.36
C ALA C 205 0.45 33.89 -15.90
N LEU C 206 1.41 33.30 -15.18
CA LEU C 206 2.50 34.05 -14.57
C LEU C 206 3.24 34.88 -15.61
N LEU C 207 3.60 34.26 -16.73
CA LEU C 207 4.44 34.88 -17.74
C LEU C 207 3.74 36.06 -18.40
N LEU C 208 2.47 35.86 -18.74
CA LEU C 208 1.63 36.93 -19.27
C LEU C 208 1.77 38.19 -18.41
N GLU C 209 1.68 38.01 -17.10
CA GLU C 209 1.89 39.11 -16.16
C GLU C 209 3.28 39.72 -16.36
N ALA C 210 4.27 38.86 -16.57
CA ALA C 210 5.63 39.30 -16.85
C ALA C 210 5.70 40.04 -18.18
N LYS C 211 4.88 39.59 -19.14
CA LYS C 211 4.87 40.18 -20.47
C LYS C 211 4.29 41.59 -20.44
N GLU C 212 3.23 41.77 -19.64
CA GLU C 212 2.54 43.06 -19.57
C GLU C 212 3.47 44.16 -19.11
N LEU C 213 4.48 43.80 -18.34
CA LEU C 213 5.35 44.77 -17.69
C LEU C 213 6.30 45.43 -18.68
N GLU C 214 6.89 46.55 -18.28
CA GLU C 214 7.74 47.33 -19.16
C GLU C 214 9.09 46.65 -19.36
N ALA C 215 9.82 46.45 -18.27
CA ALA C 215 11.14 45.83 -18.33
C ALA C 215 11.15 44.68 -19.33
N ARG C 216 12.31 44.41 -19.91
CA ARG C 216 12.45 43.36 -20.91
C ARG C 216 13.61 42.43 -20.56
N VAL C 217 14.28 42.71 -19.45
CA VAL C 217 15.35 41.85 -18.96
C VAL C 217 14.81 40.89 -17.91
N ILE C 218 14.79 39.61 -18.24
CA ILE C 218 14.20 38.59 -17.36
C ILE C 218 15.29 37.70 -16.77
N ILE C 219 15.31 37.61 -15.45
CA ILE C 219 16.22 36.71 -14.75
C ILE C 219 15.45 35.52 -14.18
N LEU C 220 16.01 34.32 -14.32
CA LEU C 220 15.31 33.11 -13.95
C LEU C 220 16.15 32.24 -13.01
N SER C 221 15.55 31.87 -11.89
CA SER C 221 16.10 30.80 -11.05
C SER C 221 15.09 29.66 -10.94
N ALA C 222 15.44 28.52 -11.53
CA ALA C 222 14.53 27.38 -11.55
C ALA C 222 15.31 26.09 -11.83
N SER C 223 14.74 24.97 -11.41
CA SER C 223 15.31 23.66 -11.70
C SER C 223 15.29 23.40 -13.20
N GLU C 224 15.91 22.29 -13.61
CA GLU C 224 16.03 21.95 -15.01
C GLU C 224 14.66 21.81 -15.67
N ASP C 225 13.77 21.07 -15.03
CA ASP C 225 12.44 20.79 -15.58
C ASP C 225 11.56 22.05 -15.56
N ASP C 226 11.71 22.84 -14.49
CA ASP C 226 10.89 24.03 -14.31
C ASP C 226 11.29 25.12 -15.30
N ALA C 227 12.59 25.24 -15.55
CA ALA C 227 13.10 26.19 -16.53
C ALA C 227 12.59 25.83 -17.92
N THR C 228 12.47 24.53 -18.19
CA THR C 228 11.93 24.06 -19.46
C THR C 228 10.49 24.57 -19.62
N ALA C 229 9.69 24.43 -18.58
CA ALA C 229 8.29 24.85 -18.61
C ALA C 229 8.19 26.35 -18.89
N VAL C 230 9.02 27.13 -18.21
CA VAL C 230 9.06 28.56 -18.43
C VAL C 230 9.39 28.88 -19.88
N TYR C 231 10.42 28.22 -20.41
CA TYR C 231 10.89 28.48 -21.76
C TYR C 231 9.81 28.17 -22.79
N LYS C 232 9.15 27.02 -22.64
CA LYS C 232 8.08 26.63 -23.54
C LYS C 232 6.98 27.68 -23.55
N SER C 233 6.48 28.01 -22.36
CA SER C 233 5.39 28.97 -22.24
C SER C 233 5.81 30.34 -22.77
N ALA C 234 7.03 30.74 -22.45
CA ALA C 234 7.55 32.03 -22.89
C ALA C 234 7.60 32.09 -24.41
N ALA C 235 7.88 30.95 -25.05
CA ALA C 235 7.93 30.87 -26.50
C ALA C 235 6.54 31.09 -27.09
N MET C 236 5.55 30.40 -26.53
CA MET C 236 4.18 30.51 -27.01
C MET C 236 3.69 31.95 -26.98
N LEU C 237 4.31 32.75 -26.11
CA LEU C 237 3.88 34.13 -25.91
C LEU C 237 4.86 35.10 -26.56
N ASP C 238 5.69 34.58 -27.46
CA ASP C 238 6.62 35.42 -28.21
C ASP C 238 7.41 36.33 -27.29
N MET C 239 7.96 35.75 -26.22
CA MET C 239 8.74 36.51 -25.26
C MET C 239 10.22 36.12 -25.32
N THR C 240 10.56 35.31 -26.32
CA THR C 240 11.91 34.79 -26.43
C THR C 240 12.61 35.39 -27.64
N GLY C 241 12.00 36.43 -28.20
CA GLY C 241 12.50 37.04 -29.43
C GLY C 241 13.25 38.32 -29.18
N ALA C 242 13.28 39.20 -30.19
CA ALA C 242 14.04 40.43 -30.12
C ALA C 242 13.45 41.36 -29.06
N GLY C 243 14.32 42.14 -28.43
CA GLY C 243 13.89 43.10 -27.39
C GLY C 243 14.07 42.54 -25.99
N TYR C 244 13.91 41.22 -25.86
CA TYR C 244 14.04 40.57 -24.56
C TYR C 244 15.49 40.20 -24.27
N VAL C 245 15.81 40.10 -22.98
CA VAL C 245 17.07 39.52 -22.56
C VAL C 245 16.82 38.45 -21.49
N TRP C 246 17.36 37.27 -21.72
CA TRP C 246 17.20 36.16 -20.78
C TRP C 246 18.50 35.85 -20.05
N LEU C 247 18.49 36.10 -18.74
CA LEU C 247 19.69 35.95 -17.92
C LEU C 247 19.43 34.92 -16.83
N VAL C 248 20.18 33.82 -16.88
CA VAL C 248 19.91 32.69 -16.01
C VAL C 248 21.19 32.11 -15.41
N GLY C 249 21.05 31.03 -14.64
CA GLY C 249 22.19 30.37 -14.03
C GLY C 249 22.62 29.13 -14.79
N GLU C 250 22.99 28.09 -14.05
CA GLU C 250 23.60 26.91 -14.64
C GLU C 250 22.58 25.82 -14.92
N ARG C 251 21.69 25.58 -13.95
CA ARG C 251 20.67 24.56 -14.10
C ARG C 251 19.74 24.91 -15.26
N GLU C 252 19.59 26.20 -15.52
CA GLU C 252 18.56 26.68 -16.44
C GLU C 252 19.01 26.55 -17.89
N ILE C 253 20.29 26.23 -18.08
CA ILE C 253 20.78 25.85 -19.40
C ILE C 253 21.44 24.48 -19.33
N SER C 254 20.76 23.55 -18.67
CA SER C 254 21.24 22.19 -18.52
C SER C 254 20.17 21.19 -18.93
N GLY C 255 20.59 19.98 -19.28
CA GLY C 255 19.67 18.91 -19.64
C GLY C 255 18.59 19.39 -20.59
N SER C 256 17.34 19.13 -20.22
CA SER C 256 16.21 19.40 -21.11
C SER C 256 15.98 20.89 -21.28
N ALA C 257 16.44 21.68 -20.31
CA ALA C 257 16.24 23.12 -20.35
C ALA C 257 16.93 23.72 -21.58
N LEU C 258 18.09 23.17 -21.91
CA LEU C 258 18.84 23.61 -23.09
C LEU C 258 18.02 23.40 -24.36
N ARG C 259 17.27 22.30 -24.40
CA ARG C 259 16.51 21.94 -25.59
C ARG C 259 15.49 23.01 -25.95
N TYR C 260 14.93 23.66 -24.94
CA TYR C 260 13.83 24.60 -25.15
C TYR C 260 14.25 26.03 -24.82
N ALA C 261 15.49 26.19 -24.37
CA ALA C 261 16.04 27.51 -24.08
C ALA C 261 15.97 28.40 -25.32
N PRO C 262 15.66 29.68 -25.12
CA PRO C 262 15.58 30.65 -26.21
C PRO C 262 16.96 31.01 -26.76
N ASP C 263 17.06 31.11 -28.08
CA ASP C 263 18.32 31.48 -28.71
C ASP C 263 18.77 32.86 -28.26
N GLY C 264 20.05 32.95 -27.90
CA GLY C 264 20.63 34.23 -27.47
C GLY C 264 20.65 34.36 -25.95
N ILE C 265 20.10 33.36 -25.27
CA ILE C 265 20.07 33.36 -23.81
C ILE C 265 21.48 33.48 -23.24
N ILE C 266 21.58 34.03 -22.03
CA ILE C 266 22.85 34.11 -21.33
C ILE C 266 22.77 33.37 -20.00
N GLY C 267 23.65 32.38 -19.83
CA GLY C 267 23.67 31.57 -18.61
C GLY C 267 25.06 31.54 -17.99
N LEU C 268 25.21 30.70 -16.96
CA LEU C 268 26.47 30.60 -16.25
C LEU C 268 26.91 29.14 -16.11
N GLN C 269 28.19 28.96 -15.84
CA GLN C 269 28.74 27.62 -15.63
C GLN C 269 29.97 27.70 -14.73
N LEU C 270 29.83 27.19 -13.52
CA LEU C 270 30.90 27.24 -12.53
C LEU C 270 32.12 26.49 -13.03
N ILE C 271 33.20 27.22 -13.28
CA ILE C 271 34.43 26.63 -13.81
C ILE C 271 35.02 25.64 -12.81
N ASN C 272 35.20 24.41 -13.26
CA ASN C 272 35.73 23.35 -12.40
C ASN C 272 34.69 22.90 -11.39
N GLY C 273 33.44 23.29 -11.63
CA GLY C 273 32.36 23.07 -10.68
C GLY C 273 32.07 21.59 -10.46
N LYS C 274 32.45 20.77 -11.42
CA LYS C 274 32.16 19.34 -11.36
C LYS C 274 33.45 18.53 -11.35
N ASN C 275 34.59 19.22 -11.30
CA ASN C 275 35.89 18.57 -11.28
C ASN C 275 36.25 18.16 -9.86
N GLU C 276 35.84 16.95 -9.48
CA GLU C 276 36.04 16.46 -8.12
C GLU C 276 37.52 16.46 -7.75
N SER C 277 38.37 16.11 -8.72
CA SER C 277 39.82 16.05 -8.49
C SER C 277 40.35 17.41 -8.07
N ALA C 278 39.98 18.45 -8.81
CA ALA C 278 40.47 19.79 -8.56
C ALA C 278 40.10 20.24 -7.15
N HIS C 279 38.89 19.91 -6.72
CA HIS C 279 38.37 20.39 -5.45
C HIS C 279 38.92 19.57 -4.28
N ILE C 280 39.13 18.28 -4.50
CA ILE C 280 39.87 17.44 -3.56
C ILE C 280 41.21 18.09 -3.22
N SER C 281 41.93 18.48 -4.26
CA SER C 281 43.25 19.07 -4.10
C SER C 281 43.19 20.36 -3.29
N ASP C 282 42.25 21.23 -3.65
CA ASP C 282 42.13 22.55 -3.01
C ASP C 282 41.64 22.42 -1.57
N ALA C 283 40.65 21.56 -1.36
CA ALA C 283 40.09 21.34 -0.03
C ALA C 283 41.15 20.82 0.92
N VAL C 284 41.91 19.82 0.47
CA VAL C 284 42.97 19.23 1.28
C VAL C 284 44.01 20.29 1.66
N ALA C 285 44.38 21.12 0.70
CA ALA C 285 45.35 22.19 0.93
C ALA C 285 44.84 23.14 2.02
N VAL C 286 43.56 23.49 1.93
CA VAL C 286 42.95 24.41 2.89
C VAL C 286 42.87 23.77 4.27
N VAL C 287 42.43 22.52 4.32
CA VAL C 287 42.29 21.80 5.57
C VAL C 287 43.64 21.59 6.24
N ALA C 288 44.63 21.20 5.43
CA ALA C 288 45.99 20.99 5.93
C ALA C 288 46.52 22.27 6.58
N GLN C 289 46.29 23.41 5.91
CA GLN C 289 46.75 24.69 6.40
C GLN C 289 46.06 25.06 7.71
N ALA C 290 44.77 24.75 7.79
CA ALA C 290 43.99 25.06 8.98
C ALA C 290 44.41 24.20 10.16
N ILE C 291 44.82 22.96 9.87
CA ILE C 291 45.20 22.03 10.92
C ILE C 291 46.52 22.44 11.56
N HIS C 292 47.47 22.88 10.74
CA HIS C 292 48.75 23.34 11.23
C HIS C 292 48.59 24.65 12.01
N GLU C 293 47.60 25.43 11.62
CA GLU C 293 47.29 26.68 12.30
C GLU C 293 46.56 26.40 13.62
N LEU C 294 45.75 25.34 13.63
CA LEU C 294 45.05 24.94 14.84
C LEU C 294 46.03 24.50 15.92
N PHE C 295 47.07 23.77 15.52
CA PHE C 295 47.92 23.07 16.47
C PHE C 295 48.95 24.00 17.11
N GLU C 296 49.05 25.23 16.59
CA GLU C 296 49.89 26.23 17.22
C GLU C 296 49.06 27.10 18.16
N MET C 297 47.87 26.60 18.52
CA MET C 297 47.17 27.08 19.70
C MET C 297 47.27 26.04 20.81
N GLU C 298 46.77 26.38 21.99
CA GLU C 298 46.91 25.53 23.16
C GLU C 298 45.61 24.80 23.47
N ASN C 299 45.74 23.60 24.04
CA ASN C 299 44.58 22.84 24.50
C ASN C 299 43.77 22.31 23.33
N ILE C 300 44.44 21.75 22.35
CA ILE C 300 43.77 21.05 21.25
C ILE C 300 43.48 19.61 21.66
N THR C 301 42.20 19.26 21.67
CA THR C 301 41.78 17.91 22.03
C THR C 301 41.53 17.09 20.76
N ASP C 302 41.63 15.76 20.90
CA ASP C 302 41.39 14.86 19.79
C ASP C 302 39.89 14.60 19.62
N PRO C 303 39.46 14.44 18.36
CA PRO C 303 38.10 14.00 18.08
C PRO C 303 37.81 12.62 18.68
N PRO C 304 36.55 12.35 18.99
CA PRO C 304 36.19 11.04 19.52
C PRO C 304 36.60 9.91 18.59
N ARG C 305 37.06 8.80 19.18
CA ARG C 305 37.44 7.62 18.40
C ARG C 305 36.26 6.69 18.24
N GLY C 306 35.56 6.80 17.11
CA GLY C 306 34.39 5.99 16.85
C GLY C 306 33.13 6.66 17.37
N CYS C 307 31.97 6.07 17.03
CA CYS C 307 30.68 6.63 17.44
C CYS C 307 30.16 5.94 18.69
N VAL C 308 30.33 4.62 18.76
CA VAL C 308 29.76 3.82 19.83
C VAL C 308 30.26 4.31 21.20
N GLY C 309 29.32 4.73 22.04
CA GLY C 309 29.63 5.10 23.41
C GLY C 309 29.97 6.56 23.57
N ASN C 310 29.97 7.30 22.46
CA ASN C 310 30.34 8.71 22.47
C ASN C 310 29.15 9.57 22.05
N THR C 311 28.72 10.45 22.94
CA THR C 311 27.58 11.33 22.66
C THR C 311 27.92 12.79 22.92
N ASN C 312 29.13 13.05 23.42
CA ASN C 312 29.58 14.41 23.65
C ASN C 312 30.28 14.94 22.40
N ILE C 313 30.18 16.24 22.18
CA ILE C 313 30.79 16.88 21.02
C ILE C 313 32.31 16.94 21.18
N TRP C 314 33.01 16.94 20.05
CA TRP C 314 34.43 17.22 20.03
C TRP C 314 34.67 18.67 20.47
N LYS C 315 35.29 18.82 21.64
CA LYS C 315 35.35 20.12 22.31
C LYS C 315 36.11 21.15 21.46
N THR C 316 37.02 20.66 20.62
CA THR C 316 37.84 21.55 19.79
C THR C 316 37.18 21.78 18.43
N GLY C 317 36.09 21.06 18.16
CA GLY C 317 35.40 21.15 16.88
C GLY C 317 35.07 22.58 16.49
N PRO C 318 34.36 23.29 17.38
CA PRO C 318 33.93 24.66 17.11
C PRO C 318 35.11 25.58 16.80
N LEU C 319 36.20 25.39 17.53
CA LEU C 319 37.41 26.20 17.30
C LEU C 319 37.97 25.93 15.92
N PHE C 320 38.06 24.66 15.56
CA PHE C 320 38.61 24.25 14.28
C PHE C 320 37.75 24.77 13.14
N LYS C 321 36.44 24.86 13.37
CA LYS C 321 35.52 25.40 12.37
C LYS C 321 35.81 26.87 12.12
N ARG C 322 36.06 27.61 13.19
CA ARG C 322 36.37 29.03 13.08
C ARG C 322 37.66 29.24 12.29
N VAL C 323 38.68 28.44 12.60
CA VAL C 323 39.96 28.51 11.91
C VAL C 323 39.76 28.25 10.42
N LEU C 324 38.98 27.22 10.10
CA LEU C 324 38.69 26.88 8.71
C LEU C 324 37.96 28.01 8.01
N MET C 325 36.96 28.57 8.69
CA MET C 325 36.13 29.61 8.11
C MET C 325 36.98 30.78 7.62
N SER C 326 38.07 31.05 8.34
CA SER C 326 38.88 32.23 8.08
C SER C 326 40.19 31.86 7.39
N SER C 327 40.28 30.63 6.90
CA SER C 327 41.44 30.18 6.15
C SER C 327 41.42 30.73 4.72
N LYS C 328 42.56 31.23 4.27
CA LYS C 328 42.68 31.74 2.90
C LYS C 328 43.80 31.01 2.16
N TYR C 329 43.47 30.47 0.99
CA TYR C 329 44.46 29.79 0.15
C TYR C 329 44.43 30.36 -1.26
N PRO C 330 45.40 31.24 -1.57
CA PRO C 330 45.34 32.07 -2.77
C PRO C 330 45.59 31.30 -4.06
N ASP C 331 46.57 30.40 -4.01
CA ASP C 331 47.05 29.72 -5.22
C ASP C 331 46.41 28.35 -5.37
N GLY C 332 45.08 28.31 -5.35
CA GLY C 332 44.35 27.06 -5.51
C GLY C 332 44.09 26.72 -6.97
N VAL C 333 43.92 25.45 -7.26
CA VAL C 333 43.61 25.00 -8.62
C VAL C 333 42.36 25.70 -9.14
N THR C 334 41.37 25.86 -8.26
CA THR C 334 40.09 26.47 -8.63
C THR C 334 40.09 27.96 -8.32
N GLY C 335 41.25 28.47 -7.91
CA GLY C 335 41.42 29.91 -7.73
C GLY C 335 41.59 30.30 -6.28
N ARG C 336 41.27 31.55 -5.97
CA ARG C 336 41.38 32.08 -4.62
C ARG C 336 40.34 31.43 -3.71
N ILE C 337 40.82 30.78 -2.65
CA ILE C 337 39.94 30.03 -1.75
C ILE C 337 39.72 30.77 -0.44
N GLU C 338 38.52 31.31 -0.28
CA GLU C 338 38.06 31.83 1.02
C GLU C 338 36.62 31.39 1.27
N PHE C 339 36.15 31.61 2.48
CA PHE C 339 34.77 31.27 2.82
C PHE C 339 34.05 32.49 3.40
N ASN C 340 32.75 32.57 3.15
CA ASN C 340 31.93 33.64 3.72
C ASN C 340 31.30 33.19 5.04
N GLU C 341 30.36 33.98 5.54
CA GLU C 341 29.81 33.78 6.87
C GLU C 341 29.05 32.46 6.97
N ASP C 342 28.63 31.94 5.83
CA ASP C 342 27.86 30.70 5.79
C ASP C 342 28.76 29.51 5.51
N GLY C 343 30.06 29.77 5.41
CA GLY C 343 31.03 28.72 5.11
C GLY C 343 31.02 28.35 3.64
N ASP C 344 30.52 29.25 2.81
CA ASP C 344 30.42 29.01 1.38
C ASP C 344 31.61 29.65 0.65
N ARG C 345 31.98 29.05 -0.48
CA ARG C 345 33.14 29.49 -1.23
C ARG C 345 32.96 30.91 -1.75
N LYS C 346 34.03 31.71 -1.60
CA LYS C 346 34.07 33.04 -2.20
C LYS C 346 35.06 33.07 -3.36
N PHE C 347 34.94 34.10 -4.20
CA PHE C 347 35.84 34.27 -5.33
C PHE C 347 35.77 33.09 -6.28
N ALA C 348 34.58 32.52 -6.43
CA ALA C 348 34.35 31.47 -7.41
C ALA C 348 34.39 32.04 -8.82
N GLN C 349 34.72 31.19 -9.78
CA GLN C 349 34.85 31.62 -11.17
C GLN C 349 33.79 30.97 -12.04
N TYR C 350 33.18 31.79 -12.91
CA TYR C 350 32.10 31.31 -13.77
C TYR C 350 32.41 31.59 -15.23
N SER C 351 31.97 30.69 -16.10
CA SER C 351 31.93 30.97 -17.53
C SER C 351 30.60 31.63 -17.89
N ILE C 352 30.67 32.79 -18.52
CA ILE C 352 29.48 33.45 -19.05
C ILE C 352 29.16 32.91 -20.43
N MET C 353 28.06 32.16 -20.51
CA MET C 353 27.73 31.41 -21.72
C MET C 353 26.62 32.10 -22.49
N ASN C 354 26.64 31.93 -23.81
CA ASN C 354 25.63 32.53 -24.68
C ASN C 354 25.26 31.57 -25.80
N LEU C 355 23.96 31.34 -25.96
CA LEU C 355 23.47 30.35 -26.91
C LEU C 355 23.53 30.88 -28.34
N GLN C 356 24.57 30.52 -29.06
CA GLN C 356 24.75 30.94 -30.44
C GLN C 356 24.75 29.74 -31.38
N ASN C 357 23.95 29.84 -32.44
CA ASN C 357 23.96 28.83 -33.49
C ASN C 357 23.94 27.43 -32.90
N ARG C 358 23.01 27.20 -31.96
CA ARG C 358 22.75 25.87 -31.44
C ARG C 358 23.93 25.37 -30.60
N LYS C 359 24.78 26.30 -30.17
CA LYS C 359 25.93 25.95 -29.35
C LYS C 359 26.06 26.92 -28.17
N LEU C 360 26.35 26.37 -27.00
CA LEU C 360 26.72 27.19 -25.85
C LEU C 360 28.16 27.66 -25.95
N VAL C 361 28.35 28.95 -26.21
CA VAL C 361 29.68 29.49 -26.39
C VAL C 361 30.01 30.48 -25.28
N GLN C 362 31.26 30.46 -24.82
CA GLN C 362 31.71 31.31 -23.75
C GLN C 362 32.04 32.72 -24.26
N VAL C 363 31.31 33.71 -23.78
CA VAL C 363 31.51 35.09 -24.21
C VAL C 363 32.26 35.90 -23.16
N GLY C 364 32.69 35.22 -22.09
CA GLY C 364 33.45 35.87 -21.03
C GLY C 364 33.49 35.03 -19.77
N ILE C 365 34.11 35.58 -18.72
CA ILE C 365 34.19 34.89 -17.44
C ILE C 365 34.15 35.88 -16.29
N PHE C 366 33.51 35.47 -15.19
CA PHE C 366 33.58 36.22 -13.95
C PHE C 366 34.76 35.71 -13.12
N ASN C 367 35.79 36.54 -12.99
CA ASN C 367 37.08 36.09 -12.48
C ASN C 367 37.09 35.98 -10.96
N GLY C 368 35.94 36.25 -10.36
CA GLY C 368 35.80 36.12 -8.90
C GLY C 368 35.44 37.43 -8.25
N SER C 369 35.69 38.54 -8.95
CA SER C 369 35.44 39.87 -8.41
C SER C 369 35.09 40.86 -9.52
N TYR C 370 35.40 40.47 -10.76
CA TYR C 370 35.14 41.34 -11.91
C TYR C 370 34.84 40.51 -13.15
N ILE C 371 34.02 41.08 -14.03
CA ILE C 371 33.72 40.44 -15.31
C ILE C 371 34.83 40.70 -16.31
N ILE C 372 35.06 39.74 -17.19
CA ILE C 372 36.06 39.89 -18.24
C ILE C 372 35.53 39.35 -19.57
N GLN C 373 35.15 40.26 -20.45
CA GLN C 373 34.59 39.89 -21.75
C GLN C 373 35.69 39.45 -22.70
N ASN C 374 35.51 38.29 -23.32
CA ASN C 374 36.40 37.83 -24.38
C ASN C 374 35.91 38.33 -25.73
N ASP C 375 36.70 38.08 -26.78
CA ASP C 375 36.48 38.70 -28.08
C ASP C 375 35.14 38.28 -28.68
N ARG C 376 34.67 37.10 -28.31
CA ARG C 376 33.43 36.55 -28.87
C ARG C 376 32.28 37.53 -28.70
N LYS C 377 31.60 37.84 -29.79
CA LYS C 377 30.49 38.80 -29.77
C LYS C 377 29.20 38.13 -29.31
N ILE C 378 28.51 38.78 -28.37
CA ILE C 378 27.27 38.24 -27.82
C ILE C 378 26.13 38.41 -28.83
N ILE C 379 25.35 37.34 -29.01
CA ILE C 379 24.16 37.40 -29.84
C ILE C 379 22.91 37.32 -28.97
N TRP C 380 22.13 38.40 -28.96
CA TRP C 380 20.95 38.48 -28.11
C TRP C 380 19.76 37.80 -28.78
N PRO C 381 18.72 37.48 -27.99
CA PRO C 381 17.49 36.91 -28.50
C PRO C 381 16.93 37.73 -29.67
N GLY C 382 16.84 37.09 -30.84
CA GLY C 382 16.55 37.82 -32.08
C GLY C 382 17.77 37.88 -32.97
N GLY C 383 18.59 38.89 -32.76
CA GLY C 383 19.82 39.05 -33.54
C GLY C 383 20.53 40.36 -33.21
N PRO D 1 -7.19 -12.19 15.48
CA PRO D 1 -6.68 -11.32 14.42
C PRO D 1 -5.17 -11.40 14.28
N PRO D 2 -4.64 -10.97 13.13
CA PRO D 2 -3.20 -11.02 12.87
C PRO D 2 -2.42 -10.10 13.80
N SER D 3 -1.18 -10.46 14.08
CA SER D 3 -0.34 -9.72 15.01
C SER D 3 0.69 -8.87 14.27
N ILE D 4 0.84 -7.63 14.71
CA ILE D 4 1.87 -6.75 14.17
C ILE D 4 2.95 -6.51 15.21
N GLY D 5 4.21 -6.64 14.79
CA GLY D 5 5.34 -6.43 15.69
C GLY D 5 5.52 -4.96 16.04
N ILE D 6 5.68 -4.69 17.33
CA ILE D 6 6.00 -3.34 17.79
C ILE D 6 7.18 -3.38 18.76
N ALA D 7 8.30 -2.78 18.36
CA ALA D 7 9.49 -2.77 19.19
C ALA D 7 9.47 -1.56 20.14
N VAL D 8 9.42 -1.86 21.44
CA VAL D 8 9.51 -0.82 22.45
C VAL D 8 10.93 -0.76 23.00
N ILE D 9 11.65 0.31 22.67
CA ILE D 9 13.05 0.44 23.06
C ILE D 9 13.20 1.36 24.26
N LEU D 10 13.98 0.92 25.24
CA LEU D 10 14.12 1.65 26.49
C LEU D 10 15.60 1.90 26.80
N VAL D 11 15.98 3.17 26.84
CA VAL D 11 17.34 3.56 27.17
C VAL D 11 17.43 4.07 28.60
N GLY D 12 18.39 3.55 29.36
CA GLY D 12 18.57 3.95 30.74
C GLY D 12 17.63 3.23 31.69
N THR D 13 17.76 3.51 32.97
CA THR D 13 16.95 2.84 33.99
C THR D 13 15.47 2.98 33.68
N SER D 14 14.72 1.90 33.89
CA SER D 14 13.29 1.88 33.60
C SER D 14 12.68 0.58 34.13
N ASP D 15 11.48 0.67 34.67
CA ASP D 15 10.79 -0.51 35.20
C ASP D 15 10.04 -1.24 34.08
N GLU D 16 10.68 -2.26 33.53
CA GLU D 16 10.08 -3.06 32.47
C GLU D 16 8.78 -3.69 32.94
N VAL D 17 8.78 -4.16 34.18
CA VAL D 17 7.61 -4.81 34.75
C VAL D 17 6.43 -3.84 34.81
N ALA D 18 6.70 -2.63 35.30
CA ALA D 18 5.67 -1.61 35.43
C ALA D 18 5.17 -1.18 34.05
N ILE D 19 6.04 -1.29 33.05
CA ILE D 19 5.68 -0.93 31.68
C ILE D 19 4.81 -2.01 31.05
N LYS D 20 5.27 -3.26 31.11
CA LYS D 20 4.51 -4.38 30.58
C LYS D 20 3.17 -4.51 31.30
N ASP D 21 3.14 -4.06 32.54
CA ASP D 21 1.95 -4.16 33.37
C ASP D 21 0.85 -3.24 32.87
N ALA D 22 1.25 -2.13 32.25
CA ALA D 22 0.30 -1.10 31.83
C ALA D 22 -0.30 -1.41 30.46
N HIS D 23 0.14 -2.50 29.84
CA HIS D 23 -0.20 -2.78 28.45
C HIS D 23 -1.16 -3.96 28.33
N HIS D 30 -9.25 -6.05 20.27
CA HIS D 30 -10.62 -5.92 19.79
C HIS D 30 -10.65 -5.28 18.40
N LEU D 31 -9.49 -4.79 17.96
CA LEU D 31 -9.36 -4.18 16.65
C LEU D 31 -9.16 -5.24 15.57
N SER D 32 -8.91 -4.79 14.35
CA SER D 32 -8.63 -5.69 13.23
C SER D 32 -7.22 -6.25 13.35
N VAL D 33 -6.47 -5.78 14.34
CA VAL D 33 -5.09 -6.20 14.54
C VAL D 33 -4.71 -6.13 16.02
N VAL D 34 -3.80 -6.99 16.43
CA VAL D 34 -3.28 -6.97 17.80
C VAL D 34 -1.76 -6.83 17.81
N PRO D 35 -1.24 -6.14 18.82
CA PRO D 35 0.20 -5.87 18.92
C PRO D 35 0.99 -7.04 19.51
N ARG D 36 2.08 -7.40 18.84
CA ARG D 36 3.05 -8.33 19.42
C ARG D 36 4.25 -7.55 19.93
N VAL D 37 4.20 -7.17 21.19
CA VAL D 37 5.15 -6.20 21.74
C VAL D 37 6.46 -6.88 22.14
N GLU D 38 7.57 -6.23 21.85
CA GLU D 38 8.89 -6.73 22.22
C GLU D 38 9.72 -5.63 22.86
N LEU D 39 9.97 -5.74 24.16
CA LEU D 39 10.80 -4.79 24.89
C LEU D 39 12.27 -5.01 24.55
N VAL D 40 12.92 -3.95 24.09
CA VAL D 40 14.36 -3.98 23.86
C VAL D 40 15.05 -2.93 24.73
N ALA D 41 16.09 -3.35 25.44
CA ALA D 41 16.87 -2.45 26.26
C ALA D 41 18.15 -2.03 25.52
N MET D 42 18.44 -0.74 25.55
CA MET D 42 19.63 -0.21 24.89
C MET D 42 20.46 0.61 25.88
N ASN D 43 21.78 0.52 25.76
CA ASN D 43 22.69 1.11 26.73
C ASN D 43 23.32 2.40 26.19
N GLU D 44 23.38 2.52 24.87
CA GLU D 44 24.04 3.67 24.25
C GLU D 44 23.04 4.49 23.43
N THR D 45 23.42 5.72 23.11
CA THR D 45 22.54 6.63 22.38
C THR D 45 23.32 7.45 21.34
N ASP D 46 24.42 6.90 20.85
CA ASP D 46 25.12 7.49 19.73
C ASP D 46 24.46 7.05 18.42
N PRO D 47 24.82 7.72 17.30
CA PRO D 47 24.22 7.44 16.01
C PRO D 47 24.28 5.97 15.62
N LYS D 48 25.48 5.40 15.64
CA LYS D 48 25.69 4.02 15.20
C LYS D 48 24.87 3.05 16.05
N SER D 49 24.99 3.20 17.37
CA SER D 49 24.30 2.30 18.30
C SER D 49 22.80 2.29 18.03
N ILE D 50 22.23 3.48 17.87
CA ILE D 50 20.79 3.62 17.70
C ILE D 50 20.36 3.08 16.33
N ILE D 51 21.18 3.34 15.32
CA ILE D 51 20.88 2.88 13.97
C ILE D 51 20.98 1.36 13.87
N THR D 52 22.10 0.81 14.32
CA THR D 52 22.36 -0.62 14.21
C THR D 52 21.35 -1.41 15.04
N ARG D 53 20.89 -0.83 16.14
CA ARG D 53 19.96 -1.50 17.02
C ARG D 53 18.59 -1.64 16.38
N ILE D 54 18.07 -0.52 15.86
CA ILE D 54 16.78 -0.52 15.20
C ILE D 54 16.81 -1.35 13.92
N CYS D 55 17.94 -1.30 13.21
CA CYS D 55 18.10 -2.03 11.97
C CYS D 55 18.16 -3.54 12.21
N ASP D 56 18.85 -3.93 13.27
CA ASP D 56 18.92 -5.34 13.65
C ASP D 56 17.54 -5.87 14.02
N LEU D 57 16.79 -5.08 14.79
CA LEU D 57 15.41 -5.42 15.14
C LEU D 57 14.59 -5.65 13.88
N MET D 58 14.78 -4.78 12.89
CA MET D 58 13.95 -4.80 11.69
C MET D 58 14.28 -6.01 10.81
N SER D 59 15.46 -6.58 11.00
CA SER D 59 15.91 -7.70 10.18
C SER D 59 15.74 -9.03 10.91
N ASP D 60 15.38 -8.97 12.18
CA ASP D 60 15.25 -10.18 12.99
C ASP D 60 13.80 -10.40 13.41
N ARG D 61 12.97 -9.37 13.21
CA ARG D 61 11.53 -9.50 13.37
C ARG D 61 10.82 -8.57 12.39
N LYS D 62 9.50 -8.74 12.26
CA LYS D 62 8.71 -7.87 11.42
C LYS D 62 8.15 -6.71 12.23
N ILE D 63 8.87 -5.59 12.22
CA ILE D 63 8.49 -4.44 13.04
C ILE D 63 7.65 -3.46 12.23
N GLN D 64 6.41 -3.24 12.70
CA GLN D 64 5.50 -2.30 12.05
C GLN D 64 5.78 -0.88 12.54
N GLY D 65 6.33 -0.75 13.74
CA GLY D 65 6.57 0.54 14.35
C GLY D 65 7.47 0.45 15.58
N VAL D 66 8.01 1.59 15.99
CA VAL D 66 8.92 1.64 17.12
C VAL D 66 8.46 2.65 18.15
N VAL D 67 8.45 2.24 19.42
CA VAL D 67 8.20 3.15 20.52
C VAL D 67 9.47 3.36 21.33
N PHE D 68 9.98 4.59 21.35
CA PHE D 68 11.30 4.88 21.88
C PHE D 68 11.21 5.78 23.10
N ALA D 69 11.94 5.42 24.15
CA ALA D 69 12.02 6.23 25.35
C ALA D 69 13.41 6.17 25.96
N ASP D 70 13.96 7.33 26.30
CA ASP D 70 15.28 7.41 26.91
C ASP D 70 15.26 8.32 28.14
N ASP D 71 16.33 8.26 28.93
CA ASP D 71 16.39 9.02 30.17
C ASP D 71 17.47 10.10 30.10
N THR D 72 17.77 10.56 28.89
CA THR D 72 18.85 11.49 28.66
C THR D 72 18.32 12.90 28.35
N ASP D 73 19.24 13.86 28.27
CA ASP D 73 18.89 15.20 27.83
C ASP D 73 19.42 15.46 26.42
N GLN D 74 19.55 14.39 25.64
CA GLN D 74 20.19 14.46 24.33
C GLN D 74 19.15 14.63 23.23
N GLU D 75 18.93 15.88 22.83
CA GLU D 75 17.90 16.20 21.85
C GLU D 75 18.26 15.66 20.48
N ALA D 76 19.54 15.33 20.28
CA ALA D 76 20.03 14.82 19.00
C ALA D 76 19.40 13.46 18.70
N ILE D 77 19.07 12.72 19.74
CA ILE D 77 18.41 11.43 19.60
C ILE D 77 17.19 11.56 18.68
N ALA D 78 16.39 12.59 18.91
CA ALA D 78 15.17 12.81 18.14
C ALA D 78 15.50 12.98 16.67
N GLN D 79 16.58 13.70 16.38
CA GLN D 79 17.03 13.93 15.02
C GLN D 79 17.43 12.62 14.36
N ILE D 80 18.11 11.77 15.12
CA ILE D 80 18.58 10.47 14.63
C ILE D 80 17.39 9.59 14.28
N LEU D 81 16.35 9.63 15.11
CA LEU D 81 15.17 8.81 14.91
C LEU D 81 14.41 9.24 13.67
N ASP D 82 14.27 10.55 13.49
CA ASP D 82 13.64 11.11 12.31
C ASP D 82 14.32 10.60 11.04
N PHE D 83 15.65 10.62 11.04
CA PHE D 83 16.43 10.18 9.89
C PHE D 83 16.17 8.70 9.60
N ILE D 84 16.21 7.89 10.65
CA ILE D 84 15.94 6.47 10.53
C ILE D 84 14.50 6.23 10.05
N SER D 85 13.57 6.99 10.63
CA SER D 85 12.16 6.85 10.29
C SER D 85 11.93 7.11 8.80
N ALA D 86 12.56 8.16 8.30
CA ALA D 86 12.34 8.59 6.92
C ALA D 86 12.98 7.62 5.93
N GLN D 87 14.17 7.13 6.28
CA GLN D 87 14.93 6.27 5.38
C GLN D 87 14.28 4.89 5.25
N THR D 88 13.75 4.40 6.37
CA THR D 88 13.17 3.06 6.40
C THR D 88 11.65 3.13 6.27
N LEU D 89 11.11 4.34 6.26
CA LEU D 89 9.67 4.54 6.25
C LEU D 89 9.02 3.64 7.29
N THR D 90 9.45 3.80 8.53
CA THR D 90 8.88 3.07 9.66
C THR D 90 8.45 4.05 10.75
N PRO D 91 7.21 3.91 11.23
CA PRO D 91 6.70 4.79 12.28
C PRO D 91 7.53 4.69 13.56
N ILE D 92 7.98 5.85 14.05
CA ILE D 92 8.72 5.91 15.30
C ILE D 92 8.13 6.97 16.22
N LEU D 93 7.85 6.59 17.46
CA LEU D 93 7.33 7.53 18.46
C LEU D 93 8.38 7.82 19.52
N GLY D 94 8.81 9.07 19.59
CA GLY D 94 9.65 9.53 20.69
C GLY D 94 8.81 10.05 21.84
N ILE D 95 8.74 9.27 22.91
CA ILE D 95 7.71 9.47 23.93
C ILE D 95 8.28 10.05 25.23
N HIS D 96 9.59 9.97 25.38
CA HIS D 96 10.23 10.42 26.62
C HIS D 96 11.72 10.69 26.42
N GLY D 97 12.21 11.72 27.12
CA GLY D 97 13.64 12.01 27.13
C GLY D 97 14.07 12.84 25.94
N GLY D 98 15.32 12.62 25.50
CA GLY D 98 15.85 13.30 24.34
C GLY D 98 15.04 13.04 23.09
N SER D 99 14.45 11.85 23.00
CA SER D 99 13.69 11.45 21.82
C SER D 99 12.43 12.31 21.67
N SER D 100 12.01 12.93 22.76
CA SER D 100 10.75 13.67 22.77
C SER D 100 10.99 15.18 22.67
N MET D 101 12.26 15.57 22.64
CA MET D 101 12.62 16.99 22.57
C MET D 101 12.38 17.53 21.17
N ILE D 102 11.62 18.61 21.09
CA ILE D 102 11.12 19.12 19.81
C ILE D 102 12.17 18.97 18.71
N MET D 103 11.78 18.29 17.63
CA MET D 103 12.54 18.37 16.39
C MET D 103 11.74 19.14 15.35
N ALA D 104 12.17 20.37 15.10
CA ALA D 104 11.55 21.20 14.07
C ALA D 104 12.07 20.80 12.69
N ASP D 105 11.20 20.91 11.69
CA ASP D 105 11.57 20.57 10.32
C ASP D 105 11.96 19.09 10.21
N LYS D 106 11.01 18.21 10.53
CA LYS D 106 11.17 16.79 10.27
C LYS D 106 11.20 16.53 8.77
N ASP D 107 11.82 15.43 8.36
CA ASP D 107 11.95 15.11 6.95
C ASP D 107 10.58 15.03 6.29
N GLU D 108 10.54 15.26 4.98
CA GLU D 108 9.29 15.22 4.23
C GLU D 108 8.69 13.83 4.23
N SER D 109 9.54 12.82 4.37
CA SER D 109 9.12 11.42 4.32
C SER D 109 9.11 10.80 5.70
N SER D 110 9.28 11.64 6.72
CA SER D 110 9.39 11.14 8.09
C SER D 110 8.05 10.61 8.59
N MET D 111 8.12 9.54 9.39
CA MET D 111 6.96 9.07 10.13
C MET D 111 7.28 9.09 11.62
N PHE D 112 7.95 10.16 12.04
CA PHE D 112 8.41 10.29 13.42
C PHE D 112 7.53 11.27 14.19
N PHE D 113 6.93 10.78 15.26
CA PHE D 113 6.02 11.60 16.07
C PHE D 113 6.52 11.67 17.51
N GLN D 114 6.29 12.80 18.16
CA GLN D 114 6.83 13.03 19.50
C GLN D 114 5.74 13.40 20.49
N PHE D 115 5.82 12.84 21.69
CA PHE D 115 5.06 13.33 22.83
C PHE D 115 5.66 14.64 23.31
N GLY D 116 4.80 15.62 23.58
CA GLY D 116 5.25 16.94 23.99
C GLY D 116 4.72 18.04 23.11
N PRO D 117 4.87 19.29 23.54
CA PRO D 117 4.28 20.43 22.85
C PRO D 117 5.13 20.88 21.65
N SER D 118 4.46 21.40 20.62
CA SER D 118 5.14 22.05 19.52
C SER D 118 5.92 23.26 20.04
N ILE D 119 6.72 23.86 19.17
CA ILE D 119 7.43 25.08 19.50
C ILE D 119 6.46 26.25 19.65
N GLU D 120 5.48 26.30 18.75
CA GLU D 120 4.55 27.43 18.70
C GLU D 120 3.63 27.43 19.92
N GLN D 121 3.28 26.24 20.40
CA GLN D 121 2.41 26.10 21.56
C GLN D 121 3.12 26.60 22.82
N GLN D 122 4.38 26.23 22.96
CA GLN D 122 5.19 26.67 24.09
C GLN D 122 5.36 28.19 24.07
N ALA D 123 5.55 28.73 22.87
CA ALA D 123 5.73 30.17 22.70
C ALA D 123 4.50 30.91 23.23
N SER D 124 3.32 30.39 22.92
CA SER D 124 2.08 31.03 23.31
C SER D 124 1.84 30.86 24.81
N VAL D 125 2.27 29.72 25.34
CA VAL D 125 2.14 29.46 26.78
C VAL D 125 3.01 30.42 27.58
N MET D 126 4.17 30.76 27.03
CA MET D 126 5.05 31.72 27.66
C MET D 126 4.40 33.10 27.73
N LEU D 127 3.83 33.52 26.60
CA LEU D 127 3.20 34.83 26.50
C LEU D 127 2.01 34.93 27.44
N ASN D 128 1.32 33.81 27.64
CA ASN D 128 0.20 33.76 28.57
C ASN D 128 0.69 33.99 29.99
N ILE D 129 1.81 33.34 30.34
CA ILE D 129 2.44 33.56 31.63
C ILE D 129 2.80 35.03 31.79
N MET D 130 3.40 35.60 30.76
CA MET D 130 3.85 37.00 30.79
C MET D 130 2.65 37.93 30.91
N GLU D 131 1.53 37.56 30.27
CA GLU D 131 0.32 38.36 30.31
C GLU D 131 -0.30 38.33 31.70
N GLU D 132 -0.16 37.20 32.38
CA GLU D 132 -0.76 37.01 33.70
C GLU D 132 -0.19 38.00 34.71
N TYR D 133 1.12 38.21 34.65
CA TYR D 133 1.81 39.08 35.60
C TYR D 133 2.25 40.38 34.92
N ASP D 134 1.62 40.71 33.80
CA ASP D 134 1.88 41.97 33.11
C ASP D 134 3.38 42.17 32.87
N TRP D 135 4.04 41.13 32.36
CA TRP D 135 5.41 41.25 31.89
C TRP D 135 5.43 41.53 30.39
N TYR D 136 5.25 42.79 30.02
CA TYR D 136 4.98 43.15 28.63
C TYR D 136 6.25 43.58 27.91
N ILE D 137 7.32 43.80 28.67
CA ILE D 137 8.59 44.23 28.11
C ILE D 137 9.64 43.13 28.26
N PHE D 138 10.20 42.69 27.13
CA PHE D 138 11.03 41.50 27.11
C PHE D 138 11.97 41.49 25.90
N SER D 139 12.94 40.58 25.94
CA SER D 139 13.80 40.32 24.80
C SER D 139 13.87 38.82 24.53
N ILE D 140 14.36 38.44 23.36
CA ILE D 140 14.49 37.04 23.00
C ILE D 140 15.95 36.68 22.71
N VAL D 141 16.36 35.51 23.18
CA VAL D 141 17.67 34.97 22.84
C VAL D 141 17.53 33.53 22.36
N THR D 142 18.03 33.27 21.16
CA THR D 142 18.04 31.91 20.62
C THR D 142 19.41 31.60 20.04
N THR D 143 19.72 30.31 19.93
CA THR D 143 20.81 29.86 19.07
C THR D 143 20.24 29.53 17.69
N TYR D 144 20.99 28.76 16.91
CA TYR D 144 20.54 28.35 15.60
C TYR D 144 19.82 27.00 15.66
N PHE D 145 19.56 26.53 16.88
CA PHE D 145 18.89 25.25 17.07
C PHE D 145 17.56 25.24 16.31
N PRO D 146 17.38 24.25 15.43
CA PRO D 146 16.21 24.17 14.57
C PRO D 146 14.93 24.57 15.32
N GLY D 147 14.19 25.51 14.75
CA GLY D 147 12.91 25.93 15.31
C GLY D 147 13.00 27.32 15.92
N TYR D 148 14.20 27.87 15.95
CA TYR D 148 14.42 29.19 16.54
C TYR D 148 13.66 30.26 15.77
N GLN D 149 13.51 30.05 14.46
CA GLN D 149 12.77 30.98 13.62
C GLN D 149 11.28 30.87 13.88
N ASP D 150 10.79 29.65 14.01
CA ASP D 150 9.38 29.42 14.36
C ASP D 150 9.06 30.08 15.69
N PHE D 151 9.97 29.96 16.65
CA PHE D 151 9.75 30.50 17.97
C PHE D 151 9.64 32.02 17.93
N VAL D 152 10.62 32.66 17.30
CA VAL D 152 10.64 34.11 17.18
C VAL D 152 9.44 34.61 16.39
N ASN D 153 9.17 33.96 15.27
CA ASN D 153 8.07 34.36 14.39
C ASN D 153 6.73 34.25 15.11
N LYS D 154 6.57 33.19 15.90
CA LYS D 154 5.33 32.97 16.63
C LYS D 154 5.10 34.07 17.65
N ILE D 155 6.13 34.38 18.43
CA ILE D 155 6.08 35.49 19.37
C ILE D 155 5.71 36.78 18.64
N ARG D 156 6.46 37.09 17.59
CA ARG D 156 6.26 38.33 16.84
C ARG D 156 4.85 38.42 16.29
N SER D 157 4.36 37.31 15.72
CA SER D 157 3.04 37.28 15.11
C SER D 157 1.96 37.54 16.15
N THR D 158 2.19 37.05 17.37
CA THR D 158 1.18 37.10 18.42
C THR D 158 1.06 38.52 18.99
N ILE D 159 2.19 39.18 19.19
CA ILE D 159 2.21 40.49 19.83
C ILE D 159 1.85 41.60 18.84
N GLU D 160 2.11 41.35 17.56
CA GLU D 160 1.73 42.29 16.51
C GLU D 160 0.22 42.26 16.30
N ASN D 161 -0.41 41.17 16.74
CA ASN D 161 -1.86 41.01 16.62
C ASN D 161 -2.54 41.29 17.96
N SER D 162 -1.94 42.16 18.76
CA SER D 162 -2.41 42.39 20.12
C SER D 162 -2.67 43.86 20.38
N PHE D 163 -3.75 44.15 21.09
CA PHE D 163 -4.01 45.49 21.61
C PHE D 163 -3.26 45.70 22.90
N VAL D 164 -2.61 44.64 23.39
CA VAL D 164 -1.79 44.72 24.58
C VAL D 164 -0.48 45.44 24.28
N GLY D 165 0.05 46.15 25.27
CA GLY D 165 1.24 46.97 25.08
C GLY D 165 2.52 46.16 25.20
N TRP D 166 2.68 45.19 24.31
CA TRP D 166 3.92 44.42 24.26
C TRP D 166 5.07 45.28 23.74
N GLU D 167 6.25 45.09 24.31
CA GLU D 167 7.45 45.78 23.85
C GLU D 167 8.62 44.81 23.71
N LEU D 168 8.77 44.25 22.52
CA LEU D 168 9.90 43.38 22.21
C LEU D 168 11.14 44.24 21.91
N GLU D 169 12.10 44.23 22.85
CA GLU D 169 13.18 45.21 22.81
C GLU D 169 14.34 44.74 21.94
N GLU D 170 14.71 43.48 22.08
CA GLU D 170 15.88 42.94 21.39
C GLU D 170 15.70 41.46 21.07
N VAL D 171 16.21 41.05 19.91
CA VAL D 171 16.30 39.63 19.56
C VAL D 171 17.75 39.27 19.23
N LEU D 172 18.34 38.41 20.06
CA LEU D 172 19.72 37.98 19.86
C LEU D 172 19.77 36.61 19.21
N LEU D 173 20.73 36.43 18.30
CA LEU D 173 20.95 35.14 17.64
C LEU D 173 22.38 34.70 17.87
N LEU D 174 22.56 33.74 18.79
CA LEU D 174 23.89 33.32 19.20
C LEU D 174 24.36 32.14 18.35
N ASP D 175 25.55 32.29 17.76
CA ASP D 175 26.15 31.23 16.96
C ASP D 175 27.08 30.38 17.79
N MET D 176 26.58 29.24 18.26
CA MET D 176 27.35 28.40 19.17
C MET D 176 27.94 27.20 18.44
N SER D 177 28.15 27.36 17.13
CA SER D 177 28.87 26.37 16.34
C SER D 177 30.35 26.74 16.27
N LEU D 178 30.65 27.99 16.61
CA LEU D 178 32.03 28.45 16.69
C LEU D 178 32.44 28.59 18.16
N ASP D 179 33.75 28.56 18.41
CA ASP D 179 34.26 28.73 19.76
C ASP D 179 33.99 30.14 20.25
N ASP D 180 34.07 30.34 21.56
CA ASP D 180 33.79 31.64 22.15
C ASP D 180 35.02 32.20 22.85
N GLY D 181 36.15 32.18 22.15
CA GLY D 181 37.40 32.68 22.70
C GLY D 181 37.54 34.18 22.57
N ASP D 182 36.75 34.76 21.67
CA ASP D 182 36.77 36.21 21.46
C ASP D 182 35.68 36.90 22.27
N SER D 183 35.02 36.13 23.13
CA SER D 183 33.98 36.66 24.00
C SER D 183 32.91 37.40 23.20
N LYS D 184 32.49 36.78 22.10
CA LYS D 184 31.45 37.35 21.24
C LYS D 184 30.08 37.26 21.91
N ILE D 185 29.77 36.09 22.45
CA ILE D 185 28.49 35.86 23.11
C ILE D 185 28.30 36.86 24.24
N GLN D 186 29.36 37.10 25.00
CA GLN D 186 29.32 38.05 26.10
C GLN D 186 28.94 39.44 25.60
N ASN D 187 29.52 39.85 24.48
CA ASN D 187 29.28 41.17 23.91
C ASN D 187 27.82 41.29 23.47
N GLN D 188 27.24 40.19 23.01
CA GLN D 188 25.86 40.18 22.54
C GLN D 188 24.89 40.26 23.72
N LEU D 189 25.18 39.51 24.78
CA LEU D 189 24.31 39.45 25.94
C LEU D 189 24.27 40.79 26.67
N LYS D 190 25.33 41.57 26.52
CA LYS D 190 25.45 42.85 27.20
C LYS D 190 24.44 43.86 26.66
N LYS D 191 23.87 43.56 25.49
CA LYS D 191 22.91 44.45 24.86
C LYS D 191 21.56 44.41 25.56
N LEU D 192 21.34 43.37 26.36
CA LEU D 192 20.03 43.10 26.93
C LEU D 192 19.70 44.09 28.04
N GLN D 193 18.48 44.61 28.00
CA GLN D 193 18.01 45.56 29.02
C GLN D 193 16.77 45.00 29.73
N SER D 194 15.97 44.26 28.98
CA SER D 194 14.65 43.84 29.46
C SER D 194 14.76 43.05 30.75
N PRO D 195 13.68 43.08 31.56
CA PRO D 195 13.57 42.27 32.77
C PRO D 195 13.16 40.83 32.47
N ILE D 196 12.49 40.62 31.34
CA ILE D 196 12.11 39.28 30.90
C ILE D 196 12.93 38.88 29.67
N ILE D 197 13.44 37.65 29.69
CA ILE D 197 14.21 37.14 28.56
C ILE D 197 13.76 35.73 28.20
N LEU D 198 13.25 35.58 26.98
CA LEU D 198 12.88 34.28 26.45
C LEU D 198 14.08 33.63 25.77
N LEU D 199 14.39 32.40 26.17
CA LEU D 199 15.58 31.71 25.69
C LEU D 199 15.21 30.40 24.99
N TYR D 200 15.49 30.33 23.69
CA TYR D 200 15.28 29.11 22.93
C TYR D 200 16.62 28.50 22.51
N CYS D 201 16.91 27.32 23.04
CA CYS D 201 18.15 26.63 22.75
C CYS D 201 18.12 25.25 23.43
N THR D 202 19.24 24.54 23.37
CA THR D 202 19.33 23.23 24.00
C THR D 202 19.77 23.35 25.45
N LYS D 203 19.65 22.25 26.19
CA LYS D 203 19.99 22.25 27.60
C LYS D 203 21.47 22.56 27.79
N GLU D 204 22.32 21.93 26.98
CA GLU D 204 23.76 22.17 27.06
C GLU D 204 24.09 23.61 26.67
N GLU D 205 23.43 24.10 25.63
CA GLU D 205 23.65 25.47 25.17
C GLU D 205 23.23 26.47 26.24
N ALA D 206 22.10 26.21 26.89
CA ALA D 206 21.60 27.08 27.95
C ALA D 206 22.59 27.15 29.11
N THR D 207 23.23 26.02 29.40
CA THR D 207 24.19 25.95 30.49
C THR D 207 25.32 26.96 30.28
N TYR D 208 25.81 27.04 29.05
CA TYR D 208 26.90 27.95 28.73
C TYR D 208 26.42 29.39 28.71
N ILE D 209 25.25 29.61 28.09
CA ILE D 209 24.70 30.95 27.94
C ILE D 209 24.38 31.56 29.30
N PHE D 210 23.95 30.73 30.24
CA PHE D 210 23.67 31.18 31.60
C PHE D 210 24.96 31.54 32.33
N GLU D 211 26.00 30.75 32.11
CA GLU D 211 27.30 31.05 32.70
C GLU D 211 27.77 32.43 32.28
N VAL D 212 27.63 32.73 31.00
CA VAL D 212 28.05 34.02 30.45
C VAL D 212 27.12 35.12 30.92
N ALA D 213 25.82 34.83 30.94
CA ALA D 213 24.82 35.81 31.38
C ALA D 213 25.06 36.21 32.82
N ASN D 214 25.42 35.23 33.65
CA ASN D 214 25.75 35.48 35.05
C ASN D 214 26.98 36.39 35.15
N SER D 215 27.96 36.15 34.30
CA SER D 215 29.19 36.93 34.30
C SER D 215 28.90 38.42 34.17
N VAL D 216 27.85 38.76 33.42
CA VAL D 216 27.53 40.14 33.14
C VAL D 216 26.25 40.59 33.85
N GLY D 217 25.87 39.82 34.87
CA GLY D 217 24.82 40.25 35.80
C GLY D 217 23.45 40.34 35.16
N LEU D 218 23.00 39.22 34.59
CA LEU D 218 21.70 39.18 33.93
C LEU D 218 20.82 38.07 34.49
N THR D 219 21.19 37.54 35.66
CA THR D 219 20.54 36.35 36.18
C THR D 219 20.04 36.56 37.61
N GLY D 220 20.27 37.73 38.17
CA GLY D 220 19.88 38.01 39.54
C GLY D 220 18.42 38.37 39.66
N TYR D 221 18.04 38.97 40.78
CA TYR D 221 16.75 39.64 40.90
C TYR D 221 16.64 40.69 39.81
N GLY D 222 15.43 40.87 39.29
CA GLY D 222 15.18 41.87 38.26
C GLY D 222 15.18 41.26 36.87
N TYR D 223 15.80 40.11 36.72
CA TYR D 223 15.80 39.38 35.45
C TYR D 223 15.14 38.01 35.62
N THR D 224 14.13 37.75 34.80
CA THR D 224 13.47 36.46 34.78
C THR D 224 13.60 35.80 33.42
N TRP D 225 14.24 34.64 33.39
CA TRP D 225 14.41 33.88 32.16
C TRP D 225 13.33 32.81 32.01
N ILE D 226 12.79 32.68 30.81
CA ILE D 226 11.79 31.66 30.53
C ILE D 226 12.23 30.79 29.37
N VAL D 227 12.35 29.48 29.63
CA VAL D 227 12.85 28.54 28.65
C VAL D 227 11.81 27.47 28.34
N PRO D 228 11.96 26.78 27.21
CA PRO D 228 11.02 25.72 26.85
C PRO D 228 11.40 24.38 27.45
N SER D 229 10.56 23.37 27.22
CA SER D 229 10.68 22.09 27.91
C SER D 229 12.10 21.53 27.83
N LEU D 230 12.72 21.63 26.65
CA LEU D 230 13.93 20.86 26.37
C LEU D 230 15.15 21.42 27.13
N VAL D 231 15.04 22.65 27.60
CA VAL D 231 16.11 23.26 28.38
C VAL D 231 16.09 22.73 29.80
N ALA D 232 14.90 22.68 30.40
CA ALA D 232 14.71 21.99 31.67
C ALA D 232 15.00 20.51 31.51
N GLY D 233 14.53 19.93 30.41
CA GLY D 233 14.72 18.52 30.14
C GLY D 233 14.39 17.67 31.34
N ASP D 234 15.30 16.74 31.67
CA ASP D 234 15.17 15.93 32.87
C ASP D 234 15.29 16.82 34.11
N THR D 235 14.20 16.98 34.83
CA THR D 235 14.12 17.95 35.92
C THR D 235 14.82 17.42 37.17
N ASP D 236 15.35 16.20 37.08
CA ASP D 236 16.16 15.64 38.15
C ASP D 236 17.63 15.96 37.94
N THR D 237 17.94 16.54 36.78
CA THR D 237 19.30 16.97 36.48
C THR D 237 19.34 18.48 36.28
N VAL D 238 19.80 19.18 37.30
CA VAL D 238 19.80 20.64 37.28
C VAL D 238 21.22 21.19 37.31
N PRO D 239 21.72 21.64 36.15
CA PRO D 239 23.04 22.24 36.08
C PRO D 239 23.18 23.40 37.06
N SER D 240 24.35 23.52 37.68
CA SER D 240 24.58 24.56 38.68
C SER D 240 24.51 25.95 38.06
N GLU D 241 24.63 26.00 36.74
CA GLU D 241 24.65 27.28 36.03
C GLU D 241 23.25 27.86 35.91
N PHE D 242 22.25 26.99 35.88
CA PHE D 242 20.85 27.42 35.83
C PHE D 242 20.56 28.37 36.99
N PRO D 243 19.99 29.54 36.68
CA PRO D 243 19.70 30.56 37.68
C PRO D 243 18.42 30.27 38.45
N THR D 244 18.50 30.35 39.77
CA THR D 244 17.31 30.31 40.61
C THR D 244 16.29 31.35 40.13
N GLY D 245 15.05 30.93 39.94
CA GLY D 245 14.01 31.80 39.40
C GLY D 245 13.72 31.49 37.95
N LEU D 246 14.46 30.54 37.39
CA LEU D 246 14.25 30.11 36.01
C LEU D 246 12.85 29.51 35.85
N ILE D 247 12.13 30.00 34.85
CA ILE D 247 10.81 29.46 34.52
C ILE D 247 10.89 28.60 33.28
N SER D 248 10.16 27.49 33.28
CA SER D 248 10.11 26.60 32.13
C SER D 248 8.73 25.99 31.96
N VAL D 249 8.29 25.88 30.71
CA VAL D 249 7.22 24.97 30.35
C VAL D 249 7.77 23.56 30.24
N SER D 250 7.08 22.59 30.84
CA SER D 250 7.60 21.23 30.91
C SER D 250 6.57 20.19 30.51
N TYR D 251 6.99 19.26 29.66
CA TYR D 251 6.30 18.00 29.50
C TYR D 251 7.24 16.85 29.83
N ASP D 252 7.91 16.99 30.97
CA ASP D 252 8.60 15.87 31.60
C ASP D 252 7.60 15.08 32.43
N GLU D 253 7.80 13.76 32.51
CA GLU D 253 6.82 12.89 33.13
C GLU D 253 6.39 13.44 34.48
N TRP D 254 5.25 14.13 34.50
CA TRP D 254 4.70 14.70 35.73
C TRP D 254 3.45 13.94 36.16
N ASP D 255 2.39 14.07 35.36
CA ASP D 255 1.16 13.32 35.60
C ASP D 255 0.99 12.24 34.54
N TYR D 256 1.84 12.27 33.52
CA TYR D 256 1.76 11.32 32.42
C TYR D 256 3.00 10.44 32.40
N GLY D 257 2.94 9.34 33.15
CA GLY D 257 4.12 8.53 33.42
C GLY D 257 4.55 7.71 32.22
N LEU D 258 5.77 7.17 32.31
CA LEU D 258 6.35 6.40 31.23
C LEU D 258 5.48 5.19 30.86
N PRO D 259 5.05 4.43 31.88
CA PRO D 259 4.20 3.27 31.65
C PRO D 259 2.95 3.62 30.83
N ALA D 260 2.26 4.68 31.23
CA ALA D 260 1.08 5.14 30.50
C ALA D 260 1.44 5.55 29.09
N ARG D 261 2.67 6.03 28.92
CA ARG D 261 3.13 6.50 27.62
C ARG D 261 3.43 5.32 26.68
N VAL D 262 4.20 4.36 27.18
CA VAL D 262 4.49 3.16 26.40
C VAL D 262 3.20 2.46 25.99
N ARG D 263 2.21 2.49 26.86
CA ARG D 263 0.90 1.92 26.55
C ARG D 263 0.27 2.66 25.37
N ASP D 264 0.21 3.99 25.48
CA ASP D 264 -0.47 4.81 24.49
C ASP D 264 0.27 4.79 23.16
N GLY D 265 1.59 4.67 23.21
CA GLY D 265 2.39 4.54 22.01
C GLY D 265 2.06 3.27 21.24
N ILE D 266 1.95 2.16 21.97
CA ILE D 266 1.56 0.89 21.39
C ILE D 266 0.15 0.98 20.82
N ALA D 267 -0.72 1.72 21.51
CA ALA D 267 -2.11 1.86 21.10
C ALA D 267 -2.22 2.65 19.80
N ILE D 268 -1.42 3.71 19.69
CA ILE D 268 -1.45 4.58 18.53
C ILE D 268 -1.09 3.80 17.26
N ILE D 269 0.00 3.04 17.34
CA ILE D 269 0.50 2.30 16.20
C ILE D 269 -0.49 1.21 15.77
N THR D 270 -0.87 0.36 16.73
CA THR D 270 -1.84 -0.69 16.47
C THR D 270 -3.11 -0.12 15.86
N THR D 271 -3.72 0.83 16.56
CA THR D 271 -4.98 1.43 16.13
C THR D 271 -4.87 1.96 14.70
N ALA D 272 -3.74 2.62 14.42
CA ALA D 272 -3.50 3.17 13.09
C ALA D 272 -3.47 2.06 12.04
N ALA D 273 -2.80 0.97 12.36
CA ALA D 273 -2.70 -0.17 11.46
C ALA D 273 -4.07 -0.80 11.25
N SER D 274 -4.84 -0.91 12.33
CA SER D 274 -6.18 -1.47 12.26
C SER D 274 -7.08 -0.64 11.35
N ASP D 275 -6.98 0.69 11.49
CA ASP D 275 -7.79 1.60 10.71
C ASP D 275 -7.45 1.50 9.23
N MET D 276 -6.15 1.49 8.93
CA MET D 276 -5.69 1.39 7.54
C MET D 276 -6.08 0.04 6.95
N LEU D 277 -5.97 -1.01 7.75
CA LEU D 277 -6.26 -2.36 7.29
C LEU D 277 -7.74 -2.52 6.95
N SER D 278 -8.60 -1.91 7.76
CA SER D 278 -10.04 -2.11 7.62
C SER D 278 -10.63 -1.14 6.61
N GLU D 279 -9.76 -0.39 5.94
CA GLU D 279 -10.19 0.54 4.90
C GLU D 279 -9.57 0.20 3.54
N HIS D 280 -8.34 -0.30 3.56
CA HIS D 280 -7.61 -0.57 2.33
C HIS D 280 -7.30 -2.06 2.20
N SER D 281 -7.57 -2.81 3.25
CA SER D 281 -7.37 -4.26 3.23
C SER D 281 -5.90 -4.61 3.12
N PHE D 282 -5.04 -3.71 3.59
CA PHE D 282 -3.61 -3.98 3.67
C PHE D 282 -2.90 -2.97 4.56
N ILE D 283 -1.76 -3.40 5.11
CA ILE D 283 -0.83 -2.47 5.77
C ILE D 283 0.57 -2.62 5.18
N PRO D 284 1.41 -1.59 5.37
CA PRO D 284 2.77 -1.63 4.87
C PRO D 284 3.54 -2.82 5.41
N GLU D 285 4.16 -3.60 4.53
CA GLU D 285 5.00 -4.70 4.94
C GLU D 285 6.31 -4.18 5.53
N PRO D 286 6.63 -4.61 6.76
CA PRO D 286 7.81 -4.14 7.48
C PRO D 286 9.09 -4.30 6.67
N LYS D 287 9.94 -3.27 6.70
CA LYS D 287 11.21 -3.31 6.01
C LYS D 287 12.06 -4.47 6.51
N SER D 288 12.51 -5.32 5.59
CA SER D 288 13.32 -6.49 5.96
C SER D 288 14.73 -6.07 6.34
N SER D 289 15.12 -4.86 5.95
CA SER D 289 16.44 -4.33 6.31
C SER D 289 16.53 -2.84 5.97
N CYS D 290 17.54 -2.19 6.53
CA CYS D 290 17.82 -0.79 6.21
C CYS D 290 18.72 -0.69 4.99
N TYR D 291 19.40 -1.80 4.67
CA TYR D 291 20.47 -1.79 3.69
C TYR D 291 19.96 -1.90 2.27
N ASN D 292 18.65 -2.05 2.11
CA ASN D 292 18.04 -2.24 0.81
C ASN D 292 16.84 -1.32 0.61
N THR D 293 16.92 -0.12 1.18
CA THR D 293 15.82 0.83 1.13
C THR D 293 15.77 1.55 -0.21
N HIS D 294 16.94 1.76 -0.80
CA HIS D 294 17.05 2.48 -2.06
C HIS D 294 16.32 1.74 -3.18
N GLU D 295 16.42 0.42 -3.17
CA GLU D 295 15.79 -0.41 -4.19
C GLU D 295 14.26 -0.38 -4.06
N LYS D 296 13.79 -0.58 -2.84
CA LYS D 296 12.39 -0.94 -2.62
C LYS D 296 11.55 0.26 -2.18
N ARG D 297 11.82 1.42 -2.78
CA ARG D 297 11.17 2.64 -2.35
C ARG D 297 10.01 3.03 -3.27
N ILE D 298 10.02 2.51 -4.50
CA ILE D 298 8.86 2.61 -5.37
C ILE D 298 7.73 1.75 -4.83
N TYR D 299 8.04 0.96 -3.80
CA TYR D 299 7.09 0.03 -3.22
C TYR D 299 6.68 0.47 -1.81
N GLN D 300 7.26 1.58 -1.36
CA GLN D 300 7.01 2.07 -0.01
C GLN D 300 6.46 3.50 -0.05
N SER D 301 5.87 3.93 1.05
CA SER D 301 5.24 5.26 1.10
C SER D 301 4.99 5.73 2.53
N ASN D 302 4.31 6.87 2.63
CA ASN D 302 4.04 7.51 3.92
C ASN D 302 2.72 7.00 4.51
N MET D 303 1.99 6.24 3.72
CA MET D 303 0.54 6.17 3.85
C MET D 303 0.08 6.12 5.31
N LEU D 304 0.76 5.31 6.11
CA LEU D 304 0.28 5.00 7.45
C LEU D 304 0.24 6.25 8.35
N ASN D 305 0.79 7.35 7.86
CA ASN D 305 0.87 8.58 8.64
C ASN D 305 -0.51 9.16 8.90
N ARG D 306 -1.35 9.19 7.87
CA ARG D 306 -2.66 9.83 7.98
C ARG D 306 -3.54 9.14 9.02
N TYR D 307 -3.14 7.93 9.39
CA TYR D 307 -3.86 7.18 10.41
C TYR D 307 -3.18 7.31 11.77
N LEU D 308 -1.86 7.50 11.75
CA LEU D 308 -1.09 7.61 12.98
C LEU D 308 -1.44 8.87 13.75
N ILE D 309 -1.93 9.89 13.03
CA ILE D 309 -2.12 11.21 13.62
C ILE D 309 -3.56 11.43 14.07
N ASN D 310 -4.39 10.41 13.91
CA ASN D 310 -5.84 10.58 14.07
C ASN D 310 -6.42 9.53 15.01
N VAL D 311 -5.64 9.14 16.01
CA VAL D 311 -6.01 8.00 16.87
C VAL D 311 -6.68 8.47 18.16
N THR D 312 -7.77 7.79 18.53
CA THR D 312 -8.38 7.96 19.85
C THR D 312 -8.53 6.59 20.52
N PHE D 313 -7.92 6.43 21.69
CA PHE D 313 -7.77 5.11 22.30
C PHE D 313 -8.65 4.97 23.54
N GLU D 314 -9.91 4.64 23.32
CA GLU D 314 -10.81 4.25 24.41
C GLU D 314 -11.32 5.47 25.16
N GLY D 315 -10.51 6.52 25.21
CA GLY D 315 -10.86 7.70 26.00
C GLY D 315 -10.45 9.00 25.33
N ARG D 316 -9.16 9.15 25.08
CA ARG D 316 -8.60 10.44 24.68
C ARG D 316 -8.33 10.48 23.18
N ASP D 317 -8.28 11.69 22.63
CA ASP D 317 -7.74 11.93 21.30
C ASP D 317 -6.24 12.11 21.39
N LEU D 318 -5.51 11.02 21.15
CA LEU D 318 -4.06 11.05 21.16
C LEU D 318 -3.54 11.61 19.84
N SER D 319 -4.24 12.60 19.30
CA SER D 319 -3.93 13.14 17.99
C SER D 319 -2.52 13.70 17.95
N PHE D 320 -1.91 13.66 16.76
CA PHE D 320 -0.68 14.41 16.51
C PHE D 320 -0.95 15.49 15.47
N SER D 321 -0.09 16.50 15.43
CA SER D 321 -0.06 17.43 14.32
C SER D 321 0.64 16.80 13.12
N GLU D 322 0.43 17.38 11.94
CA GLU D 322 1.13 16.94 10.74
C GLU D 322 2.62 17.25 10.86
N ASP D 323 2.95 18.12 11.80
CA ASP D 323 4.34 18.47 12.06
C ASP D 323 4.97 17.48 13.03
N GLY D 324 4.14 16.63 13.64
CA GLY D 324 4.61 15.46 14.35
C GLY D 324 4.78 15.69 15.85
N TYR D 325 3.89 16.51 16.42
CA TYR D 325 3.87 16.70 17.87
C TYR D 325 2.46 16.53 18.42
N GLN D 326 2.37 16.32 19.73
CA GLN D 326 1.10 16.10 20.39
C GLN D 326 0.21 17.33 20.27
N MET D 327 -1.10 17.10 20.09
CA MET D 327 -2.03 18.20 19.82
C MET D 327 -2.41 18.90 21.12
N HIS D 328 -2.90 18.14 22.09
CA HIS D 328 -3.45 18.73 23.31
C HIS D 328 -2.77 18.15 24.55
N PRO D 329 -1.48 18.48 24.74
CA PRO D 329 -0.75 18.03 25.92
C PRO D 329 -1.02 18.90 27.13
N LYS D 330 -1.20 18.27 28.28
CA LYS D 330 -1.31 18.99 29.55
C LYS D 330 0.08 19.41 30.02
N LEU D 331 0.36 20.70 29.89
CA LEU D 331 1.69 21.23 30.19
C LEU D 331 1.80 21.68 31.63
N VAL D 332 2.99 21.53 32.20
CA VAL D 332 3.25 21.94 33.58
C VAL D 332 4.28 23.07 33.62
N ILE D 333 3.87 24.21 34.18
CA ILE D 333 4.80 25.32 34.38
C ILE D 333 5.62 25.11 35.65
N ILE D 334 6.93 25.16 35.52
CA ILE D 334 7.82 24.83 36.63
C ILE D 334 8.80 25.96 36.92
N LEU D 335 9.23 26.04 38.18
CA LEU D 335 10.11 27.11 38.62
C LEU D 335 11.26 26.54 39.44
N LEU D 336 12.48 26.92 39.06
CA LEU D 336 13.67 26.49 39.79
C LEU D 336 13.84 27.34 41.04
N ASN D 337 13.60 26.73 42.20
CA ASN D 337 13.46 27.48 43.45
C ASN D 337 14.79 27.62 44.18
N LYS D 338 14.74 28.18 45.38
CA LYS D 338 15.94 28.52 46.13
C LYS D 338 16.72 27.28 46.54
N GLU D 339 16.01 26.16 46.66
CA GLU D 339 16.64 24.89 47.03
C GLU D 339 17.13 24.15 45.78
N ARG D 340 17.20 24.85 44.66
CA ARG D 340 17.71 24.29 43.42
C ARG D 340 16.87 23.10 42.98
N LYS D 341 15.57 23.18 43.20
CA LYS D 341 14.65 22.12 42.80
C LYS D 341 13.53 22.69 41.92
N TRP D 342 13.22 21.99 40.84
CA TRP D 342 12.09 22.35 39.99
C TRP D 342 10.78 22.05 40.70
N GLU D 343 9.92 23.05 40.79
CA GLU D 343 8.65 22.91 41.52
C GLU D 343 7.47 23.39 40.69
N ARG D 344 6.36 22.67 40.80
CA ARG D 344 5.18 22.95 39.99
C ARG D 344 4.49 24.23 40.46
N VAL D 345 4.22 25.12 39.52
CA VAL D 345 3.78 26.46 39.85
C VAL D 345 2.56 26.87 39.01
N GLY D 346 2.29 26.10 37.95
CA GLY D 346 1.11 26.33 37.14
C GLY D 346 0.86 25.21 36.14
N LYS D 347 -0.38 25.14 35.64
CA LYS D 347 -0.75 24.14 34.65
C LYS D 347 -1.35 24.80 33.41
N TRP D 348 -1.11 24.19 32.25
CA TRP D 348 -1.74 24.64 31.01
C TRP D 348 -2.69 23.57 30.47
N LYS D 349 -3.98 23.77 30.71
CA LYS D 349 -4.99 22.80 30.30
C LYS D 349 -6.21 23.51 29.72
N ASP D 350 -6.85 22.87 28.74
CA ASP D 350 -8.00 23.47 28.05
C ASP D 350 -7.63 24.87 27.55
N LYS D 351 -6.50 24.96 26.86
CA LYS D 351 -6.03 26.23 26.32
C LYS D 351 -6.20 27.36 27.33
N SER D 352 -6.04 27.02 28.61
CA SER D 352 -6.15 28.00 29.68
C SER D 352 -4.98 27.85 30.65
N LEU D 353 -4.46 28.97 31.13
CA LEU D 353 -3.36 28.96 32.09
C LEU D 353 -3.87 29.15 33.52
N GLN D 354 -3.52 28.21 34.39
CA GLN D 354 -3.85 28.33 35.80
C GLN D 354 -2.57 28.35 36.63
N MET D 355 -2.23 29.53 37.16
CA MET D 355 -1.01 29.70 37.93
C MET D 355 -1.30 29.61 39.42
N LYS D 356 -0.30 29.18 40.18
CA LYS D 356 -0.43 29.08 41.63
C LYS D 356 -0.41 30.47 42.27
N TYR D 357 0.56 31.27 41.89
CA TYR D 357 0.72 32.61 42.47
C TYR D 357 -0.02 33.66 41.65
N TYR D 358 -0.56 34.67 42.31
CA TYR D 358 -1.04 35.86 41.62
C TYR D 358 -0.13 37.06 41.89
N VAL D 359 0.74 36.92 42.88
CA VAL D 359 1.90 37.79 43.00
C VAL D 359 3.18 36.97 42.93
N TRP D 360 3.93 37.18 41.85
CA TRP D 360 5.09 36.34 41.55
C TRP D 360 6.18 36.54 42.60
N PRO D 361 6.54 35.46 43.32
CA PRO D 361 7.47 35.52 44.43
C PRO D 361 8.91 35.80 44.00
N ARG D 362 9.70 36.35 44.92
CA ARG D 362 11.09 36.70 44.63
C ARG D 362 12.00 35.50 44.90
N MET D 363 12.74 35.10 43.87
CA MET D 363 13.62 33.93 43.98
C MET D 363 15.08 34.36 44.08
C1 NAG E . -37.50 -41.20 12.58
C2 NAG E . -36.99 -42.51 12.01
C3 NAG E . -38.05 -43.18 11.12
C4 NAG E . -39.41 -43.21 11.82
C5 NAG E . -39.75 -41.85 12.41
C6 NAG E . -41.06 -41.92 13.20
C7 NAG E . -34.60 -42.78 11.65
C8 NAG E . -33.43 -42.45 10.77
N2 NAG E . -35.78 -42.30 11.25
O3 NAG E . -37.65 -44.52 10.80
O4 NAG E . -40.42 -43.59 10.86
O5 NAG E . -38.71 -41.43 13.29
O6 NAG E . -40.84 -42.57 14.45
O7 NAG E . -34.48 -43.43 12.67
C1 NAG E . -41.10 -44.76 11.32
C2 NAG E . -42.38 -44.94 10.53
C3 NAG E . -43.16 -46.16 11.02
C4 NAG E . -42.27 -47.39 11.17
C5 NAG E . -40.93 -47.06 11.82
C6 NAG E . -39.99 -48.25 11.76
C7 NAG E . -43.20 -42.79 9.72
C8 NAG E . -44.00 -41.56 10.03
N2 NAG E . -43.21 -43.74 10.64
O3 NAG E . -44.20 -46.44 10.08
O4 NAG E . -42.95 -48.35 12.00
O5 NAG E . -40.32 -45.94 11.18
O6 NAG E . -39.20 -48.32 12.95
O7 NAG E . -42.55 -42.90 8.69
C1 BMA E . -43.71 -49.24 11.17
C2 BMA E . -43.82 -50.59 11.87
C3 BMA E . -44.64 -51.56 11.03
C4 BMA E . -45.99 -50.95 10.69
C5 BMA E . -45.78 -49.58 10.05
C6 BMA E . -47.11 -48.90 9.73
O2 BMA E . -44.46 -50.43 13.15
O3 BMA E . -44.82 -52.79 11.75
O4 BMA E . -46.71 -51.80 9.79
O5 BMA E . -45.03 -48.74 10.91
O6 BMA E . -46.86 -47.55 9.31
C1 MAN E . -44.19 -53.84 11.00
C2 MAN E . -45.04 -55.10 11.10
C3 MAN E . -44.99 -55.72 12.50
C4 MAN E . -43.56 -55.82 12.99
C5 MAN E . -42.81 -54.51 12.82
C6 MAN E . -41.36 -54.64 13.26
O2 MAN E . -44.57 -56.07 10.14
O3 MAN E . -45.59 -57.01 12.48
O4 MAN E . -43.54 -56.18 14.38
O5 MAN E . -42.86 -54.11 11.45
O6 MAN E . -41.04 -53.59 14.17
C1 MAN E . -48.11 -46.94 8.93
C2 MAN E . -47.83 -45.87 7.87
C3 MAN E . -46.99 -44.75 8.46
C4 MAN E . -47.61 -44.23 9.75
C5 MAN E . -47.94 -45.38 10.70
C6 MAN E . -48.63 -44.87 11.96
O2 MAN E . -49.07 -45.34 7.38
O3 MAN E . -46.86 -43.68 7.51
O4 MAN E . -46.71 -43.32 10.39
O5 MAN E . -48.78 -46.33 10.04
O6 MAN E . -49.79 -44.11 11.61
C1 NAG F . -16.96 -39.97 15.91
C2 NAG F . -17.17 -40.21 17.40
C3 NAG F . -16.51 -41.50 17.86
C4 NAG F . -16.89 -42.67 16.96
C5 NAG F . -16.76 -42.29 15.48
C6 NAG F . -17.29 -43.41 14.59
C7 NAG F . -17.46 -38.22 18.77
C8 NAG F . -16.78 -37.07 19.45
N2 NAG F . -16.65 -39.08 18.16
O3 NAG F . -16.91 -41.79 19.20
O4 NAG F . -16.05 -43.78 17.24
O5 NAG F . -17.48 -41.10 15.20
O6 NAG F . -16.61 -43.39 13.33
O7 NAG F . -18.68 -38.35 18.76
C1 NAG G . -17.32 -49.99 -25.12
C2 NAG G . -16.52 -51.28 -24.98
C3 NAG G . -15.69 -51.50 -26.23
C4 NAG G . -16.56 -51.43 -27.48
C5 NAG G . -17.48 -50.20 -27.48
C6 NAG G . -18.47 -50.28 -28.63
C7 NAG G . -16.18 -51.61 -22.60
C8 NAG G . -15.17 -51.69 -21.49
N2 NAG G . -15.69 -51.26 -23.79
O3 NAG G . -15.03 -52.77 -26.17
O4 NAG G . -15.71 -51.38 -28.64
O5 NAG G . -18.19 -50.10 -26.24
O6 NAG G . -18.52 -49.03 -29.31
O7 NAG G . -17.37 -51.81 -22.42
NA NA H . -23.51 -30.25 -5.33
CL CL I . 0.43 -33.38 -12.73
CL CL J . -38.34 -31.91 25.45
C1 NAG K . 7.03 -26.21 -26.36
C2 NAG K . 8.21 -26.06 -25.43
C3 NAG K . 9.46 -25.61 -26.20
C4 NAG K . 9.70 -26.49 -27.42
C5 NAG K . 8.41 -26.62 -28.24
C6 NAG K . 8.63 -27.57 -29.43
C7 NAG K . 8.03 -25.43 -23.09
C8 NAG K . 7.64 -24.36 -22.11
N2 NAG K . 7.91 -25.11 -24.38
O3 NAG K . 10.60 -25.66 -25.33
O4 NAG K . 10.73 -25.93 -28.22
O5 NAG K . 7.36 -27.12 -27.42
O6 NAG K . 7.47 -28.38 -29.60
O7 NAG K . 8.45 -26.53 -22.73
C01 T88 L . -9.63 -24.75 -12.06
C02 T88 L . -9.68 -23.49 -11.51
C03 T88 L . -10.73 -22.64 -11.85
C04 T88 L . -11.69 -23.05 -12.76
C05 T88 L . -11.60 -24.30 -13.33
C06 T88 L . -10.61 -25.19 -12.93
C07 T88 L . -12.80 -24.84 -14.12
C08 T88 L . -13.85 -25.42 -13.19
N09 T88 L . -14.81 -24.40 -12.82
C10 T88 L . -14.27 -23.52 -11.81
C11 T88 L . -15.32 -22.46 -11.45
C12 T88 L . -14.70 -21.22 -10.77
C13 T88 L . -15.76 -20.15 -10.50
C14 T88 L . -16.01 -25.03 -12.29
C15 T88 L . -17.23 -24.39 -12.94
C16 T88 L . -17.55 -25.15 -14.22
O17 T88 L . -18.05 -24.23 -15.15
C18 T88 L . -19.26 -24.65 -15.70
C19 T88 L . -19.27 -25.23 -16.96
C20 T88 L . -20.42 -25.80 -17.44
C21 T88 L . -21.56 -25.84 -16.65
C22 T88 L . -21.49 -25.43 -15.33
C23 T88 L . -20.35 -24.84 -14.85
N24 T88 L . -22.77 -26.46 -17.15
S25 T88 L . -23.39 -27.86 -16.40
C26 T88 L . -23.45 -27.64 -14.59
O27 T88 L . -22.59 -29.04 -16.75
O28 T88 L . -24.69 -28.23 -16.94
O29 T88 L . -16.95 -23.06 -13.25
CL1 T88 L . -8.39 -22.94 -10.42
CL2 T88 L . -8.25 -25.81 -11.66
CL CL M . -17.47 -14.59 -24.53
CL CL N . 4.50 -25.26 -21.50
CL CL O . -10.36 -17.47 -5.93
CL CL P . -15.15 -25.61 -24.52
C1 NAG Q . 40.31 18.71 -13.37
C2 NAG Q . 40.87 19.14 -14.72
C3 NAG Q . 42.24 18.53 -14.97
C4 NAG Q . 43.15 18.65 -13.76
C5 NAG Q . 42.43 18.20 -12.49
C6 NAG Q . 43.31 18.34 -11.26
C8 NAG Q . 38.40 19.20 -17.34
N2 NAG Q . 39.95 18.77 -15.78
O3 NAG Q . 42.85 19.18 -16.10
O4 NAG Q . 44.33 17.86 -13.95
O5 NAG Q . 41.25 18.99 -12.34
O6 NAG Q . 43.63 19.73 -11.04
O7 NAG Q . 39.60 20.79 -16.54
C1 NAG R . 39.61 40.27 -11.68
C2 NAG R . 40.97 40.10 -11.04
C3 NAG R . 41.55 41.46 -10.67
C4 NAG R . 41.74 42.31 -11.91
C5 NAG R . 40.55 42.18 -12.86
C6 NAG R . 40.94 41.38 -14.11
C7 NAG R . 41.15 37.95 -9.92
C8 NAG R . 40.94 37.19 -8.64
N2 NAG R . 40.88 39.26 -9.87
O3 NAG R . 42.82 41.28 -10.01
O4 NAG R . 41.90 43.68 -11.53
O5 NAG R . 39.41 41.58 -12.23
O6 NAG R . 40.72 42.19 -15.27
O7 NAG R . 41.52 37.41 -10.94
NA NA S . 28.09 26.30 6.22
CL CL T . 32.10 3.09 15.72
CL CL U . 24.23 19.79 -6.40
C01 T88 V . 23.13 12.04 13.34
C02 T88 V . 22.03 11.92 12.51
C03 T88 V . 21.02 12.87 12.55
C04 T88 V . 21.07 13.90 13.48
C05 T88 V . 22.17 14.02 14.31
C06 T88 V . 23.20 13.10 14.25
C07 T88 V . 22.23 15.14 15.35
C08 T88 V . 22.93 16.38 14.81
N09 T88 V . 22.00 17.18 14.03
C10 T88 V . 21.87 16.63 12.69
C11 T88 V . 20.40 16.48 12.31
C12 T88 V . 19.87 17.69 11.55
C13 T88 V . 18.51 17.44 10.91
C14 T88 V . 22.48 18.55 13.94
C15 T88 V . 21.38 19.45 13.40
C16 T88 V . 21.58 20.87 13.93
O17 T88 V . 21.41 20.84 15.32
C18 T88 V . 21.73 22.05 15.94
C19 T88 V . 22.23 22.04 17.24
C20 T88 V . 22.60 23.24 17.84
C21 T88 V . 22.45 24.43 17.15
C22 T88 V . 22.05 24.42 15.83
C23 T88 V . 21.70 23.23 15.22
N24 T88 V . 22.97 25.65 17.73
S25 T88 V . 24.31 26.42 17.02
C26 T88 V . 24.24 26.28 15.21
O27 T88 V . 24.41 27.82 17.44
O28 T88 V . 25.57 25.87 17.55
O29 T88 V . 20.14 18.97 13.83
CL1 T88 V . 21.95 10.58 11.34
CL2 T88 V . 24.46 10.86 13.24
CL CL W . 10.67 20.50 23.93
CL CL X . 23.37 -0.78 23.45
CL CL Y . 0.44 34.80 45.70
#